data_1TUE
#
_entry.id   1TUE
#
_cell.length_a   82.297
_cell.length_b   88.745
_cell.length_c   375.027
_cell.angle_alpha   90.00
_cell.angle_beta   90.00
_cell.angle_gamma   90.00
#
_symmetry.space_group_name_H-M   'P 21 21 21'
#
loop_
_entity.id
_entity.type
_entity.pdbx_description
1 polymer 'Replication protein E1'
2 polymer 'Regulatory protein E2'
3 water water
#
loop_
_entity_poly.entity_id
_entity_poly.type
_entity_poly.pdbx_seq_one_letter_code
_entity_poly.pdbx_strand_id
1 'polypeptide(L)'
;GSEFGSGSNMSQWIRFRCSKIDEGGDWRPIVQFLRYQQIEFITFLGALKSFLKGTPKKNCLVFCGPANTGKSYFGMSFIH
FIQGAVISFVNSTSHFWLEPLTDTKVAMLDDATTTCWTYFDTYMRNALDGNPISIDRKHKPLIQLKCPPILLTTNIHPAK
DNRWPYLESRITVFEFPNAFPFDKNGNPVYEINDKNWKCFFERTWSRLDLHE
;
A,D,F,H,K,M
2 'polypeptide(L)'
;GSHMQTPKETLSERLSALQDKIIDHYENDSKDIDSQIQYWQLIRWENAIFFAAREHGIQTLNHQVVPAYNISKSKAHKAI
ELQMALQGLAQSAYKTEDWTLQDTCEELWNTEPTHCFKKGGQTVQVYFDGNKDNCMTYVAWDSVYYMTDAGTWDKTATCV
SHRGLYYVKEGYNTFYIEFKSECEKYGNTGTWEVHFGNNVIDCNDSMCSTSDDTVSAT
;
B,E,G,J,L,Q
#
# COMPACT_ATOMS: atom_id res chain seq x y z
N SER A 6 -4.01 -21.89 -6.60
CA SER A 6 -2.96 -22.28 -5.61
C SER A 6 -3.39 -21.95 -4.19
N GLY A 7 -4.10 -20.83 -4.03
CA GLY A 7 -4.48 -20.37 -2.70
C GLY A 7 -3.56 -19.28 -2.16
N SER A 8 -2.25 -19.37 -2.45
CA SER A 8 -1.31 -18.32 -2.06
C SER A 8 -1.64 -17.04 -2.80
N ASN A 9 -1.33 -15.89 -2.21
CA ASN A 9 -1.50 -14.65 -2.94
C ASN A 9 -0.42 -14.48 -4.03
N MET A 10 -0.55 -13.45 -4.83
CA MET A 10 0.39 -13.20 -5.94
C MET A 10 1.83 -13.00 -5.45
N SER A 11 2.01 -12.22 -4.38
CA SER A 11 3.35 -11.97 -3.85
C SER A 11 4.05 -13.26 -3.44
N GLN A 12 3.34 -14.08 -2.66
CA GLN A 12 3.85 -15.37 -2.19
C GLN A 12 4.19 -16.28 -3.34
N TRP A 13 3.29 -16.31 -4.33
CA TRP A 13 3.47 -17.15 -5.51
C TRP A 13 4.73 -16.78 -6.30
N ILE A 14 4.87 -15.49 -6.64
CA ILE A 14 6.04 -15.06 -7.42
C ILE A 14 7.34 -15.25 -6.65
N ARG A 15 7.34 -14.86 -5.37
CA ARG A 15 8.48 -15.12 -4.48
C ARG A 15 8.83 -16.61 -4.53
N PHE A 16 7.82 -17.48 -4.43
CA PHE A 16 8.05 -18.91 -4.51
C PHE A 16 8.59 -19.35 -5.87
N ARG A 17 8.01 -18.83 -6.94
CA ARG A 17 8.50 -19.14 -8.27
C ARG A 17 9.95 -18.73 -8.46
N CYS A 18 10.31 -17.54 -7.97
CA CYS A 18 11.70 -17.09 -7.98
C CYS A 18 12.65 -18.04 -7.20
N SER A 19 12.16 -18.66 -6.12
CA SER A 19 12.88 -19.69 -5.32
C SER A 19 13.35 -20.86 -6.15
N LYS A 20 12.53 -21.23 -7.13
CA LYS A 20 12.72 -22.42 -7.92
C LYS A 20 13.55 -22.13 -9.17
N ILE A 21 13.86 -20.85 -9.38
CA ILE A 21 14.58 -20.44 -10.57
C ILE A 21 16.02 -20.11 -10.23
N ASP A 22 16.92 -20.52 -11.12
CA ASP A 22 18.35 -20.27 -10.98
C ASP A 22 18.72 -18.81 -10.90
N GLU A 23 19.77 -18.56 -10.12
CA GLU A 23 20.41 -17.27 -10.03
C GLU A 23 21.13 -16.95 -11.34
N GLY A 24 21.52 -15.68 -11.49
CA GLY A 24 22.36 -15.27 -12.62
C GLY A 24 21.67 -14.76 -13.88
N GLY A 25 20.36 -14.54 -13.83
CA GLY A 25 19.66 -13.98 -14.98
C GLY A 25 20.00 -12.52 -15.18
N ASP A 26 19.27 -11.87 -16.08
CA ASP A 26 19.46 -10.46 -16.32
C ASP A 26 18.12 -9.87 -16.73
N TRP A 27 17.66 -8.84 -16.02
CA TRP A 27 16.39 -8.23 -16.36
C TRP A 27 16.50 -7.37 -17.62
N ARG A 28 17.72 -7.00 -18.00
CA ARG A 28 17.94 -6.02 -19.07
C ARG A 28 17.34 -6.36 -20.44
N PRO A 29 17.48 -7.60 -20.92
CA PRO A 29 16.87 -7.97 -22.20
C PRO A 29 15.35 -7.73 -22.24
N ILE A 30 14.68 -7.91 -21.11
CA ILE A 30 13.25 -7.64 -21.05
C ILE A 30 12.98 -6.14 -21.26
N VAL A 31 13.69 -5.29 -20.50
CA VAL A 31 13.50 -3.85 -20.59
C VAL A 31 13.88 -3.38 -21.99
N GLN A 32 15.00 -3.89 -22.49
CA GLN A 32 15.52 -3.48 -23.78
C GLN A 32 14.55 -3.90 -24.90
N PHE A 33 13.94 -5.08 -24.76
CA PHE A 33 12.98 -5.57 -25.75
C PHE A 33 11.73 -4.67 -25.78
N LEU A 34 11.24 -4.30 -24.61
CA LEU A 34 10.12 -3.37 -24.54
C LEU A 34 10.43 -2.04 -25.23
N ARG A 35 11.60 -1.45 -24.92
CA ARG A 35 11.99 -0.16 -25.54
C ARG A 35 12.26 -0.34 -27.03
N TYR A 36 12.81 -1.49 -27.41
CA TYR A 36 12.93 -1.84 -28.83
C TYR A 36 11.56 -1.81 -29.54
N GLN A 37 10.53 -2.28 -28.85
CA GLN A 37 9.15 -2.26 -29.38
C GLN A 37 8.45 -0.91 -29.16
N GLN A 38 9.23 0.11 -28.81
CA GLN A 38 8.72 1.48 -28.59
C GLN A 38 7.71 1.57 -27.43
N ILE A 39 7.91 0.74 -26.42
CA ILE A 39 7.05 0.73 -25.24
C ILE A 39 7.81 1.45 -24.12
N GLU A 40 7.13 2.34 -23.42
CA GLU A 40 7.73 3.03 -22.28
C GLU A 40 7.74 2.09 -21.08
N PHE A 41 8.94 1.91 -20.51
CA PHE A 41 9.12 1.09 -19.31
C PHE A 41 8.13 1.41 -18.19
N ILE A 42 8.07 2.68 -17.79
CA ILE A 42 7.24 3.05 -16.64
C ILE A 42 5.77 2.76 -16.92
N THR A 43 5.31 3.06 -18.14
CA THR A 43 3.95 2.74 -18.56
C THR A 43 3.67 1.24 -18.46
N PHE A 44 4.57 0.42 -19.00
CA PHE A 44 4.42 -1.04 -18.92
C PHE A 44 4.35 -1.55 -17.49
N LEU A 45 5.26 -1.05 -16.64
CA LEU A 45 5.33 -1.51 -15.25
C LEU A 45 4.05 -1.13 -14.50
N GLY A 46 3.54 0.08 -14.75
CA GLY A 46 2.25 0.46 -14.19
C GLY A 46 1.15 -0.49 -14.64
N ALA A 47 1.15 -0.83 -15.93
CA ALA A 47 0.12 -1.75 -16.45
C ALA A 47 0.25 -3.13 -15.81
N LEU A 48 1.48 -3.60 -15.64
CA LEU A 48 1.73 -4.93 -15.09
C LEU A 48 1.32 -5.01 -13.60
N LYS A 49 1.54 -3.91 -12.88
CA LYS A 49 1.15 -3.81 -11.47
C LYS A 49 -0.37 -3.99 -11.35
N SER A 50 -1.13 -3.21 -12.10
CA SER A 50 -2.60 -3.33 -12.06
C SER A 50 -3.07 -4.73 -12.49
N PHE A 51 -2.42 -5.28 -13.50
CA PHE A 51 -2.71 -6.62 -14.04
C PHE A 51 -2.57 -7.74 -12.98
N LEU A 52 -1.45 -7.77 -12.27
CA LEU A 52 -1.20 -8.80 -11.26
C LEU A 52 -2.08 -8.67 -10.02
N LYS A 53 -2.55 -7.46 -9.74
CA LYS A 53 -3.54 -7.21 -8.67
C LYS A 53 -4.96 -7.66 -9.04
N GLY A 54 -5.21 -7.83 -10.34
CA GLY A 54 -6.56 -8.15 -10.81
C GLY A 54 -7.53 -6.98 -10.71
N THR A 55 -7.01 -5.76 -10.91
CA THR A 55 -7.78 -4.53 -10.83
C THR A 55 -8.91 -4.48 -11.86
N PRO A 56 -10.15 -4.23 -11.41
CA PRO A 56 -11.28 -4.02 -12.33
C PRO A 56 -10.93 -3.14 -13.51
N LYS A 57 -11.26 -3.63 -14.71
CA LYS A 57 -10.99 -2.92 -15.98
C LYS A 57 -9.51 -2.94 -16.37
N LYS A 58 -8.68 -3.55 -15.52
CA LYS A 58 -7.25 -3.70 -15.79
C LYS A 58 -6.81 -5.17 -15.68
N ASN A 59 -7.79 -6.08 -15.77
CA ASN A 59 -7.56 -7.52 -15.60
C ASN A 59 -7.14 -8.24 -16.90
N CYS A 60 -7.26 -7.56 -18.04
CA CYS A 60 -6.81 -8.12 -19.31
C CYS A 60 -5.73 -7.21 -19.91
N LEU A 61 -4.57 -7.81 -20.15
CA LEU A 61 -3.46 -7.17 -20.86
C LEU A 61 -3.37 -7.76 -22.26
N VAL A 62 -3.13 -6.90 -23.25
CA VAL A 62 -3.08 -7.33 -24.65
C VAL A 62 -1.80 -6.90 -25.33
N PHE A 63 -1.13 -7.87 -25.96
CA PHE A 63 0.03 -7.60 -26.81
C PHE A 63 -0.41 -7.76 -28.27
N CYS A 64 -0.35 -6.66 -29.03
CA CYS A 64 -0.88 -6.64 -30.39
C CYS A 64 0.18 -6.36 -31.44
N GLY A 65 0.26 -7.24 -32.43
CA GLY A 65 1.15 -7.06 -33.58
C GLY A 65 1.37 -8.35 -34.35
N PRO A 66 2.04 -8.27 -35.51
CA PRO A 66 2.32 -9.45 -36.33
C PRO A 66 3.09 -10.52 -35.58
N ALA A 67 2.88 -11.77 -35.98
CA ALA A 67 3.56 -12.91 -35.37
C ALA A 67 5.08 -12.76 -35.33
N ASN A 68 5.64 -12.12 -36.35
CA ASN A 68 7.10 -11.97 -36.42
C ASN A 68 7.71 -11.01 -35.39
N THR A 69 6.86 -10.30 -34.65
CA THR A 69 7.36 -9.41 -33.60
C THR A 69 7.89 -10.16 -32.39
N GLY A 70 7.51 -11.43 -32.27
CA GLY A 70 7.82 -12.21 -31.08
C GLY A 70 6.98 -11.89 -29.84
N LYS A 71 5.85 -11.21 -30.03
CA LYS A 71 4.89 -10.89 -28.94
C LYS A 71 4.45 -12.13 -28.18
N SER A 72 4.27 -13.23 -28.92
CA SER A 72 3.81 -14.49 -28.34
C SER A 72 4.91 -15.23 -27.60
N TYR A 73 6.14 -15.16 -28.10
CA TYR A 73 7.31 -15.65 -27.36
C TYR A 73 7.48 -14.91 -26.04
N PHE A 74 7.34 -13.59 -26.09
CA PHE A 74 7.50 -12.72 -24.93
C PHE A 74 6.39 -13.02 -23.92
N GLY A 75 5.15 -13.03 -24.41
CA GLY A 75 4.01 -13.34 -23.57
C GLY A 75 4.09 -14.74 -22.96
N MET A 76 4.42 -15.73 -23.78
CA MET A 76 4.53 -17.12 -23.28
C MET A 76 5.66 -17.29 -22.27
N SER A 77 6.72 -16.50 -22.40
CA SER A 77 7.82 -16.56 -21.43
C SER A 77 7.33 -16.14 -20.05
N PHE A 78 6.43 -15.15 -20.01
CA PHE A 78 5.88 -14.71 -18.75
C PHE A 78 5.02 -15.83 -18.12
N ILE A 79 4.20 -16.48 -18.94
CA ILE A 79 3.35 -17.57 -18.53
C ILE A 79 4.16 -18.73 -17.97
N HIS A 80 5.29 -19.03 -18.63
CA HIS A 80 6.17 -20.08 -18.20
C HIS A 80 6.76 -19.71 -16.84
N PHE A 81 7.26 -18.48 -16.73
CA PHE A 81 7.76 -17.98 -15.45
C PHE A 81 6.75 -18.15 -14.30
N ILE A 82 5.53 -17.66 -14.51
CA ILE A 82 4.53 -17.66 -13.44
C ILE A 82 3.78 -19.00 -13.31
N GLN A 83 4.06 -19.92 -14.23
CA GLN A 83 3.33 -21.19 -14.38
C GLN A 83 1.82 -20.97 -14.53
N GLY A 84 1.47 -20.10 -15.47
CA GLY A 84 0.07 -19.85 -15.78
C GLY A 84 -0.48 -20.88 -16.74
N ALA A 85 -1.74 -20.70 -17.14
CA ALA A 85 -2.43 -21.63 -18.02
C ALA A 85 -2.75 -20.99 -19.36
N VAL A 86 -2.68 -21.79 -20.41
CA VAL A 86 -3.10 -21.35 -21.73
C VAL A 86 -4.53 -21.88 -21.95
N ILE A 87 -5.41 -20.99 -22.39
CA ILE A 87 -6.78 -21.38 -22.74
C ILE A 87 -6.91 -21.33 -24.25
N SER A 88 -7.76 -22.19 -24.79
CA SER A 88 -7.97 -22.29 -26.22
C SER A 88 -9.39 -21.87 -26.57
N PHE A 89 -9.52 -20.80 -27.35
CA PHE A 89 -10.82 -20.22 -27.66
C PHE A 89 -11.66 -21.15 -28.52
N VAL A 90 -12.92 -21.34 -28.11
CA VAL A 90 -13.93 -21.98 -28.95
C VAL A 90 -15.10 -21.00 -29.01
N ASN A 91 -15.49 -20.61 -30.21
CA ASN A 91 -16.67 -19.76 -30.39
C ASN A 91 -17.93 -20.49 -29.97
N SER A 92 -18.55 -19.95 -28.92
CA SER A 92 -19.70 -20.52 -28.23
C SER A 92 -20.42 -19.35 -27.53
N THR A 93 -21.52 -19.67 -26.85
CA THR A 93 -22.19 -18.69 -25.98
C THR A 93 -22.03 -19.17 -24.55
N SER A 94 -21.18 -20.19 -24.40
CA SER A 94 -20.90 -20.89 -23.14
C SER A 94 -19.46 -20.60 -22.67
N HIS A 95 -19.20 -20.81 -21.39
CA HIS A 95 -17.88 -20.52 -20.78
C HIS A 95 -17.06 -21.78 -20.56
N PHE A 96 -17.53 -22.89 -21.10
CA PHE A 96 -16.94 -24.22 -20.85
C PHE A 96 -15.44 -24.27 -21.16
N TRP A 97 -14.99 -23.53 -22.18
CA TRP A 97 -13.58 -23.55 -22.60
C TRP A 97 -12.63 -22.80 -21.64
N LEU A 98 -13.20 -22.19 -20.62
CA LEU A 98 -12.43 -21.48 -19.61
C LEU A 98 -11.94 -22.38 -18.47
N GLU A 99 -12.19 -23.68 -18.60
CA GLU A 99 -11.78 -24.64 -17.56
C GLU A 99 -10.32 -24.54 -17.10
N PRO A 100 -9.36 -24.50 -18.03
CA PRO A 100 -7.95 -24.43 -17.64
C PRO A 100 -7.57 -23.26 -16.73
N LEU A 101 -8.35 -22.19 -16.71
CA LEU A 101 -7.98 -21.05 -15.90
C LEU A 101 -8.60 -21.03 -14.49
N THR A 102 -9.43 -22.02 -14.19
CA THR A 102 -10.12 -22.16 -12.89
C THR A 102 -9.16 -22.06 -11.72
N ASP A 103 -8.02 -22.73 -11.88
CA ASP A 103 -7.03 -22.91 -10.82
C ASP A 103 -5.65 -22.33 -11.18
N THR A 104 -5.60 -21.24 -11.95
CA THR A 104 -4.30 -20.69 -12.33
C THR A 104 -4.10 -19.28 -11.78
N LYS A 105 -2.83 -18.84 -11.74
CA LYS A 105 -2.53 -17.47 -11.29
C LYS A 105 -2.77 -16.43 -12.38
N VAL A 106 -2.45 -16.81 -13.63
CA VAL A 106 -2.57 -15.93 -14.79
C VAL A 106 -2.91 -16.82 -15.96
N ALA A 107 -3.86 -16.41 -16.80
CA ALA A 107 -4.13 -17.16 -18.03
C ALA A 107 -3.61 -16.44 -19.27
N MET A 108 -3.36 -17.21 -20.33
CA MET A 108 -2.98 -16.67 -21.63
C MET A 108 -3.85 -17.25 -22.74
N LEU A 109 -4.29 -16.36 -23.63
CA LEU A 109 -4.96 -16.76 -24.87
C LEU A 109 -4.10 -16.19 -25.98
N ASP A 110 -3.56 -17.08 -26.81
CA ASP A 110 -2.61 -16.70 -27.86
C ASP A 110 -3.36 -16.51 -29.17
N ASP A 111 -3.13 -15.38 -29.83
CA ASP A 111 -3.67 -15.07 -31.16
C ASP A 111 -5.20 -14.97 -31.20
N ALA A 112 -5.75 -14.10 -30.35
CA ALA A 112 -7.18 -13.83 -30.34
C ALA A 112 -7.63 -13.32 -31.71
N THR A 113 -8.68 -13.91 -32.23
CA THR A 113 -9.24 -13.51 -33.51
C THR A 113 -10.28 -12.41 -33.33
N THR A 114 -10.77 -11.88 -34.44
CA THR A 114 -11.92 -10.98 -34.44
C THR A 114 -13.10 -11.57 -33.69
N THR A 115 -13.34 -12.86 -33.95
CA THR A 115 -14.41 -13.62 -33.30
C THR A 115 -14.21 -13.74 -31.78
N CYS A 116 -12.95 -13.91 -31.38
CA CYS A 116 -12.62 -13.94 -29.96
C CYS A 116 -12.98 -12.61 -29.27
N TRP A 117 -12.63 -11.49 -29.91
CA TRP A 117 -12.93 -10.16 -29.33
C TRP A 117 -14.42 -9.90 -29.24
N THR A 118 -15.16 -10.36 -30.25
CA THR A 118 -16.62 -10.29 -30.20
C THR A 118 -17.13 -11.08 -29.00
N TYR A 119 -16.61 -12.29 -28.83
CA TYR A 119 -16.96 -13.10 -27.67
C TYR A 119 -16.67 -12.38 -26.35
N PHE A 120 -15.47 -11.82 -26.22
CA PHE A 120 -15.09 -11.08 -25.01
C PHE A 120 -16.03 -9.88 -24.74
N ASP A 121 -16.31 -9.10 -25.78
CA ASP A 121 -17.18 -7.92 -25.65
C ASP A 121 -18.58 -8.27 -25.09
N THR A 122 -19.11 -9.44 -25.45
CA THR A 122 -20.40 -9.92 -24.98
C THR A 122 -20.34 -10.81 -23.74
N TYR A 123 -19.41 -11.76 -23.75
CA TYR A 123 -19.45 -12.84 -22.78
C TYR A 123 -18.36 -12.80 -21.72
N MET A 124 -17.44 -11.86 -21.83
CA MET A 124 -16.41 -11.79 -20.80
C MET A 124 -16.45 -10.51 -19.97
N ARG A 125 -17.63 -9.90 -19.88
CA ARG A 125 -17.80 -8.62 -19.17
C ARG A 125 -17.48 -8.70 -17.69
N ASN A 126 -18.03 -9.73 -17.01
CA ASN A 126 -17.73 -9.95 -15.60
C ASN A 126 -16.24 -10.15 -15.34
N ALA A 127 -15.58 -10.90 -16.22
CA ALA A 127 -14.14 -11.08 -16.17
C ALA A 127 -13.34 -9.77 -16.41
N LEU A 128 -13.81 -8.97 -17.36
CA LEU A 128 -13.19 -7.66 -17.65
C LEU A 128 -13.34 -6.70 -16.46
N ASP A 129 -14.40 -6.88 -15.68
CA ASP A 129 -14.74 -6.02 -14.54
C ASP A 129 -14.19 -6.51 -13.20
N GLY A 130 -13.66 -7.73 -13.19
CA GLY A 130 -13.16 -8.34 -11.96
C GLY A 130 -14.25 -8.88 -11.07
N ASN A 131 -15.39 -9.20 -11.68
CA ASN A 131 -16.48 -9.90 -11.00
C ASN A 131 -16.42 -11.38 -11.35
N PRO A 132 -16.89 -12.26 -10.47
CA PRO A 132 -16.89 -13.69 -10.76
C PRO A 132 -17.74 -14.06 -11.96
N ILE A 133 -17.31 -15.12 -12.65
CA ILE A 133 -18.04 -15.70 -13.77
C ILE A 133 -18.47 -17.12 -13.42
N SER A 134 -19.38 -17.68 -14.19
CA SER A 134 -19.81 -19.06 -13.98
C SER A 134 -19.41 -19.98 -15.13
N ILE A 135 -18.91 -21.16 -14.78
CA ILE A 135 -18.66 -22.25 -15.72
C ILE A 135 -19.45 -23.48 -15.24
N ASP A 136 -20.19 -24.11 -16.14
CA ASP A 136 -20.87 -25.38 -15.86
C ASP A 136 -21.39 -26.05 -17.14
N PRO A 141 -25.28 -27.74 -12.26
CA PRO A 141 -25.02 -26.85 -11.14
C PRO A 141 -24.05 -25.70 -11.49
N LEU A 142 -24.54 -24.48 -11.41
CA LEU A 142 -23.83 -23.27 -11.81
C LEU A 142 -22.85 -22.80 -10.72
N ILE A 143 -21.55 -22.96 -10.98
CA ILE A 143 -20.51 -22.57 -10.02
C ILE A 143 -19.88 -21.23 -10.41
N GLN A 144 -19.81 -20.31 -9.44
CA GLN A 144 -19.12 -19.03 -9.63
C GLN A 144 -17.61 -19.15 -9.43
N LEU A 145 -16.86 -18.39 -10.22
CA LEU A 145 -15.40 -18.45 -10.21
C LEU A 145 -14.81 -17.07 -10.47
N LYS A 146 -13.84 -16.68 -9.65
CA LYS A 146 -13.10 -15.45 -9.91
C LYS A 146 -12.09 -15.70 -11.02
N CYS A 147 -12.19 -14.89 -12.06
CA CYS A 147 -11.32 -14.98 -13.22
C CYS A 147 -9.94 -14.44 -12.88
N PRO A 148 -8.87 -15.19 -13.16
CA PRO A 148 -7.52 -14.68 -12.96
C PRO A 148 -7.23 -13.63 -14.03
N PRO A 149 -6.17 -12.85 -13.87
CA PRO A 149 -5.70 -11.97 -14.94
C PRO A 149 -5.51 -12.76 -16.25
N ILE A 150 -5.91 -12.17 -17.37
CA ILE A 150 -5.75 -12.81 -18.69
C ILE A 150 -4.89 -11.98 -19.59
N LEU A 151 -3.77 -12.57 -20.02
CA LEU A 151 -2.93 -11.99 -21.05
C LEU A 151 -3.42 -12.51 -22.39
N LEU A 152 -3.66 -11.62 -23.35
CA LEU A 152 -3.95 -12.03 -24.72
C LEU A 152 -2.92 -11.49 -25.69
N THR A 153 -2.57 -12.28 -26.69
CA THR A 153 -1.83 -11.76 -27.82
C THR A 153 -2.77 -11.75 -29.02
N THR A 154 -2.50 -10.89 -29.99
CA THR A 154 -3.41 -10.76 -31.13
C THR A 154 -2.72 -9.94 -32.23
N ASN A 155 -3.28 -10.02 -33.44
CA ASN A 155 -2.93 -9.06 -34.48
C ASN A 155 -4.18 -8.31 -34.93
N ILE A 156 -5.23 -8.42 -34.11
CA ILE A 156 -6.47 -7.64 -34.28
C ILE A 156 -6.60 -6.71 -33.10
N HIS A 157 -6.36 -5.41 -33.33
CA HIS A 157 -6.39 -4.43 -32.25
C HIS A 157 -7.84 -4.26 -31.80
N PRO A 158 -8.11 -4.54 -30.52
CA PRO A 158 -9.48 -4.54 -30.01
C PRO A 158 -10.02 -3.17 -29.59
N ALA A 159 -9.22 -2.12 -29.78
CA ALA A 159 -9.59 -0.77 -29.34
C ALA A 159 -9.07 0.30 -30.29
N LYS A 160 -9.23 0.07 -31.60
CA LYS A 160 -8.91 1.06 -32.64
C LYS A 160 -10.14 1.52 -33.41
N ASP A 161 -11.07 0.59 -33.64
CA ASP A 161 -12.14 0.85 -34.61
C ASP A 161 -13.53 0.86 -33.99
N ASN A 162 -13.59 0.81 -32.65
CA ASN A 162 -14.83 1.00 -31.88
C ASN A 162 -15.89 -0.09 -32.06
N ARG A 163 -15.49 -1.20 -32.66
CA ARG A 163 -16.36 -2.35 -32.87
C ARG A 163 -16.81 -2.98 -31.56
N TRP A 164 -16.00 -2.87 -30.52
CA TRP A 164 -16.29 -3.55 -29.25
C TRP A 164 -16.32 -2.58 -28.07
N PRO A 165 -17.44 -1.87 -27.91
CA PRO A 165 -17.53 -0.73 -27.00
C PRO A 165 -17.32 -1.11 -25.54
N TYR A 166 -17.78 -2.29 -25.13
CA TYR A 166 -17.63 -2.70 -23.73
C TYR A 166 -16.19 -3.08 -23.43
N LEU A 167 -15.61 -3.86 -24.34
CA LEU A 167 -14.24 -4.34 -24.24
C LEU A 167 -13.27 -3.18 -24.27
N GLU A 168 -13.56 -2.23 -25.15
CA GLU A 168 -12.69 -1.11 -25.49
C GLU A 168 -12.19 -0.31 -24.29
N SER A 169 -13.03 -0.13 -23.28
CA SER A 169 -12.68 0.66 -22.11
C SER A 169 -12.11 -0.19 -20.96
N ARG A 170 -12.00 -1.50 -21.17
CA ARG A 170 -11.60 -2.44 -20.09
C ARG A 170 -10.41 -3.36 -20.41
N ILE A 171 -9.62 -2.98 -21.39
CA ILE A 171 -8.38 -3.70 -21.72
C ILE A 171 -7.24 -2.72 -21.86
N THR A 172 -6.03 -3.21 -21.66
CA THR A 172 -4.84 -2.43 -21.89
C THR A 172 -4.07 -3.09 -23.03
N VAL A 173 -3.71 -2.30 -24.03
CA VAL A 173 -3.06 -2.84 -25.22
C VAL A 173 -1.69 -2.22 -25.42
N PHE A 174 -0.69 -3.09 -25.56
CA PHE A 174 0.64 -2.67 -25.97
C PHE A 174 0.87 -3.14 -27.40
N GLU A 175 1.31 -2.23 -28.26
CA GLU A 175 1.58 -2.57 -29.65
C GLU A 175 3.04 -2.92 -29.84
N PHE A 176 3.27 -3.95 -30.66
CA PHE A 176 4.59 -4.41 -31.01
C PHE A 176 4.78 -4.18 -32.52
N PRO A 177 5.41 -3.07 -32.90
CA PRO A 177 5.56 -2.73 -34.33
C PRO A 177 6.76 -3.38 -35.02
N ASN A 178 7.74 -3.87 -34.26
CA ASN A 178 8.98 -4.27 -34.88
C ASN A 178 9.23 -5.77 -34.85
N ALA A 179 9.86 -6.29 -35.92
CA ALA A 179 10.18 -7.72 -36.00
C ALA A 179 11.15 -8.13 -34.90
N PHE A 180 11.00 -9.36 -34.38
CA PHE A 180 11.89 -9.86 -33.34
C PHE A 180 13.32 -9.80 -33.89
N PRO A 181 14.23 -9.09 -33.22
CA PRO A 181 15.56 -8.87 -33.77
C PRO A 181 16.56 -10.01 -33.53
N PHE A 182 17.35 -10.29 -34.55
CA PHE A 182 18.42 -11.30 -34.52
C PHE A 182 19.75 -10.65 -34.92
N ASP A 183 20.86 -11.17 -34.39
CA ASP A 183 22.16 -10.62 -34.72
C ASP A 183 22.74 -11.29 -35.98
N LYS A 184 23.98 -10.92 -36.34
CA LYS A 184 24.59 -11.40 -37.59
C LYS A 184 24.79 -12.93 -37.68
N ASN A 185 24.76 -13.60 -36.54
CA ASN A 185 24.90 -15.06 -36.47
C ASN A 185 23.57 -15.80 -36.37
N GLY A 186 22.47 -15.06 -36.46
CA GLY A 186 21.14 -15.65 -36.33
C GLY A 186 20.72 -15.89 -34.89
N ASN A 187 21.49 -15.35 -33.93
CA ASN A 187 21.14 -15.44 -32.51
C ASN A 187 20.23 -14.27 -32.13
N PRO A 188 19.20 -14.52 -31.32
CA PRO A 188 18.30 -13.47 -30.86
C PRO A 188 19.06 -12.38 -30.10
N VAL A 189 18.75 -11.13 -30.38
CA VAL A 189 19.37 -10.04 -29.64
C VAL A 189 18.93 -10.08 -28.17
N TYR A 190 17.68 -10.43 -27.93
CA TYR A 190 17.12 -10.47 -26.58
C TYR A 190 16.52 -11.83 -26.28
N GLU A 191 17.02 -12.48 -25.25
CA GLU A 191 16.43 -13.73 -24.78
C GLU A 191 15.67 -13.47 -23.49
N ILE A 192 14.44 -13.99 -23.45
CA ILE A 192 13.52 -13.80 -22.35
C ILE A 192 13.09 -15.18 -21.83
N ASN A 193 13.52 -15.47 -20.60
CA ASN A 193 13.33 -16.79 -20.01
C ASN A 193 13.08 -16.64 -18.51
N ASP A 194 12.92 -17.77 -17.80
CA ASP A 194 12.61 -17.75 -16.38
C ASP A 194 13.61 -16.90 -15.56
N LYS A 195 14.89 -17.05 -15.82
CA LYS A 195 15.89 -16.34 -15.03
C LYS A 195 15.82 -14.83 -15.23
N ASN A 196 15.50 -14.39 -16.45
CA ASN A 196 15.41 -12.96 -16.71
C ASN A 196 14.17 -12.36 -16.06
N TRP A 197 13.06 -13.11 -16.09
CA TRP A 197 11.84 -12.72 -15.39
C TRP A 197 12.04 -12.67 -13.86
N LYS A 198 12.79 -13.63 -13.33
CA LYS A 198 13.14 -13.61 -11.90
C LYS A 198 13.84 -12.31 -11.51
N CYS A 199 14.89 -11.95 -12.25
CA CYS A 199 15.61 -10.70 -12.02
C CYS A 199 14.69 -9.49 -12.19
N PHE A 200 13.83 -9.53 -13.20
CA PHE A 200 12.88 -8.44 -13.46
C PHE A 200 12.03 -8.16 -12.23
N PHE A 201 11.46 -9.22 -11.65
CA PHE A 201 10.62 -9.08 -10.47
C PHE A 201 11.41 -8.67 -9.22
N GLU A 202 12.64 -9.15 -9.12
CA GLU A 202 13.52 -8.78 -8.01
C GLU A 202 13.85 -7.29 -8.06
N ARG A 203 14.02 -6.75 -9.27
CA ARG A 203 14.24 -5.32 -9.45
C ARG A 203 13.01 -4.41 -9.32
N THR A 204 11.81 -4.94 -9.56
CA THR A 204 10.59 -4.11 -9.54
C THR A 204 9.59 -4.47 -8.46
N TRP A 205 10.00 -5.34 -7.54
CA TRP A 205 9.14 -5.86 -6.48
C TRP A 205 8.23 -4.79 -5.85
N SER A 206 8.84 -3.81 -5.16
CA SER A 206 8.08 -2.76 -4.46
C SER A 206 7.24 -1.89 -5.40
N ARG A 207 7.80 -1.54 -6.56
CA ARG A 207 7.08 -0.77 -7.58
C ARG A 207 5.90 -1.52 -8.18
N LEU A 208 5.88 -2.84 -8.06
CA LEU A 208 4.71 -3.63 -8.46
C LEU A 208 3.74 -3.78 -7.29
N ASP A 209 4.08 -3.15 -6.17
CA ASP A 209 3.32 -3.23 -4.93
C ASP A 209 3.12 -4.67 -4.46
N LEU A 210 4.16 -5.48 -4.62
CA LEU A 210 4.18 -6.83 -4.08
C LEU A 210 4.76 -6.80 -2.65
N HIS B 3 41.11 1.62 -35.27
CA HIS B 3 40.04 1.55 -36.29
C HIS B 3 39.39 2.92 -36.50
N MET B 4 39.24 3.29 -37.77
CA MET B 4 38.51 4.50 -38.14
C MET B 4 37.02 4.20 -38.08
N GLN B 5 36.33 4.89 -37.18
CA GLN B 5 34.91 4.63 -36.96
C GLN B 5 34.04 5.18 -38.07
N THR B 6 33.19 4.30 -38.58
CA THR B 6 32.14 4.69 -39.49
C THR B 6 31.16 5.59 -38.71
N PRO B 7 30.44 6.49 -39.37
CA PRO B 7 29.45 7.36 -38.69
C PRO B 7 28.40 6.56 -37.93
N LYS B 8 27.97 5.44 -38.51
CA LYS B 8 27.03 4.53 -37.86
C LYS B 8 27.63 3.91 -36.60
N GLU B 9 28.91 3.53 -36.68
CA GLU B 9 29.64 2.96 -35.54
C GLU B 9 29.80 3.94 -34.38
N THR B 10 30.04 5.21 -34.72
CA THR B 10 30.12 6.29 -33.74
C THR B 10 28.76 6.54 -33.06
N LEU B 11 27.72 6.68 -33.88
CA LEU B 11 26.37 6.88 -33.35
C LEU B 11 25.91 5.69 -32.52
N SER B 12 26.33 4.50 -32.94
CA SER B 12 26.05 3.23 -32.26
C SER B 12 26.69 3.15 -30.89
N GLU B 13 27.98 3.49 -30.83
CA GLU B 13 28.75 3.56 -29.59
C GLU B 13 28.10 4.52 -28.59
N ARG B 14 27.64 5.67 -29.08
CA ARG B 14 27.02 6.67 -28.21
C ARG B 14 25.63 6.24 -27.73
N LEU B 15 24.86 5.62 -28.63
CA LEU B 15 23.51 5.15 -28.27
C LEU B 15 23.56 4.04 -27.25
N SER B 16 24.49 3.10 -27.44
CA SER B 16 24.65 1.99 -26.52
C SER B 16 24.94 2.44 -25.09
N ALA B 17 25.77 3.48 -24.94
CA ALA B 17 26.07 4.07 -23.64
C ALA B 17 24.87 4.81 -23.03
N LEU B 18 24.14 5.55 -23.87
CA LEU B 18 22.93 6.24 -23.42
C LEU B 18 21.87 5.27 -22.95
N GLN B 19 21.64 4.23 -23.75
CA GLN B 19 20.59 3.26 -23.43
C GLN B 19 20.92 2.43 -22.20
N ASP B 20 22.20 2.09 -22.02
CA ASP B 20 22.68 1.45 -20.77
C ASP B 20 22.38 2.34 -19.56
N LYS B 21 22.72 3.62 -19.65
CA LYS B 21 22.46 4.61 -18.60
C LYS B 21 20.97 4.76 -18.28
N ILE B 22 20.13 4.77 -19.32
CA ILE B 22 18.69 4.87 -19.12
C ILE B 22 18.19 3.72 -18.23
N ILE B 23 18.62 2.50 -18.53
CA ILE B 23 18.21 1.34 -17.73
C ILE B 23 18.83 1.36 -16.32
N ASP B 24 20.06 1.89 -16.18
CA ASP B 24 20.63 2.14 -14.85
C ASP B 24 19.66 2.95 -13.98
N HIS B 25 19.10 4.01 -14.55
CA HIS B 25 18.10 4.83 -13.84
C HIS B 25 16.92 4.00 -13.37
N TYR B 26 16.43 3.14 -14.25
CA TYR B 26 15.31 2.25 -13.92
C TYR B 26 15.67 1.31 -12.79
N GLU B 27 16.90 0.80 -12.82
CA GLU B 27 17.42 -0.06 -11.76
C GLU B 27 17.57 0.67 -10.42
N ASN B 28 18.15 1.85 -10.47
CA ASN B 28 18.44 2.64 -9.26
C ASN B 28 17.18 3.14 -8.52
N ASP B 29 16.17 3.59 -9.28
CA ASP B 29 14.93 4.12 -8.68
C ASP B 29 15.23 5.26 -7.66
N SER B 30 16.08 6.18 -8.09
CA SER B 30 16.47 7.35 -7.28
C SER B 30 15.25 8.19 -6.91
N LYS B 31 15.26 8.74 -5.69
CA LYS B 31 14.24 9.66 -5.19
C LYS B 31 14.67 11.12 -5.35
N ASP B 32 15.79 11.32 -6.04
CA ASP B 32 16.41 12.64 -6.18
C ASP B 32 15.92 13.31 -7.47
N ILE B 33 15.34 14.50 -7.33
CA ILE B 33 14.89 15.29 -8.48
C ILE B 33 16.02 15.49 -9.50
N ASP B 34 17.26 15.64 -9.04
CA ASP B 34 18.38 15.79 -9.97
C ASP B 34 18.61 14.56 -10.84
N SER B 35 18.28 13.37 -10.32
CA SER B 35 18.31 12.15 -11.14
C SER B 35 17.27 12.19 -12.27
N GLN B 36 16.11 12.77 -12.00
CA GLN B 36 15.03 12.80 -13.00
C GLN B 36 15.38 13.79 -14.10
N ILE B 37 16.00 14.90 -13.72
CA ILE B 37 16.48 15.90 -14.68
C ILE B 37 17.47 15.26 -15.65
N GLN B 38 18.44 14.53 -15.08
CA GLN B 38 19.41 13.74 -15.83
C GLN B 38 18.73 12.67 -16.70
N TYR B 39 17.72 11.99 -16.16
CA TYR B 39 16.98 10.99 -16.94
C TYR B 39 16.42 11.62 -18.21
N TRP B 40 15.75 12.77 -18.08
CA TRP B 40 15.12 13.38 -19.24
C TRP B 40 16.12 13.96 -20.25
N GLN B 41 17.32 14.34 -19.79
CA GLN B 41 18.44 14.69 -20.67
C GLN B 41 18.89 13.50 -21.51
N LEU B 42 18.98 12.33 -20.87
CA LEU B 42 19.36 11.08 -21.58
C LEU B 42 18.38 10.76 -22.70
N ILE B 43 17.09 10.94 -22.42
CA ILE B 43 16.04 10.73 -23.43
C ILE B 43 16.11 11.74 -24.58
N ARG B 44 16.39 13.01 -24.28
CA ARG B 44 16.62 14.00 -25.34
C ARG B 44 17.78 13.57 -26.22
N TRP B 45 18.91 13.19 -25.58
CA TRP B 45 20.10 12.76 -26.30
C TRP B 45 19.85 11.51 -27.13
N GLU B 46 19.11 10.55 -26.56
CA GLU B 46 18.74 9.34 -27.28
C GLU B 46 18.01 9.68 -28.58
N ASN B 47 16.98 10.52 -28.48
CA ASN B 47 16.22 10.93 -29.65
C ASN B 47 17.00 11.81 -30.64
N ALA B 48 17.98 12.56 -30.14
CA ALA B 48 18.85 13.35 -31.01
C ALA B 48 19.74 12.43 -31.84
N ILE B 49 20.17 11.32 -31.25
CA ILE B 49 20.96 10.34 -31.97
C ILE B 49 20.16 9.65 -33.07
N PHE B 50 18.93 9.28 -32.74
CA PHE B 50 18.02 8.65 -33.71
C PHE B 50 17.65 9.60 -34.86
N PHE B 51 17.51 10.89 -34.56
CA PHE B 51 17.29 11.91 -35.59
C PHE B 51 18.49 11.99 -36.55
N ALA B 52 19.69 12.17 -36.00
CA ALA B 52 20.92 12.21 -36.78
C ALA B 52 21.17 10.93 -37.59
N ALA B 53 20.81 9.77 -37.02
CA ALA B 53 20.92 8.48 -37.70
C ALA B 53 20.11 8.46 -39.00
N ARG B 54 18.85 8.88 -38.92
CA ARG B 54 17.98 8.96 -40.09
C ARG B 54 18.54 9.95 -41.11
N GLU B 55 19.01 11.11 -40.64
CA GLU B 55 19.67 12.09 -41.50
C GLU B 55 20.87 11.52 -42.24
N HIS B 56 21.47 10.49 -41.65
CA HIS B 56 22.64 9.85 -42.22
C HIS B 56 22.29 8.58 -43.00
N GLY B 57 21.00 8.38 -43.25
CA GLY B 57 20.51 7.21 -43.99
C GLY B 57 20.66 5.87 -43.26
N ILE B 58 20.66 5.90 -41.94
CA ILE B 58 20.81 4.69 -41.14
C ILE B 58 19.43 4.13 -40.74
N GLN B 59 19.16 2.88 -41.10
CA GLN B 59 17.85 2.25 -40.88
C GLN B 59 17.73 1.62 -39.51
N THR B 60 18.81 0.97 -39.06
CA THR B 60 18.84 0.37 -37.73
C THR B 60 20.17 0.70 -37.05
N LEU B 61 20.12 0.86 -35.73
CA LEU B 61 21.27 1.29 -34.97
C LEU B 61 21.32 0.44 -33.72
N ASN B 62 22.40 -0.30 -33.52
CA ASN B 62 22.48 -1.26 -32.40
C ASN B 62 21.22 -2.11 -32.32
N HIS B 63 20.83 -2.64 -33.49
CA HIS B 63 19.61 -3.46 -33.64
C HIS B 63 18.30 -2.70 -33.45
N GLN B 64 18.36 -1.47 -32.97
CA GLN B 64 17.15 -0.65 -32.79
C GLN B 64 16.68 -0.11 -34.13
N VAL B 65 15.36 -0.16 -34.34
CA VAL B 65 14.77 0.41 -35.53
C VAL B 65 14.74 1.93 -35.36
N VAL B 66 15.44 2.65 -36.24
CA VAL B 66 15.51 4.10 -36.19
C VAL B 66 14.11 4.64 -36.49
N PRO B 67 13.51 5.38 -35.56
CA PRO B 67 12.13 5.82 -35.75
C PRO B 67 12.00 6.91 -36.82
N ALA B 68 10.77 7.15 -37.24
CA ALA B 68 10.42 8.29 -38.08
C ALA B 68 10.87 9.60 -37.43
N TYR B 69 11.24 10.58 -38.26
CA TYR B 69 11.61 11.92 -37.81
C TYR B 69 10.59 12.49 -36.82
N ASN B 70 9.30 12.31 -37.13
CA ASN B 70 8.22 12.87 -36.29
C ASN B 70 8.18 12.23 -34.90
N ILE B 71 8.58 10.96 -34.83
CA ILE B 71 8.59 10.25 -33.55
C ILE B 71 9.77 10.73 -32.69
N SER B 72 10.95 10.82 -33.31
CA SER B 72 12.14 11.35 -32.64
C SER B 72 11.96 12.78 -32.14
N LYS B 73 11.34 13.60 -32.97
CA LYS B 73 11.08 15.00 -32.65
C LYS B 73 10.05 15.11 -31.52
N SER B 74 8.95 14.36 -31.63
CA SER B 74 7.91 14.36 -30.61
C SER B 74 8.45 13.94 -29.23
N LYS B 75 9.24 12.87 -29.20
CA LYS B 75 9.76 12.36 -27.94
C LYS B 75 10.83 13.27 -27.33
N ALA B 76 11.62 13.93 -28.18
CA ALA B 76 12.61 14.90 -27.72
C ALA B 76 11.94 16.14 -27.14
N HIS B 77 10.91 16.64 -27.82
CA HIS B 77 10.17 17.83 -27.38
C HIS B 77 9.53 17.54 -26.03
N LYS B 78 8.94 16.35 -25.92
CA LYS B 78 8.39 15.88 -24.66
C LYS B 78 9.43 15.84 -23.55
N ALA B 79 10.62 15.33 -23.87
CA ALA B 79 11.73 15.21 -22.92
C ALA B 79 12.23 16.58 -22.43
N ILE B 80 12.34 17.53 -23.34
CA ILE B 80 12.77 18.91 -23.03
C ILE B 80 11.76 19.58 -22.08
N GLU B 81 10.49 19.49 -22.45
CA GLU B 81 9.37 19.97 -21.68
C GLU B 81 9.43 19.49 -20.22
N LEU B 82 9.62 18.18 -20.03
CA LEU B 82 9.70 17.61 -18.70
C LEU B 82 10.97 18.05 -17.97
N GLN B 83 12.10 18.04 -18.66
CA GLN B 83 13.37 18.46 -18.10
C GLN B 83 13.32 19.89 -17.54
N MET B 84 12.77 20.82 -18.34
CA MET B 84 12.72 22.22 -17.93
C MET B 84 11.73 22.47 -16.81
N ALA B 85 10.62 21.74 -16.82
CA ALA B 85 9.68 21.76 -15.68
C ALA B 85 10.38 21.29 -14.39
N LEU B 86 11.13 20.19 -14.48
CA LEU B 86 11.87 19.66 -13.34
C LEU B 86 13.02 20.57 -12.88
N GLN B 87 13.71 21.21 -13.81
CA GLN B 87 14.74 22.19 -13.46
C GLN B 87 14.16 23.38 -12.68
N GLY B 88 12.98 23.83 -13.06
CA GLY B 88 12.27 24.86 -12.30
C GLY B 88 11.81 24.38 -10.93
N LEU B 89 11.22 23.17 -10.89
CA LEU B 89 10.75 22.57 -9.65
C LEU B 89 11.90 22.36 -8.66
N ALA B 90 13.07 22.02 -9.18
CA ALA B 90 14.30 21.85 -8.41
C ALA B 90 14.79 23.15 -7.74
N GLN B 91 14.29 24.31 -8.16
CA GLN B 91 14.68 25.54 -7.50
C GLN B 91 13.64 26.02 -6.48
N SER B 92 12.59 25.23 -6.31
CA SER B 92 11.51 25.54 -5.40
C SER B 92 11.80 24.95 -4.01
N ALA B 93 10.97 25.32 -3.04
CA ALA B 93 11.02 24.76 -1.70
C ALA B 93 10.79 23.23 -1.69
N TYR B 94 10.31 22.67 -2.80
CA TYR B 94 9.86 21.26 -2.81
C TYR B 94 10.89 20.34 -3.45
N LYS B 95 12.06 20.91 -3.72
CA LYS B 95 13.19 20.23 -4.33
C LYS B 95 13.60 18.95 -3.61
N THR B 96 13.59 18.98 -2.27
CA THR B 96 14.12 17.87 -1.49
C THR B 96 13.06 16.84 -1.07
N GLU B 97 11.83 17.00 -1.56
CA GLU B 97 10.83 15.93 -1.43
C GLU B 97 11.33 14.75 -2.26
N ASP B 98 10.74 13.56 -2.08
CA ASP B 98 11.03 12.44 -2.98
C ASP B 98 10.46 12.74 -4.36
N TRP B 99 11.30 12.62 -5.38
CA TRP B 99 10.88 12.75 -6.78
C TRP B 99 11.41 11.55 -7.56
N THR B 100 10.50 10.62 -7.84
CA THR B 100 10.84 9.35 -8.47
C THR B 100 10.54 9.37 -9.97
N LEU B 101 11.01 8.34 -10.66
CA LEU B 101 10.66 8.10 -12.07
C LEU B 101 9.16 8.10 -12.27
N GLN B 102 8.44 7.45 -11.34
CA GLN B 102 6.99 7.38 -11.39
C GLN B 102 6.32 8.75 -11.22
N ASP B 103 6.83 9.57 -10.29
CA ASP B 103 6.31 10.91 -10.04
C ASP B 103 6.53 11.80 -11.26
N THR B 104 7.52 11.47 -12.08
CA THR B 104 7.97 12.38 -13.14
C THR B 104 7.93 11.77 -14.53
N CYS B 105 7.11 10.74 -14.72
CA CYS B 105 6.97 10.08 -16.01
C CYS B 105 6.03 10.86 -16.91
N GLU B 106 6.11 10.61 -18.22
CA GLU B 106 5.27 11.31 -19.21
C GLU B 106 3.78 11.00 -19.02
N GLU B 107 3.47 9.74 -18.70
CA GLU B 107 2.10 9.30 -18.48
C GLU B 107 1.39 10.15 -17.44
N LEU B 108 2.04 10.40 -16.30
CA LEU B 108 1.46 11.23 -15.24
C LEU B 108 1.39 12.70 -15.66
N TRP B 109 2.47 13.18 -16.28
CA TRP B 109 2.55 14.53 -16.82
C TRP B 109 1.38 14.86 -17.75
N ASN B 110 1.05 13.90 -18.62
CA ASN B 110 -0.06 14.02 -19.57
C ASN B 110 -1.44 13.90 -18.91
N THR B 111 -1.49 13.43 -17.67
CA THR B 111 -2.74 13.30 -16.93
C THR B 111 -3.17 14.65 -16.37
N GLU B 112 -4.47 14.93 -16.39
CA GLU B 112 -5.02 16.17 -15.81
C GLU B 112 -4.76 16.25 -14.31
N PRO B 113 -4.34 17.42 -13.80
CA PRO B 113 -4.03 18.62 -14.60
C PRO B 113 -2.69 18.51 -15.30
N THR B 114 -2.68 18.77 -16.60
CA THR B 114 -1.48 18.58 -17.41
C THR B 114 -0.50 19.71 -17.18
N HIS B 115 0.76 19.43 -17.49
CA HIS B 115 1.88 20.36 -17.25
C HIS B 115 2.02 20.72 -15.78
N CYS B 116 1.47 19.86 -14.92
CA CYS B 116 1.62 19.92 -13.47
C CYS B 116 2.19 18.61 -12.95
N PHE B 117 2.86 18.67 -11.80
CA PHE B 117 3.17 17.47 -11.05
C PHE B 117 2.10 17.26 -10.02
N LYS B 118 1.90 16.01 -9.64
CA LYS B 118 0.88 15.64 -8.67
C LYS B 118 1.27 14.43 -7.87
N LYS B 119 0.84 14.43 -6.62
CA LYS B 119 1.14 13.37 -5.67
C LYS B 119 -0.09 13.09 -4.82
N GLY B 120 -0.26 11.83 -4.45
CA GLY B 120 -1.30 11.42 -3.51
C GLY B 120 -2.70 11.43 -4.10
N GLY B 121 -2.93 10.58 -5.09
CA GLY B 121 -4.24 10.49 -5.71
C GLY B 121 -5.31 9.86 -4.83
N GLN B 122 -6.33 10.63 -4.51
CA GLN B 122 -7.51 10.10 -3.82
C GLN B 122 -8.64 9.94 -4.84
N THR B 123 -9.27 8.76 -4.82
CA THR B 123 -10.25 8.38 -5.85
C THR B 123 -11.60 9.08 -5.70
N VAL B 124 -12.15 9.50 -6.84
CA VAL B 124 -13.48 10.11 -6.91
C VAL B 124 -14.32 9.28 -7.87
N GLN B 125 -15.50 8.87 -7.39
CA GLN B 125 -16.41 8.06 -8.18
C GLN B 125 -17.60 8.89 -8.63
N VAL B 126 -17.87 8.85 -9.93
CA VAL B 126 -18.99 9.59 -10.50
C VAL B 126 -19.97 8.62 -11.18
N TYR B 127 -21.24 8.71 -10.78
CA TYR B 127 -22.30 7.86 -11.32
C TYR B 127 -23.25 8.70 -12.15
N PHE B 128 -23.41 8.32 -13.43
CA PHE B 128 -24.25 9.07 -14.37
C PHE B 128 -25.66 8.48 -14.47
N ASP B 129 -26.66 9.36 -14.42
CA ASP B 129 -28.09 9.02 -14.56
C ASP B 129 -28.62 8.11 -13.45
N GLY B 130 -28.08 8.25 -12.24
CA GLY B 130 -28.47 7.40 -11.12
C GLY B 130 -28.04 5.96 -11.32
N ASN B 131 -27.61 5.65 -12.54
CA ASN B 131 -27.12 4.33 -12.89
C ASN B 131 -25.79 4.07 -12.20
N LYS B 132 -25.81 3.12 -11.26
CA LYS B 132 -24.62 2.77 -10.48
C LYS B 132 -23.56 2.08 -11.35
N ASP B 133 -23.99 1.30 -12.34
CA ASP B 133 -23.06 0.58 -13.20
C ASP B 133 -22.45 1.43 -14.33
N ASN B 134 -22.93 2.66 -14.47
CA ASN B 134 -22.29 3.62 -15.36
C ASN B 134 -21.52 4.64 -14.53
N CYS B 135 -20.25 4.30 -14.26
CA CYS B 135 -19.44 4.99 -13.28
C CYS B 135 -18.03 5.23 -13.80
N MET B 136 -17.60 6.49 -13.80
CA MET B 136 -16.24 6.85 -14.17
C MET B 136 -15.43 7.20 -12.93
N THR B 137 -14.19 6.70 -12.90
CA THR B 137 -13.26 6.94 -11.80
C THR B 137 -12.30 8.08 -12.12
N TYR B 138 -12.23 9.08 -11.23
CA TYR B 138 -11.29 10.18 -11.37
C TYR B 138 -10.39 10.28 -10.14
N VAL B 139 -9.30 11.02 -10.27
CA VAL B 139 -8.36 11.19 -9.15
C VAL B 139 -8.32 12.64 -8.67
N ALA B 140 -8.59 12.83 -7.39
CA ALA B 140 -8.36 14.12 -6.73
C ALA B 140 -6.98 14.07 -6.09
N TRP B 141 -6.05 14.82 -6.67
CA TRP B 141 -4.66 14.82 -6.20
C TRP B 141 -4.50 15.55 -4.86
N ASP B 142 -3.85 14.89 -3.90
CA ASP B 142 -3.57 15.53 -2.61
C ASP B 142 -2.77 16.81 -2.80
N SER B 143 -1.81 16.75 -3.73
CA SER B 143 -0.91 17.86 -4.01
C SER B 143 -0.77 18.06 -5.50
N VAL B 144 -0.93 19.30 -5.93
CA VAL B 144 -0.67 19.70 -7.29
C VAL B 144 0.43 20.75 -7.25
N TYR B 145 1.45 20.54 -8.09
CA TYR B 145 2.55 21.48 -8.23
C TYR B 145 2.42 22.13 -9.60
N TYR B 146 2.24 23.43 -9.61
CA TYR B 146 2.03 24.13 -10.88
C TYR B 146 3.04 25.24 -11.03
N MET B 147 3.29 25.64 -12.27
CA MET B 147 4.18 26.76 -12.53
C MET B 147 3.42 28.10 -12.55
N THR B 148 3.93 29.07 -11.80
CA THR B 148 3.37 30.41 -11.78
C THR B 148 3.85 31.18 -13.01
N ASP B 149 3.22 32.33 -13.27
CA ASP B 149 3.61 33.20 -14.40
C ASP B 149 5.08 33.61 -14.32
N ALA B 150 5.58 33.77 -13.10
CA ALA B 150 6.99 34.08 -12.83
C ALA B 150 7.96 32.90 -13.02
N GLY B 151 7.43 31.71 -13.32
CA GLY B 151 8.28 30.55 -13.58
C GLY B 151 8.69 29.76 -12.35
N THR B 152 8.07 30.04 -11.20
CA THR B 152 8.38 29.29 -10.00
C THR B 152 7.30 28.23 -9.82
N TRP B 153 7.60 27.19 -9.05
CA TRP B 153 6.65 26.13 -8.82
C TRP B 153 6.01 26.19 -7.43
N ASP B 154 4.68 26.19 -7.40
CA ASP B 154 3.97 26.21 -6.12
C ASP B 154 3.15 24.95 -5.91
N LYS B 155 2.86 24.66 -4.65
CA LYS B 155 2.18 23.45 -4.23
C LYS B 155 0.85 23.83 -3.60
N THR B 156 -0.19 23.14 -4.02
CA THR B 156 -1.53 23.39 -3.52
C THR B 156 -2.36 22.09 -3.54
N ALA B 157 -3.51 22.09 -2.86
CA ALA B 157 -4.35 20.91 -2.80
C ALA B 157 -5.47 20.97 -3.84
N THR B 158 -6.07 19.81 -4.13
CA THR B 158 -7.23 19.73 -5.01
C THR B 158 -8.50 20.02 -4.23
N CYS B 159 -9.46 20.66 -4.89
CA CYS B 159 -10.80 20.80 -4.31
C CYS B 159 -11.84 20.07 -5.16
N VAL B 160 -12.74 19.38 -4.48
CA VAL B 160 -13.87 18.71 -5.13
C VAL B 160 -15.13 19.56 -4.99
N SER B 161 -16.00 19.48 -5.99
CA SER B 161 -17.32 20.13 -5.97
C SER B 161 -18.20 19.42 -6.99
N HIS B 162 -19.49 19.77 -6.99
CA HIS B 162 -20.42 19.19 -7.97
C HIS B 162 -19.99 19.51 -9.40
N ARG B 163 -19.41 20.69 -9.59
CA ARG B 163 -18.96 21.13 -10.91
C ARG B 163 -17.80 20.31 -11.45
N GLY B 164 -16.85 19.95 -10.58
CA GLY B 164 -15.67 19.20 -11.00
C GLY B 164 -14.52 19.21 -10.01
N LEU B 165 -13.32 18.91 -10.52
CA LEU B 165 -12.09 18.91 -9.72
C LEU B 165 -11.23 20.10 -10.11
N TYR B 166 -10.81 20.86 -9.10
CA TYR B 166 -10.04 22.07 -9.36
C TYR B 166 -8.92 22.29 -8.35
N TYR B 167 -8.02 23.22 -8.67
CA TYR B 167 -7.04 23.70 -7.71
C TYR B 167 -6.93 25.20 -7.88
N VAL B 168 -6.47 25.89 -6.84
CA VAL B 168 -6.38 27.34 -6.89
C VAL B 168 -5.00 27.75 -7.42
N LYS B 169 -5.00 28.36 -8.60
CA LYS B 169 -3.76 28.72 -9.26
C LYS B 169 -3.59 30.23 -9.25
N GLU B 170 -2.66 30.70 -8.42
CA GLU B 170 -2.42 32.14 -8.22
C GLU B 170 -3.75 32.92 -8.11
N GLY B 171 -4.61 32.48 -7.21
CA GLY B 171 -5.88 33.15 -6.91
C GLY B 171 -7.07 32.72 -7.76
N TYR B 172 -6.82 31.89 -8.78
CA TYR B 172 -7.87 31.51 -9.72
C TYR B 172 -8.20 30.03 -9.64
N ASN B 173 -9.45 29.72 -9.30
CA ASN B 173 -9.99 28.37 -9.38
C ASN B 173 -9.80 27.79 -10.78
N THR B 174 -9.09 26.67 -10.86
CA THR B 174 -8.66 26.09 -12.11
C THR B 174 -9.09 24.62 -12.19
N PHE B 175 -10.14 24.39 -12.98
CA PHE B 175 -10.74 23.07 -13.11
C PHE B 175 -9.96 22.20 -14.07
N TYR B 176 -9.67 20.97 -13.64
CA TYR B 176 -9.01 20.02 -14.53
C TYR B 176 -9.89 18.85 -14.91
N ILE B 177 -11.02 18.71 -14.19
CA ILE B 177 -12.16 17.92 -14.65
C ILE B 177 -13.44 18.76 -14.53
N GLU B 178 -14.24 18.78 -15.61
CA GLU B 178 -15.58 19.36 -15.59
C GLU B 178 -16.60 18.24 -15.67
N PHE B 179 -17.33 18.01 -14.58
CA PHE B 179 -18.30 16.89 -14.52
C PHE B 179 -19.47 17.02 -15.50
N LYS B 180 -19.85 18.27 -15.82
CA LYS B 180 -20.91 18.54 -16.80
C LYS B 180 -20.53 18.00 -18.18
N SER B 181 -19.32 18.37 -18.62
CA SER B 181 -18.72 17.87 -19.84
C SER B 181 -18.61 16.33 -19.88
N GLU B 182 -18.32 15.74 -18.73
CA GLU B 182 -18.20 14.28 -18.62
C GLU B 182 -19.56 13.60 -18.68
N CYS B 183 -20.56 14.23 -18.06
CA CYS B 183 -21.95 13.76 -18.11
C CYS B 183 -22.49 13.77 -19.54
N GLU B 184 -22.30 14.90 -20.21
CA GLU B 184 -22.72 15.12 -21.60
C GLU B 184 -21.92 14.23 -22.56
N LYS B 185 -21.40 13.11 -22.03
CA LYS B 185 -20.50 12.24 -22.77
C LYS B 185 -20.65 10.78 -22.32
N TYR B 186 -21.27 10.57 -21.16
CA TYR B 186 -21.46 9.22 -20.63
C TYR B 186 -22.91 8.87 -20.29
N GLY B 187 -23.80 9.86 -20.32
CA GLY B 187 -25.20 9.63 -19.98
C GLY B 187 -26.20 10.51 -20.70
N ASN B 188 -26.05 11.83 -20.56
CA ASN B 188 -26.91 12.83 -21.20
C ASN B 188 -28.34 12.88 -20.65
N THR B 189 -28.44 13.31 -19.38
CA THR B 189 -29.71 13.72 -18.78
C THR B 189 -29.46 15.00 -17.96
N GLY B 190 -28.19 15.26 -17.68
CA GLY B 190 -27.79 16.41 -16.87
C GLY B 190 -27.66 16.03 -15.40
N THR B 191 -27.88 14.76 -15.09
CA THR B 191 -27.78 14.27 -13.71
C THR B 191 -26.55 13.39 -13.51
N TRP B 192 -25.81 13.70 -12.44
CA TRP B 192 -24.65 12.91 -12.02
C TRP B 192 -24.47 12.99 -10.50
N GLU B 193 -23.93 11.93 -9.92
CA GLU B 193 -23.68 11.86 -8.48
C GLU B 193 -22.20 11.64 -8.19
N VAL B 194 -21.63 12.49 -7.33
CA VAL B 194 -20.21 12.47 -7.00
C VAL B 194 -19.96 11.87 -5.61
N HIS B 195 -19.16 10.80 -5.56
CA HIS B 195 -18.87 10.08 -4.31
C HIS B 195 -17.43 10.31 -3.84
N PHE B 196 -17.28 11.14 -2.82
CA PHE B 196 -15.97 11.42 -2.22
C PHE B 196 -16.10 11.62 -0.71
N ASN C 9 28.79 -27.21 30.06
CA ASN C 9 27.89 -26.27 29.33
C ASN C 9 28.53 -25.84 28.00
N MET C 10 27.90 -24.90 27.31
CA MET C 10 28.38 -24.43 26.01
C MET C 10 29.79 -23.85 26.09
N SER C 11 30.03 -23.04 27.13
CA SER C 11 31.33 -22.44 27.35
C SER C 11 32.45 -23.48 27.47
N GLN C 12 32.24 -24.49 28.31
CA GLN C 12 33.22 -25.55 28.51
C GLN C 12 33.39 -26.33 27.21
N TRP C 13 32.29 -26.56 26.52
CA TRP C 13 32.35 -27.29 25.26
C TRP C 13 33.18 -26.57 24.21
N ILE C 14 32.95 -25.27 24.02
CA ILE C 14 33.71 -24.51 23.02
C ILE C 14 35.20 -24.50 23.38
N ARG C 15 35.48 -24.31 24.67
CA ARG C 15 36.84 -24.35 25.21
C ARG C 15 37.44 -25.70 24.88
N PHE C 16 36.69 -26.79 25.11
CA PHE C 16 37.16 -28.13 24.74
C PHE C 16 37.38 -28.31 23.24
N ARG C 17 36.42 -27.87 22.42
CA ARG C 17 36.58 -27.91 20.97
C ARG C 17 37.85 -27.18 20.52
N CYS C 18 38.09 -26.00 21.08
CA CYS C 18 39.28 -25.22 20.74
C CYS C 18 40.59 -25.92 21.11
N SER C 19 40.60 -26.62 22.25
CA SER C 19 41.78 -27.38 22.69
C SER C 19 42.17 -28.49 21.70
N LYS C 20 41.17 -29.01 20.98
CA LYS C 20 41.39 -30.07 20.00
C LYS C 20 41.74 -29.60 18.59
N ILE C 21 41.78 -28.28 18.37
CA ILE C 21 41.96 -27.70 17.04
C ILE C 21 43.28 -26.96 16.92
N ASP C 22 43.92 -27.08 15.76
CA ASP C 22 45.21 -26.48 15.48
C ASP C 22 45.21 -24.97 15.62
N GLU C 23 46.32 -24.44 16.10
CA GLU C 23 46.59 -23.02 16.10
C GLU C 23 46.95 -22.57 14.69
N GLY C 24 46.92 -21.26 14.46
CA GLY C 24 47.35 -20.72 13.18
C GLY C 24 46.23 -20.34 12.24
N GLY C 25 45.01 -20.29 12.77
CA GLY C 25 43.87 -19.82 11.98
C GLY C 25 43.81 -18.30 11.90
N ASP C 26 42.73 -17.80 11.33
CA ASP C 26 42.48 -16.37 11.17
C ASP C 26 40.97 -16.18 11.17
N TRP C 27 40.45 -15.34 12.07
CA TRP C 27 39.01 -15.08 12.18
C TRP C 27 38.48 -14.22 11.03
N ARG C 28 39.35 -13.45 10.39
CA ARG C 28 38.95 -12.41 9.45
C ARG C 28 38.05 -12.89 8.30
N PRO C 29 38.38 -13.98 7.64
CA PRO C 29 37.54 -14.46 6.53
C PRO C 29 36.08 -14.73 6.93
N ILE C 30 35.83 -15.12 8.18
CA ILE C 30 34.47 -15.28 8.69
C ILE C 30 33.79 -13.92 8.79
N VAL C 31 34.46 -12.96 9.44
CA VAL C 31 33.91 -11.61 9.57
C VAL C 31 33.70 -11.00 8.18
N GLN C 32 34.69 -11.17 7.31
CA GLN C 32 34.66 -10.60 5.96
C GLN C 32 33.51 -11.18 5.15
N PHE C 33 33.31 -12.50 5.24
CA PHE C 33 32.20 -13.16 4.55
C PHE C 33 30.85 -12.59 5.00
N LEU C 34 30.70 -12.39 6.29
CA LEU C 34 29.46 -11.80 6.82
C LEU C 34 29.20 -10.41 6.23
N ARG C 35 30.25 -9.57 6.24
CA ARG C 35 30.15 -8.20 5.73
C ARG C 35 29.90 -8.22 4.22
N TYR C 36 30.56 -9.13 3.53
CA TYR C 36 30.30 -9.40 2.11
C TYR C 36 28.82 -9.66 1.86
N GLN C 37 28.17 -10.33 2.82
CA GLN C 37 26.76 -10.70 2.70
C GLN C 37 25.83 -9.61 3.23
N GLN C 38 26.39 -8.43 3.52
CA GLN C 38 25.65 -7.26 4.01
C GLN C 38 25.09 -7.48 5.40
N ILE C 39 25.75 -8.36 6.15
CA ILE C 39 25.37 -8.59 7.53
C ILE C 39 26.23 -7.68 8.42
N GLU C 40 25.57 -7.01 9.36
CA GLU C 40 26.27 -6.15 10.32
C GLU C 40 26.91 -7.09 11.35
N PHE C 41 28.25 -7.01 11.48
CA PHE C 41 28.98 -7.86 12.43
C PHE C 41 28.45 -7.80 13.87
N ILE C 42 28.24 -6.59 14.40
CA ILE C 42 27.81 -6.42 15.80
C ILE C 42 26.44 -7.06 16.05
N THR C 43 25.54 -6.92 15.09
CA THR C 43 24.23 -7.54 15.16
C THR C 43 24.36 -9.06 15.12
N PHE C 44 25.17 -9.58 14.21
CA PHE C 44 25.39 -11.02 14.13
C PHE C 44 25.95 -11.61 15.42
N LEU C 45 26.96 -10.95 15.99
CA LEU C 45 27.60 -11.42 17.22
C LEU C 45 26.63 -11.43 18.40
N GLY C 46 25.77 -10.42 18.46
CA GLY C 46 24.73 -10.37 19.49
C GLY C 46 23.76 -11.54 19.38
N ALA C 47 23.38 -11.89 18.15
CA ALA C 47 22.46 -13.01 17.94
C ALA C 47 23.13 -14.34 18.25
N LEU C 48 24.40 -14.46 17.90
CA LEU C 48 25.18 -15.66 18.18
C LEU C 48 25.33 -15.86 19.69
N LYS C 49 25.61 -14.76 20.40
CA LYS C 49 25.72 -14.79 21.87
C LYS C 49 24.47 -15.39 22.49
N SER C 50 23.30 -14.82 22.17
CA SER C 50 22.02 -15.31 22.68
C SER C 50 21.76 -16.76 22.27
N PHE C 51 22.10 -17.08 21.02
CA PHE C 51 21.93 -18.40 20.44
C PHE C 51 22.68 -19.47 21.24
N LEU C 52 23.95 -19.19 21.49
CA LEU C 52 24.85 -20.12 22.19
C LEU C 52 24.45 -20.33 23.64
N LYS C 53 23.84 -19.32 24.24
CA LYS C 53 23.30 -19.41 25.60
C LYS C 53 21.98 -20.16 25.67
N GLY C 54 21.37 -20.47 24.52
CA GLY C 54 20.05 -21.10 24.51
C GLY C 54 18.92 -20.23 25.07
N THR C 55 19.07 -18.92 24.95
CA THR C 55 18.08 -17.96 25.47
C THR C 55 16.69 -18.24 24.89
N PRO C 56 15.67 -18.37 25.74
CA PRO C 56 14.30 -18.49 25.27
C PRO C 56 14.00 -17.48 24.17
N LYS C 57 13.36 -17.95 23.09
CA LYS C 57 12.98 -17.13 21.93
C LYS C 57 14.16 -16.65 21.08
N LYS C 58 15.38 -16.95 21.53
CA LYS C 58 16.58 -16.55 20.81
C LYS C 58 17.44 -17.76 20.44
N ASN C 59 16.85 -18.95 20.48
CA ASN C 59 17.56 -20.21 20.33
C ASN C 59 17.47 -20.81 18.92
N CYS C 60 17.00 -20.00 17.98
CA CYS C 60 16.83 -20.44 16.61
C CYS C 60 17.38 -19.39 15.67
N LEU C 61 18.48 -19.74 15.00
CA LEU C 61 19.08 -18.87 13.99
C LEU C 61 18.71 -19.38 12.63
N VAL C 62 18.47 -18.45 11.71
CA VAL C 62 18.09 -18.81 10.34
C VAL C 62 18.91 -18.04 9.32
N PHE C 63 19.53 -18.79 8.42
CA PHE C 63 20.24 -18.20 7.28
C PHE C 63 19.35 -18.37 6.05
N CYS C 64 18.94 -17.25 5.47
CA CYS C 64 18.01 -17.25 4.34
C CYS C 64 18.63 -16.71 3.05
N GLY C 65 18.45 -17.44 1.96
CA GLY C 65 18.88 -16.96 0.65
C GLY C 65 19.12 -18.09 -0.35
N PRO C 66 19.48 -17.75 -1.58
CA PRO C 66 19.72 -18.75 -2.64
C PRO C 66 20.85 -19.72 -2.27
N ALA C 67 20.86 -20.90 -2.88
CA ALA C 67 21.86 -21.90 -2.58
C ALA C 67 23.27 -21.44 -2.95
N ASN C 68 23.37 -20.63 -4.00
CA ASN C 68 24.68 -20.17 -4.46
C ASN C 68 25.44 -19.21 -3.53
N THR C 69 24.78 -18.73 -2.47
CA THR C 69 25.39 -17.82 -1.49
C THR C 69 26.43 -18.49 -0.59
N GLY C 70 26.41 -19.82 -0.58
CA GLY C 70 27.23 -20.59 0.34
C GLY C 70 26.76 -20.57 1.78
N LYS C 71 25.49 -20.22 2.02
CA LYS C 71 24.94 -20.14 3.38
C LYS C 71 25.00 -21.48 4.10
N SER C 72 24.78 -22.57 3.36
CA SER C 72 24.79 -23.92 3.93
C SER C 72 26.21 -24.36 4.25
N TYR C 73 27.14 -24.07 3.35
CA TYR C 73 28.57 -24.28 3.56
C TYR C 73 29.05 -23.58 4.84
N PHE C 74 28.67 -22.31 4.98
CA PHE C 74 29.01 -21.49 6.14
C PHE C 74 28.39 -22.08 7.42
N GLY C 75 27.07 -22.30 7.41
CA GLY C 75 26.39 -22.92 8.55
C GLY C 75 26.97 -24.26 8.94
N MET C 76 27.17 -25.13 7.95
CA MET C 76 27.72 -26.46 8.19
C MET C 76 29.13 -26.41 8.77
N SER C 77 29.91 -25.42 8.35
CA SER C 77 31.26 -25.22 8.90
C SER C 77 31.26 -24.93 10.40
N PHE C 78 30.23 -24.25 10.88
CA PHE C 78 30.09 -24.01 12.32
C PHE C 78 29.68 -25.31 13.05
N ILE C 79 28.75 -26.05 12.44
CA ILE C 79 28.32 -27.35 12.97
C ILE C 79 29.50 -28.31 13.09
N HIS C 80 30.33 -28.32 12.05
CA HIS C 80 31.54 -29.12 12.03
C HIS C 80 32.49 -28.74 13.18
N PHE C 81 32.73 -27.44 13.34
CA PHE C 81 33.56 -26.91 14.44
C PHE C 81 33.06 -27.35 15.82
N ILE C 82 31.76 -27.15 16.08
CA ILE C 82 31.19 -27.41 17.39
C ILE C 82 30.80 -28.89 17.58
N GLN C 83 30.98 -29.67 16.52
CA GLN C 83 30.59 -31.09 16.48
C GLN C 83 29.11 -31.25 16.81
N GLY C 84 28.28 -30.47 16.10
CA GLY C 84 26.85 -30.53 16.24
C GLY C 84 26.27 -31.64 15.38
N ALA C 85 24.95 -31.61 15.21
CA ALA C 85 24.27 -32.66 14.47
C ALA C 85 23.37 -32.09 13.40
N VAL C 86 23.32 -32.73 12.24
CA VAL C 86 22.30 -32.42 11.23
C VAL C 86 21.06 -33.30 11.44
N ILE C 87 19.89 -32.66 11.48
CA ILE C 87 18.63 -33.37 11.62
C ILE C 87 17.87 -33.40 10.30
N SER C 88 17.15 -34.49 10.05
CA SER C 88 16.29 -34.60 8.88
C SER C 88 14.84 -34.31 9.29
N PHE C 89 14.25 -33.29 8.69
CA PHE C 89 12.86 -32.94 8.99
C PHE C 89 11.89 -34.05 8.56
N VAL C 90 10.99 -34.41 9.48
CA VAL C 90 9.90 -35.33 9.20
C VAL C 90 8.60 -34.69 9.64
N ASN C 91 7.65 -34.57 8.72
CA ASN C 91 6.37 -33.97 9.01
C ASN C 91 5.44 -34.95 9.72
N SER C 92 5.44 -34.89 11.04
CA SER C 92 4.52 -35.67 11.86
C SER C 92 4.12 -34.84 13.07
N THR C 93 3.61 -35.48 14.11
CA THR C 93 3.40 -34.79 15.39
C THR C 93 4.24 -35.46 16.49
N SER C 94 4.79 -36.63 16.17
CA SER C 94 5.75 -37.25 17.06
C SER C 94 7.05 -36.47 16.95
N HIS C 95 7.51 -35.95 18.08
CA HIS C 95 8.81 -35.29 18.16
C HIS C 95 9.94 -36.32 18.01
N PHE C 96 9.60 -37.50 17.51
CA PHE C 96 10.53 -38.62 17.41
C PHE C 96 11.79 -38.26 16.64
N TRP C 97 11.63 -37.47 15.58
CA TRP C 97 12.75 -37.09 14.72
C TRP C 97 13.70 -36.09 15.40
N LEU C 98 13.38 -35.72 16.64
CA LEU C 98 14.23 -34.83 17.47
C LEU C 98 15.07 -35.58 18.51
N GLU C 99 14.77 -36.87 18.72
CA GLU C 99 15.53 -37.72 19.63
C GLU C 99 17.06 -37.60 19.52
N PRO C 100 17.63 -37.65 18.31
CA PRO C 100 19.09 -37.52 18.13
C PRO C 100 19.70 -36.15 18.49
N LEU C 101 18.89 -35.24 19.03
CA LEU C 101 19.36 -33.95 19.53
C LEU C 101 19.71 -34.05 21.01
N THR C 102 19.43 -35.23 21.57
CA THR C 102 19.60 -35.48 23.00
C THR C 102 20.99 -35.18 23.53
N ASP C 103 22.02 -35.49 22.74
CA ASP C 103 23.40 -35.31 23.19
C ASP C 103 24.17 -34.24 22.42
N THR C 104 23.50 -33.51 21.53
CA THR C 104 24.22 -32.52 20.72
C THR C 104 24.17 -31.11 21.29
N LYS C 105 25.21 -30.33 21.02
CA LYS C 105 25.29 -28.97 21.54
C LYS C 105 24.55 -27.98 20.64
N VAL C 106 24.63 -28.19 19.33
CA VAL C 106 23.95 -27.34 18.33
C VAL C 106 23.39 -28.23 17.21
N ALA C 107 22.15 -27.98 16.81
CA ALA C 107 21.55 -28.72 15.71
C ALA C 107 21.44 -27.87 14.44
N MET C 108 21.45 -28.55 13.29
CA MET C 108 21.21 -27.86 12.01
C MET C 108 20.19 -28.56 11.14
N LEU C 109 19.31 -27.77 10.56
CA LEU C 109 18.33 -28.29 9.63
C LEU C 109 18.53 -27.55 8.32
N ASP C 110 19.02 -28.29 7.32
CA ASP C 110 19.42 -27.73 6.04
C ASP C 110 18.24 -27.65 5.07
N ASP C 111 18.08 -26.50 4.41
CA ASP C 111 17.01 -26.26 3.42
C ASP C 111 15.58 -26.50 3.91
N ALA C 112 15.22 -25.88 5.04
CA ALA C 112 13.86 -25.94 5.55
C ALA C 112 12.85 -25.48 4.49
N THR C 113 11.80 -26.30 4.31
CA THR C 113 10.69 -26.00 3.39
C THR C 113 9.56 -25.25 4.09
N THR C 114 8.61 -24.77 3.29
CA THR C 114 7.39 -24.15 3.83
C THR C 114 6.65 -25.11 4.76
N THR C 115 6.71 -26.40 4.48
CA THR C 115 6.14 -27.43 5.35
C THR C 115 6.88 -27.47 6.69
N CYS C 116 8.21 -27.37 6.66
CA CYS C 116 9.03 -27.29 7.87
C CYS C 116 8.61 -26.12 8.74
N TRP C 117 8.45 -24.95 8.12
CA TRP C 117 8.09 -23.75 8.83
C TRP C 117 6.70 -23.84 9.47
N THR C 118 5.74 -24.42 8.73
CA THR C 118 4.38 -24.62 9.23
C THR C 118 4.44 -25.52 10.46
N TYR C 119 5.23 -26.59 10.34
CA TYR C 119 5.48 -27.47 11.47
C TYR C 119 6.09 -26.71 12.65
N PHE C 120 7.16 -25.95 12.43
CA PHE C 120 7.78 -25.14 13.51
C PHE C 120 6.80 -24.18 14.16
N ASP C 121 6.03 -23.48 13.33
CA ASP C 121 5.04 -22.51 13.77
C ASP C 121 3.97 -23.12 14.68
N THR C 122 3.64 -24.39 14.44
CA THR C 122 2.63 -25.10 15.20
C THR C 122 3.20 -25.97 16.33
N TYR C 123 4.22 -26.77 16.03
CA TYR C 123 4.66 -27.81 16.95
C TYR C 123 6.00 -27.56 17.66
N MET C 124 6.65 -26.44 17.35
CA MET C 124 7.95 -26.15 17.96
C MET C 124 7.95 -24.94 18.88
N ARG C 125 6.76 -24.46 19.27
CA ARG C 125 6.64 -23.24 20.09
C ARG C 125 7.37 -23.40 21.43
N ASN C 126 7.15 -24.54 22.08
CA ASN C 126 7.77 -24.81 23.37
C ASN C 126 9.27 -25.00 23.26
N ALA C 127 9.69 -25.76 22.25
CA ALA C 127 11.10 -25.95 21.93
C ALA C 127 11.82 -24.62 21.75
N LEU C 128 11.22 -23.72 20.95
CA LEU C 128 11.75 -22.38 20.72
C LEU C 128 11.69 -21.50 21.98
N ASP C 129 10.72 -21.78 22.86
CA ASP C 129 10.56 -21.05 24.13
C ASP C 129 11.48 -21.56 25.23
N GLY C 130 12.24 -22.61 24.91
CA GLY C 130 13.17 -23.21 25.85
C GLY C 130 12.48 -24.03 26.93
N ASN C 131 11.30 -24.56 26.62
CA ASN C 131 10.61 -25.49 27.50
C ASN C 131 10.90 -26.91 27.07
N PRO C 132 11.09 -27.82 28.02
CA PRO C 132 11.36 -29.22 27.70
C PRO C 132 10.18 -29.85 26.95
N ILE C 133 10.50 -30.73 26.01
CA ILE C 133 9.48 -31.45 25.28
C ILE C 133 9.65 -32.92 25.64
N SER C 134 8.57 -33.68 25.61
CA SER C 134 8.70 -35.10 25.92
C SER C 134 8.59 -35.94 24.65
N ILE C 135 9.35 -37.03 24.63
CA ILE C 135 9.41 -37.90 23.46
C ILE C 135 9.16 -39.35 23.86
N ASP C 136 8.17 -39.95 23.19
CA ASP C 136 7.90 -41.38 23.31
C ASP C 136 8.97 -42.15 22.56
N ARG C 137 9.54 -43.16 23.22
CA ARG C 137 10.44 -44.09 22.54
C ARG C 137 9.71 -45.42 22.31
N LYS C 138 10.47 -46.49 22.04
CA LYS C 138 9.88 -47.79 21.73
C LYS C 138 9.26 -48.46 22.98
N HIS C 139 10.06 -49.24 23.71
CA HIS C 139 9.63 -49.83 24.97
C HIS C 139 10.41 -49.19 26.10
N LYS C 140 10.60 -47.87 25.99
CA LYS C 140 11.33 -47.08 26.97
C LYS C 140 10.38 -46.11 27.67
N PRO C 141 10.77 -45.58 28.83
CA PRO C 141 9.96 -44.54 29.47
C PRO C 141 10.08 -43.23 28.70
N LEU C 142 9.06 -42.38 28.81
CA LEU C 142 9.09 -41.05 28.22
C LEU C 142 10.35 -40.32 28.66
N ILE C 143 10.97 -39.62 27.73
CA ILE C 143 12.16 -38.85 28.03
C ILE C 143 11.88 -37.38 27.70
N GLN C 144 12.43 -36.48 28.52
CA GLN C 144 12.30 -35.07 28.26
C GLN C 144 13.59 -34.54 27.69
N LEU C 145 13.46 -33.70 26.68
CA LEU C 145 14.61 -33.06 26.06
C LEU C 145 14.41 -31.55 26.08
N LYS C 146 15.43 -30.83 26.52
CA LYS C 146 15.46 -29.40 26.27
C LYS C 146 16.17 -29.22 24.93
N CYS C 147 15.45 -28.66 23.96
CA CYS C 147 15.97 -28.50 22.61
C CYS C 147 17.23 -27.64 22.61
N PRO C 148 18.31 -28.13 22.00
CA PRO C 148 19.52 -27.32 21.86
C PRO C 148 19.28 -26.20 20.84
N PRO C 149 20.14 -25.19 20.78
CA PRO C 149 20.03 -24.16 19.75
C PRO C 149 19.97 -24.82 18.34
N ILE C 150 19.06 -24.36 17.49
CA ILE C 150 18.91 -24.90 16.14
C ILE C 150 19.20 -23.85 15.10
N LEU C 151 20.15 -24.16 14.22
CA LEU C 151 20.41 -23.38 13.03
C LEU C 151 19.63 -24.01 11.89
N LEU C 152 18.89 -23.17 11.15
CA LEU C 152 18.21 -23.59 9.93
C LEU C 152 18.70 -22.77 8.75
N THR C 153 18.84 -23.40 7.60
CA THR C 153 19.02 -22.64 6.37
C THR C 153 17.73 -22.80 5.55
N THR C 154 17.42 -21.80 4.74
CA THR C 154 16.20 -21.84 3.95
C THR C 154 16.32 -20.86 2.79
N ASN C 155 15.53 -21.06 1.75
CA ASN C 155 15.47 -20.07 0.70
C ASN C 155 14.13 -19.32 0.76
N ILE C 156 13.36 -19.57 1.82
CA ILE C 156 12.09 -18.88 2.08
C ILE C 156 12.24 -18.13 3.38
N HIS C 157 12.26 -16.80 3.33
CA HIS C 157 12.29 -16.00 4.55
C HIS C 157 10.98 -16.23 5.33
N PRO C 158 11.07 -16.79 6.54
CA PRO C 158 9.89 -17.22 7.29
C PRO C 158 9.20 -16.14 8.13
N ALA C 159 9.69 -14.89 8.20
CA ALA C 159 9.18 -13.80 9.03
C ALA C 159 8.88 -12.53 8.23
N LYS C 160 8.38 -12.70 7.01
CA LYS C 160 8.14 -11.56 6.11
C LYS C 160 6.66 -11.20 5.89
N ASP C 161 5.76 -12.17 6.03
CA ASP C 161 4.36 -11.95 5.60
C ASP C 161 3.25 -12.50 6.51
N ASN C 162 3.51 -12.59 7.81
CA ASN C 162 2.52 -13.07 8.80
C ASN C 162 1.94 -14.46 8.51
N ARG C 163 2.61 -15.21 7.64
CA ARG C 163 2.26 -16.60 7.36
C ARG C 163 2.41 -17.49 8.59
N TRP C 164 3.47 -17.25 9.35
CA TRP C 164 3.76 -18.01 10.57
C TRP C 164 3.97 -17.04 11.74
N PRO C 165 2.86 -16.55 12.30
CA PRO C 165 2.90 -15.48 13.30
C PRO C 165 3.62 -15.86 14.59
N TYR C 166 3.51 -17.12 15.00
CA TYR C 166 4.15 -17.61 16.22
C TYR C 166 5.67 -17.74 16.08
N LEU C 167 6.13 -17.87 14.83
CA LEU C 167 7.56 -18.03 14.53
C LEU C 167 8.37 -16.74 14.68
N GLU C 168 7.78 -15.63 14.24
CA GLU C 168 8.50 -14.36 14.08
C GLU C 168 9.14 -13.83 15.37
N SER C 169 8.50 -14.09 16.47
CA SER C 169 9.03 -13.67 17.77
C SER C 169 9.97 -14.69 18.40
N ARG C 170 10.30 -15.75 17.66
CA ARG C 170 11.07 -16.88 18.19
C ARG C 170 12.29 -17.27 17.35
N ILE C 171 12.50 -16.55 16.24
CA ILE C 171 13.61 -16.84 15.34
C ILE C 171 14.36 -15.54 15.02
N THR C 172 15.63 -15.68 14.67
CA THR C 172 16.44 -14.57 14.18
C THR C 172 16.96 -14.93 12.78
N VAL C 173 16.59 -14.11 11.80
CA VAL C 173 16.89 -14.39 10.39
C VAL C 173 17.97 -13.44 9.87
N PHE C 174 19.00 -14.02 9.25
CA PHE C 174 20.00 -13.27 8.50
C PHE C 174 19.87 -13.65 7.05
N GLU C 175 19.79 -12.64 6.21
CA GLU C 175 19.66 -12.83 4.77
C GLU C 175 21.05 -12.87 4.13
N PHE C 176 21.18 -13.74 3.15
CA PHE C 176 22.41 -13.89 2.39
C PHE C 176 22.10 -13.59 0.92
N PRO C 177 22.37 -12.37 0.45
CA PRO C 177 22.00 -12.02 -0.91
C PRO C 177 22.98 -12.43 -2.01
N ASN C 178 24.27 -12.45 -1.70
CA ASN C 178 25.33 -12.51 -2.73
C ASN C 178 25.94 -13.89 -2.93
N ALA C 179 26.30 -14.19 -4.17
CA ALA C 179 26.88 -15.48 -4.50
C ALA C 179 28.20 -15.66 -3.76
N PHE C 180 28.48 -16.89 -3.33
CA PHE C 180 29.72 -17.21 -2.64
C PHE C 180 30.88 -16.84 -3.56
N PRO C 181 31.77 -15.95 -3.11
CA PRO C 181 32.81 -15.41 -3.99
C PRO C 181 34.04 -16.30 -4.10
N PHE C 182 34.57 -16.43 -5.30
CA PHE C 182 35.75 -17.27 -5.53
C PHE C 182 36.72 -16.59 -6.49
N ASP C 183 38.00 -17.00 -6.42
CA ASP C 183 39.04 -16.41 -7.26
C ASP C 183 39.11 -17.02 -8.66
N LYS C 184 40.19 -16.73 -9.38
CA LYS C 184 40.38 -17.17 -10.76
C LYS C 184 40.27 -18.69 -10.95
N ASN C 185 40.79 -19.44 -9.97
CA ASN C 185 40.84 -20.89 -10.01
C ASN C 185 39.59 -21.56 -9.45
N GLY C 186 38.66 -20.75 -8.95
CA GLY C 186 37.45 -21.28 -8.36
C GLY C 186 37.62 -21.63 -6.90
N ASN C 187 38.73 -21.19 -6.31
CA ASN C 187 38.96 -21.32 -4.87
C ASN C 187 38.28 -20.20 -4.11
N PRO C 188 37.65 -20.53 -2.97
CA PRO C 188 36.95 -19.52 -2.15
C PRO C 188 37.84 -18.30 -1.90
N VAL C 189 37.25 -17.11 -2.03
CA VAL C 189 37.91 -15.90 -1.55
C VAL C 189 38.04 -16.00 -0.03
N TYR C 190 36.97 -16.48 0.63
CA TYR C 190 36.97 -16.61 2.10
C TYR C 190 37.04 -18.05 2.55
N GLU C 191 38.10 -18.39 3.26
CA GLU C 191 38.30 -19.75 3.71
C GLU C 191 37.75 -19.92 5.14
N ILE C 192 36.76 -20.78 5.26
CA ILE C 192 36.08 -21.02 6.53
C ILE C 192 36.24 -22.47 6.97
N ASN C 193 36.93 -22.67 8.09
CA ASN C 193 37.24 -24.00 8.59
C ASN C 193 37.36 -23.97 10.11
N ASP C 194 37.66 -25.12 10.71
CA ASP C 194 37.79 -25.25 12.19
C ASP C 194 38.79 -24.28 12.82
N LYS C 195 39.96 -24.13 12.21
CA LYS C 195 40.98 -23.23 12.75
C LYS C 195 40.48 -21.79 12.77
N ASN C 196 39.75 -21.42 11.73
CA ASN C 196 39.21 -20.06 11.64
C ASN C 196 38.08 -19.80 12.62
N TRP C 197 37.21 -20.78 12.84
CA TRP C 197 36.20 -20.70 13.89
C TRP C 197 36.83 -20.63 15.29
N LYS C 198 37.91 -21.40 15.48
CA LYS C 198 38.64 -21.36 16.75
C LYS C 198 39.15 -19.94 17.04
N CYS C 199 39.78 -19.31 16.05
CA CYS C 199 40.24 -17.92 16.17
C CYS C 199 39.12 -16.92 16.38
N PHE C 200 37.98 -17.16 15.71
CA PHE C 200 36.76 -16.38 15.94
C PHE C 200 36.31 -16.41 17.41
N PHE C 201 36.25 -17.61 18.00
CA PHE C 201 35.87 -17.71 19.40
C PHE C 201 36.87 -17.10 20.37
N GLU C 202 38.16 -17.21 20.06
CA GLU C 202 39.19 -16.55 20.85
C GLU C 202 39.03 -15.03 20.87
N ARG C 203 38.82 -14.44 19.71
CA ARG C 203 38.65 -12.98 19.61
C ARG C 203 37.34 -12.44 20.20
N THR C 204 36.27 -13.23 20.18
CA THR C 204 34.98 -12.76 20.68
C THR C 204 34.57 -13.31 22.05
N TRP C 205 35.45 -14.12 22.64
CA TRP C 205 35.14 -14.82 23.89
C TRP C 205 34.48 -13.97 24.98
N SER C 206 35.13 -12.87 25.35
CA SER C 206 34.62 -12.02 26.42
C SER C 206 33.31 -11.32 26.01
N ARG C 207 33.20 -10.99 24.74
CA ARG C 207 31.97 -10.40 24.20
C ARG C 207 30.78 -11.37 24.20
N LEU C 208 31.02 -12.64 23.87
CA LEU C 208 29.97 -13.65 23.95
C LEU C 208 29.60 -13.98 25.40
N ASP C 209 30.47 -13.58 26.32
CA ASP C 209 30.35 -13.93 27.74
C ASP C 209 29.87 -15.36 27.98
N LEU C 210 30.65 -16.31 27.46
CA LEU C 210 30.41 -17.74 27.68
C LEU C 210 29.34 -18.33 26.74
N THR D 6 41.68 6.40 -13.44
CA THR D 6 41.51 4.94 -13.14
C THR D 6 40.62 4.74 -11.91
N PRO D 7 39.33 5.07 -12.04
CA PRO D 7 38.41 5.07 -10.90
C PRO D 7 38.32 3.69 -10.24
N LYS D 8 38.07 2.65 -11.03
CA LYS D 8 37.95 1.29 -10.52
C LYS D 8 39.14 0.91 -9.63
N GLU D 9 40.35 1.18 -10.12
CA GLU D 9 41.57 0.87 -9.39
C GLU D 9 41.73 1.68 -8.10
N THR D 10 41.38 2.95 -8.18
CA THR D 10 41.40 3.84 -7.02
C THR D 10 40.41 3.38 -5.96
N LEU D 11 39.16 3.17 -6.37
CA LEU D 11 38.10 2.72 -5.48
C LEU D 11 38.40 1.36 -4.84
N SER D 12 38.99 0.46 -5.62
CA SER D 12 39.31 -0.91 -5.15
C SER D 12 40.44 -0.89 -4.12
N GLU D 13 41.38 0.01 -4.34
CA GLU D 13 42.49 0.25 -3.43
C GLU D 13 41.95 0.81 -2.11
N ARG D 14 41.10 1.83 -2.19
CA ARG D 14 40.55 2.47 -0.99
C ARG D 14 39.64 1.50 -0.21
N LEU D 15 38.79 0.77 -0.92
CA LEU D 15 37.82 -0.13 -0.28
C LEU D 15 38.52 -1.22 0.53
N SER D 16 39.55 -1.80 -0.07
CA SER D 16 40.35 -2.87 0.53
C SER D 16 41.04 -2.42 1.81
N ALA D 17 41.65 -1.23 1.76
CA ALA D 17 42.26 -0.61 2.94
C ALA D 17 41.22 -0.24 4.00
N LEU D 18 40.08 0.29 3.58
CA LEU D 18 38.99 0.65 4.50
C LEU D 18 38.42 -0.55 5.25
N GLN D 19 38.16 -1.62 4.49
CA GLN D 19 37.53 -2.81 5.04
C GLN D 19 38.44 -3.56 6.00
N ASP D 20 39.74 -3.54 5.73
CA ASP D 20 40.73 -3.99 6.69
C ASP D 20 40.70 -3.23 8.02
N LYS D 21 40.63 -1.90 7.95
CA LYS D 21 40.54 -1.08 9.17
C LYS D 21 39.27 -1.33 9.96
N ILE D 22 38.16 -1.55 9.25
CA ILE D 22 36.90 -1.90 9.90
C ILE D 22 37.06 -3.15 10.79
N ILE D 23 37.67 -4.20 10.25
CA ILE D 23 37.88 -5.46 11.02
C ILE D 23 38.84 -5.19 12.17
N ASP D 24 39.86 -4.36 11.92
CA ASP D 24 40.76 -3.90 12.98
C ASP D 24 39.96 -3.35 14.15
N HIS D 25 38.92 -2.56 13.87
CA HIS D 25 38.08 -2.02 14.95
C HIS D 25 37.42 -3.14 15.75
N TYR D 26 36.91 -4.14 15.05
CA TYR D 26 36.27 -5.30 15.72
C TYR D 26 37.25 -6.04 16.61
N GLU D 27 38.50 -6.22 16.15
CA GLU D 27 39.56 -6.87 16.92
C GLU D 27 39.96 -6.09 18.18
N ASN D 28 40.02 -4.76 18.06
CA ASN D 28 40.55 -3.91 19.10
C ASN D 28 39.55 -3.74 20.22
N ASP D 29 38.27 -3.70 19.84
CA ASP D 29 37.17 -3.51 20.80
C ASP D 29 37.51 -2.37 21.77
N SER D 30 37.92 -1.23 21.20
CA SER D 30 38.24 -0.03 21.98
C SER D 30 37.07 0.45 22.86
N LYS D 31 37.42 1.13 23.94
CA LYS D 31 36.45 1.75 24.85
C LYS D 31 36.51 3.29 24.72
N ASP D 32 37.27 3.76 23.73
CA ASP D 32 37.44 5.19 23.45
C ASP D 32 36.39 5.66 22.44
N ILE D 33 35.58 6.64 22.86
CA ILE D 33 34.57 7.22 21.98
C ILE D 33 35.16 7.70 20.65
N ASP D 34 36.39 8.19 20.67
CA ASP D 34 37.08 8.64 19.46
C ASP D 34 37.28 7.52 18.44
N SER D 35 37.46 6.28 18.92
CA SER D 35 37.52 5.12 18.04
C SER D 35 36.18 4.86 17.35
N GLN D 36 35.09 5.06 18.09
CA GLN D 36 33.75 4.86 17.57
C GLN D 36 33.39 5.89 16.49
N ILE D 37 33.82 7.14 16.69
CA ILE D 37 33.72 8.18 15.66
C ILE D 37 34.47 7.74 14.40
N GLN D 38 35.72 7.31 14.57
CA GLN D 38 36.51 6.81 13.47
C GLN D 38 35.81 5.63 12.79
N TYR D 39 35.24 4.74 13.58
CA TYR D 39 34.52 3.61 13.01
C TYR D 39 33.41 4.05 12.05
N TRP D 40 32.53 4.91 12.51
CA TRP D 40 31.40 5.39 11.71
C TRP D 40 31.82 6.22 10.48
N GLN D 41 32.97 6.87 10.59
CA GLN D 41 33.63 7.54 9.46
C GLN D 41 34.05 6.51 8.40
N LEU D 42 34.64 5.39 8.82
CA LEU D 42 34.97 4.32 7.87
C LEU D 42 33.71 3.78 7.17
N ILE D 43 32.64 3.58 7.90
CA ILE D 43 31.37 3.10 7.33
C ILE D 43 30.80 4.11 6.32
N ARG D 44 30.88 5.39 6.67
CA ARG D 44 30.46 6.46 5.77
C ARG D 44 31.26 6.38 4.49
N TRP D 45 32.58 6.27 4.66
CA TRP D 45 33.50 6.20 3.51
C TRP D 45 33.29 4.96 2.65
N GLU D 46 33.07 3.80 3.28
CA GLU D 46 32.80 2.56 2.56
C GLU D 46 31.60 2.70 1.63
N ASN D 47 30.50 3.22 2.18
CA ASN D 47 29.29 3.40 1.41
C ASN D 47 29.35 4.50 0.33
N ALA D 48 30.20 5.50 0.54
CA ALA D 48 30.46 6.51 -0.47
C ALA D 48 31.25 5.91 -1.64
N ILE D 49 32.18 5.02 -1.33
CA ILE D 49 32.88 4.27 -2.37
C ILE D 49 31.92 3.43 -3.23
N PHE D 50 30.97 2.76 -2.56
CA PHE D 50 30.02 1.90 -3.27
C PHE D 50 29.08 2.72 -4.17
N PHE D 51 28.60 3.84 -3.65
CA PHE D 51 27.81 4.80 -4.41
C PHE D 51 28.58 5.31 -5.64
N ALA D 52 29.82 5.74 -5.42
CA ALA D 52 30.70 6.17 -6.51
C ALA D 52 30.90 5.05 -7.55
N ALA D 53 31.14 3.82 -7.08
CA ALA D 53 31.35 2.69 -7.96
C ALA D 53 30.15 2.49 -8.87
N ARG D 54 28.96 2.59 -8.29
CA ARG D 54 27.69 2.44 -9.02
C ARG D 54 27.53 3.51 -10.13
N GLU D 55 27.95 4.73 -9.83
CA GLU D 55 27.87 5.85 -10.78
C GLU D 55 28.81 5.64 -11.95
N HIS D 56 29.97 5.04 -11.67
CA HIS D 56 30.91 4.67 -12.71
C HIS D 56 30.50 3.38 -13.43
N GLY D 57 29.39 2.78 -13.01
CA GLY D 57 28.88 1.54 -13.62
C GLY D 57 29.67 0.29 -13.27
N ILE D 58 30.38 0.35 -12.13
CA ILE D 58 31.16 -0.80 -11.64
C ILE D 58 30.25 -1.72 -10.83
N GLN D 59 30.29 -3.02 -11.14
CA GLN D 59 29.40 -3.99 -10.50
C GLN D 59 30.04 -4.65 -9.27
N THR D 60 31.35 -4.86 -9.30
CA THR D 60 32.09 -5.41 -8.16
C THR D 60 33.45 -4.72 -7.97
N LEU D 61 33.80 -4.47 -6.71
CA LEU D 61 35.15 -4.05 -6.35
C LEU D 61 35.73 -5.12 -5.44
N ASN D 62 36.96 -5.55 -5.69
CA ASN D 62 37.65 -6.56 -4.86
C ASN D 62 36.76 -7.74 -4.45
N HIS D 63 36.00 -8.26 -5.40
CA HIS D 63 35.02 -9.33 -5.18
C HIS D 63 33.72 -8.90 -4.50
N GLN D 64 33.73 -7.72 -3.86
CA GLN D 64 32.54 -7.23 -3.15
C GLN D 64 31.49 -6.82 -4.17
N VAL D 65 30.26 -7.28 -3.98
CA VAL D 65 29.15 -6.87 -4.84
C VAL D 65 28.75 -5.45 -4.46
N VAL D 66 28.79 -4.54 -5.44
CA VAL D 66 28.38 -3.15 -5.22
C VAL D 66 26.87 -3.14 -4.94
N PRO D 67 26.47 -2.68 -3.74
CA PRO D 67 25.05 -2.66 -3.38
C PRO D 67 24.22 -1.70 -4.23
N ALA D 68 22.90 -1.77 -4.06
CA ALA D 68 21.98 -0.90 -4.76
C ALA D 68 22.21 0.56 -4.39
N TYR D 69 22.05 1.42 -5.39
CA TYR D 69 22.14 2.88 -5.28
C TYR D 69 21.48 3.46 -4.02
N ASN D 70 20.22 3.13 -3.77
CA ASN D 70 19.49 3.64 -2.60
C ASN D 70 20.00 3.12 -1.26
N ILE D 71 20.62 1.93 -1.28
CA ILE D 71 21.19 1.30 -0.09
C ILE D 71 22.50 1.96 0.36
N SER D 72 23.46 2.14 -0.55
CA SER D 72 24.72 2.77 -0.16
C SER D 72 24.50 4.24 0.24
N LYS D 73 23.58 4.90 -0.46
CA LYS D 73 23.17 6.27 -0.16
C LYS D 73 22.61 6.40 1.26
N SER D 74 21.62 5.58 1.57
CA SER D 74 20.97 5.63 2.87
C SER D 74 21.90 5.20 4.02
N LYS D 75 22.82 4.27 3.74
CA LYS D 75 23.79 3.80 4.75
C LYS D 75 24.87 4.86 5.00
N ALA D 76 25.26 5.58 3.96
CA ALA D 76 26.14 6.73 4.10
C ALA D 76 25.52 7.79 5.03
N HIS D 77 24.24 8.09 4.81
CA HIS D 77 23.47 9.06 5.61
C HIS D 77 23.35 8.65 7.07
N LYS D 78 23.02 7.38 7.29
CA LYS D 78 22.92 6.82 8.62
C LYS D 78 24.27 6.85 9.33
N ALA D 79 25.36 6.59 8.61
CA ALA D 79 26.70 6.62 9.20
C ALA D 79 27.07 8.04 9.63
N ILE D 80 26.71 9.03 8.80
CA ILE D 80 26.95 10.43 9.14
C ILE D 80 26.16 10.84 10.37
N GLU D 81 24.88 10.45 10.43
CA GLU D 81 24.04 10.72 11.60
C GLU D 81 24.70 10.21 12.91
N LEU D 82 25.17 8.96 12.89
CA LEU D 82 25.87 8.37 14.05
C LEU D 82 27.20 9.05 14.37
N GLN D 83 28.00 9.29 13.33
CA GLN D 83 29.28 9.96 13.50
C GLN D 83 29.09 11.36 14.11
N MET D 84 28.11 12.11 13.62
CA MET D 84 27.79 13.45 14.14
C MET D 84 27.29 13.40 15.57
N ALA D 85 26.44 12.42 15.88
CA ALA D 85 25.94 12.24 17.26
C ALA D 85 27.06 11.91 18.22
N LEU D 86 28.01 11.09 17.76
CA LEU D 86 29.15 10.66 18.58
C LEU D 86 30.19 11.78 18.75
N GLN D 87 30.39 12.57 17.71
CA GLN D 87 31.24 13.75 17.80
C GLN D 87 30.73 14.73 18.89
N GLY D 88 29.42 14.91 18.97
CA GLY D 88 28.81 15.72 20.02
C GLY D 88 29.05 15.12 21.40
N LEU D 89 28.90 13.80 21.48
CA LEU D 89 29.07 13.05 22.73
C LEU D 89 30.54 13.09 23.19
N ALA D 90 31.47 13.05 22.24
CA ALA D 90 32.89 13.10 22.54
C ALA D 90 33.34 14.45 23.11
N GLN D 91 32.50 15.47 22.95
CA GLN D 91 32.76 16.79 23.51
C GLN D 91 31.85 17.12 24.70
N SER D 92 31.18 16.10 25.24
CA SER D 92 30.33 16.27 26.42
C SER D 92 31.08 15.88 27.71
N ALA D 93 30.41 16.04 28.84
CA ALA D 93 30.93 15.61 30.14
C ALA D 93 31.14 14.09 30.24
N TYR D 94 30.63 13.34 29.27
CA TYR D 94 30.63 11.88 29.36
C TYR D 94 31.67 11.25 28.44
N LYS D 95 32.54 12.09 27.86
CA LYS D 95 33.56 11.65 26.92
C LYS D 95 34.59 10.64 27.46
N THR D 96 34.83 10.66 28.78
CA THR D 96 35.82 9.73 29.37
C THR D 96 35.23 8.40 29.83
N GLU D 97 33.91 8.24 29.77
CA GLU D 97 33.28 6.93 30.01
C GLU D 97 33.75 5.93 28.95
N ASP D 98 33.56 4.64 29.20
CA ASP D 98 33.78 3.63 28.16
C ASP D 98 32.66 3.75 27.15
N TRP D 99 33.04 3.79 25.88
CA TRP D 99 32.08 3.81 24.77
C TRP D 99 32.58 2.78 23.76
N THR D 100 31.86 1.67 23.68
CA THR D 100 32.30 0.52 22.90
C THR D 100 31.56 0.46 21.58
N LEU D 101 31.99 -0.46 20.72
CA LEU D 101 31.25 -0.76 19.48
C LEU D 101 29.79 -1.11 19.77
N GLN D 102 29.57 -1.90 20.82
CA GLN D 102 28.23 -2.29 21.25
C GLN D 102 27.36 -1.10 21.69
N ASP D 103 27.95 -0.20 22.49
CA ASP D 103 27.25 1.00 22.98
C ASP D 103 26.77 1.89 21.85
N THR D 104 27.47 1.84 20.72
CA THR D 104 27.31 2.84 19.65
C THR D 104 26.97 2.22 18.30
N CYS D 105 26.35 1.04 18.33
CA CYS D 105 25.97 0.35 17.09
C CYS D 105 24.58 0.80 16.65
N GLU D 106 24.26 0.52 15.40
CA GLU D 106 23.02 1.00 14.81
C GLU D 106 21.82 0.29 15.40
N GLU D 107 21.96 -0.99 15.72
CA GLU D 107 20.89 -1.74 16.35
C GLU D 107 20.43 -1.06 17.63
N LEU D 108 21.37 -0.65 18.48
CA LEU D 108 21.02 0.02 19.73
C LEU D 108 20.46 1.43 19.47
N TRP D 109 21.05 2.14 18.52
CA TRP D 109 20.61 3.48 18.11
C TRP D 109 19.12 3.47 17.75
N ASN D 110 18.69 2.37 17.14
CA ASN D 110 17.30 2.20 16.72
C ASN D 110 16.42 1.48 17.72
N THR D 111 16.94 1.26 18.93
CA THR D 111 16.17 0.72 20.05
C THR D 111 15.63 1.89 20.88
N GLU D 112 14.42 1.75 21.40
CA GLU D 112 13.82 2.79 22.25
C GLU D 112 14.62 3.02 23.53
N PRO D 113 14.93 4.28 23.89
CA PRO D 113 14.58 5.48 23.10
C PRO D 113 15.54 5.70 21.93
N THR D 114 14.97 5.82 20.74
CA THR D 114 15.76 5.94 19.51
C THR D 114 16.45 7.29 19.44
N HIS D 115 17.60 7.31 18.77
CA HIS D 115 18.40 8.52 18.58
C HIS D 115 18.92 9.10 19.90
N CYS D 116 19.03 8.19 20.86
CA CYS D 116 19.66 8.43 22.16
C CYS D 116 20.69 7.34 22.36
N PHE D 117 21.64 7.60 23.26
CA PHE D 117 22.50 6.54 23.73
C PHE D 117 21.96 6.06 25.06
N LYS D 118 22.29 4.82 25.40
CA LYS D 118 21.81 4.22 26.64
C LYS D 118 22.74 3.13 27.13
N LYS D 119 22.85 3.05 28.46
CA LYS D 119 23.68 2.06 29.12
C LYS D 119 22.98 1.52 30.34
N GLY D 120 23.33 0.29 30.72
CA GLY D 120 22.84 -0.32 31.96
C GLY D 120 21.40 -0.81 31.94
N GLY D 121 21.12 -1.76 31.06
CA GLY D 121 19.79 -2.35 30.97
C GLY D 121 19.31 -3.12 32.20
N GLN D 122 18.18 -2.69 32.75
CA GLN D 122 17.49 -3.36 33.84
C GLN D 122 16.16 -3.91 33.32
N THR D 123 15.79 -5.10 33.77
CA THR D 123 14.58 -5.77 33.26
C THR D 123 13.31 -5.32 33.97
N VAL D 124 12.30 -4.99 33.18
CA VAL D 124 10.95 -4.70 33.68
C VAL D 124 10.03 -5.79 33.13
N GLN D 125 9.24 -6.41 34.00
CA GLN D 125 8.29 -7.43 33.57
C GLN D 125 6.87 -6.92 33.72
N VAL D 126 6.07 -7.08 32.68
CA VAL D 126 4.69 -6.63 32.71
C VAL D 126 3.74 -7.77 32.34
N TYR D 127 2.71 -7.96 33.16
CA TYR D 127 1.66 -8.93 32.92
C TYR D 127 0.38 -8.20 32.54
N PHE D 128 -0.10 -8.43 31.33
CA PHE D 128 -1.29 -7.71 30.86
C PHE D 128 -2.58 -8.47 31.15
N ASP D 129 -3.62 -7.72 31.51
CA ASP D 129 -5.00 -8.23 31.56
C ASP D 129 -5.36 -9.14 32.73
N GLY D 130 -4.62 -9.01 33.84
CA GLY D 130 -4.80 -9.90 35.00
C GLY D 130 -4.50 -11.32 34.59
N ASN D 131 -3.68 -11.46 33.55
CA ASN D 131 -3.42 -12.75 32.92
C ASN D 131 -1.93 -13.05 32.90
N LYS D 132 -1.57 -14.13 33.58
CA LYS D 132 -0.19 -14.52 33.83
C LYS D 132 0.62 -14.87 32.58
N ASP D 133 -0.06 -15.32 31.53
CA ASP D 133 0.63 -15.70 30.29
C ASP D 133 0.82 -14.54 29.30
N ASN D 134 0.12 -13.43 29.53
CA ASN D 134 0.29 -12.21 28.74
C ASN D 134 1.46 -11.42 29.30
N CYS D 135 2.66 -11.95 29.11
CA CYS D 135 3.83 -11.43 29.81
C CYS D 135 4.84 -10.88 28.83
N MET D 136 5.36 -9.69 29.15
CA MET D 136 6.38 -9.07 28.32
C MET D 136 7.48 -8.43 29.16
N THR D 137 8.70 -8.51 28.63
CA THR D 137 9.90 -7.98 29.27
C THR D 137 10.38 -6.74 28.51
N TYR D 138 10.73 -5.68 29.25
CA TYR D 138 11.26 -4.45 28.66
C TYR D 138 12.52 -4.03 29.40
N VAL D 139 13.36 -3.21 28.75
CA VAL D 139 14.60 -2.75 29.36
C VAL D 139 14.46 -1.31 29.87
N ALA D 140 14.62 -1.13 31.19
CA ALA D 140 14.69 0.19 31.80
C ALA D 140 16.16 0.60 31.95
N TRP D 141 16.64 1.46 31.05
CA TRP D 141 18.05 1.86 31.03
C TRP D 141 18.46 2.67 32.25
N ASP D 142 19.57 2.28 32.89
CA ASP D 142 20.13 3.04 34.01
C ASP D 142 20.44 4.48 33.60
N SER D 143 21.00 4.66 32.41
CA SER D 143 21.33 5.98 31.87
C SER D 143 20.85 6.13 30.42
N VAL D 144 20.16 7.23 30.17
CA VAL D 144 19.74 7.62 28.83
C VAL D 144 20.49 8.93 28.52
N TYR D 145 21.17 8.95 27.38
CA TYR D 145 21.90 10.13 26.92
C TYR D 145 21.13 10.74 25.75
N TYR D 146 20.63 11.95 25.95
CA TYR D 146 19.77 12.61 24.97
C TYR D 146 20.27 14.02 24.61
N MET D 147 19.87 14.47 23.41
CA MET D 147 20.18 15.79 22.90
C MET D 147 19.23 16.83 23.49
N THR D 148 19.79 17.91 24.05
CA THR D 148 19.00 18.96 24.68
C THR D 148 18.78 20.11 23.71
N ASP D 149 17.86 21.01 24.08
CA ASP D 149 17.57 22.23 23.32
C ASP D 149 18.82 23.05 23.06
N ALA D 150 19.76 23.01 24.00
CA ALA D 150 20.99 23.81 23.92
C ALA D 150 22.11 23.19 23.08
N GLY D 151 21.80 22.08 22.40
CA GLY D 151 22.75 21.42 21.50
C GLY D 151 23.80 20.54 22.15
N THR D 152 23.60 20.22 23.42
CA THR D 152 24.53 19.34 24.14
C THR D 152 23.86 18.02 24.49
N TRP D 153 24.67 17.03 24.85
CA TRP D 153 24.17 15.75 25.30
C TRP D 153 24.06 15.76 26.82
N ASP D 154 22.96 15.22 27.35
CA ASP D 154 22.80 15.09 28.80
C ASP D 154 22.47 13.64 29.13
N LYS D 155 22.67 13.29 30.41
CA LYS D 155 22.50 11.94 30.91
C LYS D 155 21.47 11.95 32.02
N THR D 156 20.54 10.99 31.99
CA THR D 156 19.52 10.89 33.02
C THR D 156 19.05 9.44 33.21
N ALA D 157 18.40 9.17 34.33
CA ALA D 157 17.91 7.82 34.64
C ALA D 157 16.55 7.53 34.02
N THR D 158 16.29 6.26 33.74
CA THR D 158 14.95 5.81 33.40
C THR D 158 14.10 5.74 34.66
N CYS D 159 12.85 6.17 34.53
CA CYS D 159 11.85 6.02 35.56
C CYS D 159 10.83 4.97 35.10
N VAL D 160 10.31 4.21 36.06
CA VAL D 160 9.31 3.18 35.79
C VAL D 160 8.05 3.56 36.55
N SER D 161 6.92 3.57 35.85
CA SER D 161 5.61 3.84 36.46
C SER D 161 4.58 2.92 35.84
N HIS D 162 3.36 2.93 36.36
CA HIS D 162 2.29 2.11 35.75
C HIS D 162 2.08 2.45 34.27
N ARG D 163 2.27 3.73 33.93
CA ARG D 163 2.06 4.20 32.57
C ARG D 163 3.11 3.67 31.59
N GLY D 164 4.35 3.52 32.06
CA GLY D 164 5.42 3.06 31.18
C GLY D 164 6.83 3.39 31.64
N LEU D 165 7.75 3.34 30.69
CA LEU D 165 9.14 3.71 30.93
C LEU D 165 9.43 5.07 30.31
N TYR D 166 9.98 5.96 31.12
CA TYR D 166 10.26 7.31 30.69
C TYR D 166 11.54 7.87 31.31
N TYR D 167 11.97 9.01 30.79
CA TYR D 167 13.12 9.75 31.33
C TYR D 167 12.76 11.22 31.30
N VAL D 168 13.32 11.99 32.23
CA VAL D 168 13.04 13.42 32.29
C VAL D 168 13.91 14.11 31.27
N LYS D 169 13.24 14.77 30.32
CA LYS D 169 13.92 15.48 29.26
C LYS D 169 13.56 16.95 29.42
N GLU D 170 14.50 17.70 29.99
CA GLU D 170 14.36 19.15 30.21
C GLU D 170 13.02 19.50 30.86
N GLY D 171 12.76 18.89 32.01
CA GLY D 171 11.52 19.13 32.74
C GLY D 171 10.30 18.39 32.22
N TYR D 172 10.46 17.57 31.17
CA TYR D 172 9.32 16.86 30.60
C TYR D 172 9.49 15.33 30.63
N ASN D 173 8.53 14.66 31.27
CA ASN D 173 8.52 13.20 31.36
C ASN D 173 8.32 12.58 29.97
N THR D 174 9.37 11.96 29.45
CA THR D 174 9.41 11.50 28.07
C THR D 174 9.38 9.96 27.96
N PHE D 175 8.24 9.44 27.53
CA PHE D 175 7.99 8.00 27.48
C PHE D 175 8.57 7.32 26.24
N TYR D 176 9.24 6.20 26.44
CA TYR D 176 9.73 5.43 25.30
C TYR D 176 9.10 4.06 25.22
N ILE D 177 8.42 3.67 26.29
CA ILE D 177 7.48 2.55 26.25
C ILE D 177 6.22 3.03 26.95
N GLU D 178 5.09 2.88 26.26
CA GLU D 178 3.78 3.17 26.82
C GLU D 178 3.05 1.83 26.97
N PHE D 179 2.78 1.44 28.22
CA PHE D 179 2.18 0.13 28.51
C PHE D 179 0.74 -0.03 28.01
N LYS D 180 0.05 1.09 27.84
CA LYS D 180 -1.29 1.12 27.26
C LYS D 180 -1.26 0.63 25.81
N SER D 181 -0.31 1.15 25.02
CA SER D 181 -0.09 0.71 23.64
C SER D 181 0.29 -0.77 23.56
N GLU D 182 1.12 -1.21 24.49
CA GLU D 182 1.56 -2.60 24.54
C GLU D 182 0.42 -3.55 24.91
N CYS D 183 -0.46 -3.10 25.80
CA CYS D 183 -1.63 -3.88 26.22
C CYS D 183 -2.58 -4.20 25.05
N GLU D 184 -2.69 -3.27 24.12
CA GLU D 184 -3.49 -3.44 22.91
C GLU D 184 -3.12 -4.70 22.13
N LYS D 185 -1.90 -5.17 22.35
CA LYS D 185 -1.38 -6.32 21.62
C LYS D 185 -1.79 -7.62 22.31
N TYR D 186 -2.38 -7.49 23.49
CA TYR D 186 -2.78 -8.64 24.28
C TYR D 186 -4.31 -8.74 24.40
N GLY D 187 -4.85 -8.65 25.61
CA GLY D 187 -6.31 -8.66 25.81
C GLY D 187 -6.93 -7.29 25.70
N ASN D 188 -6.09 -6.26 25.65
CA ASN D 188 -6.53 -4.86 25.50
C ASN D 188 -7.53 -4.41 26.58
N THR D 189 -7.35 -4.90 27.80
CA THR D 189 -8.27 -4.57 28.90
C THR D 189 -7.96 -3.20 29.47
N GLY D 190 -6.76 -2.70 29.17
CA GLY D 190 -6.29 -1.44 29.74
C GLY D 190 -5.85 -1.63 31.16
N THR D 191 -5.65 -2.89 31.55
CA THR D 191 -5.10 -3.24 32.85
C THR D 191 -3.88 -4.11 32.64
N TRP D 192 -2.90 -3.95 33.54
CA TRP D 192 -1.65 -4.69 33.52
C TRP D 192 -0.96 -4.53 34.87
N GLU D 193 0.05 -5.37 35.11
CA GLU D 193 0.79 -5.35 36.37
C GLU D 193 2.29 -5.21 36.09
N VAL D 194 2.91 -4.17 36.67
CA VAL D 194 4.33 -3.88 36.42
C VAL D 194 5.25 -4.39 37.55
N HIS D 195 6.14 -5.30 37.20
CA HIS D 195 7.13 -5.86 38.13
C HIS D 195 8.54 -5.35 37.75
N PHE D 196 9.09 -4.48 38.60
CA PHE D 196 10.40 -3.91 38.36
C PHE D 196 11.41 -4.45 39.38
N GLY D 197 11.98 -5.61 39.05
CA GLY D 197 12.97 -6.29 39.88
C GLY D 197 12.50 -6.69 41.27
N ASN D 198 12.23 -5.67 42.09
CA ASN D 198 12.00 -5.84 43.52
C ASN D 198 10.53 -5.77 43.92
N ASN D 199 9.79 -4.84 43.31
CA ASN D 199 8.40 -4.59 43.69
C ASN D 199 7.37 -4.66 42.56
N VAL D 200 6.12 -4.38 42.92
CA VAL D 200 5.01 -4.27 41.99
C VAL D 200 4.50 -2.82 42.08
N ILE D 201 4.40 -2.16 40.93
CA ILE D 201 4.02 -0.75 40.86
C ILE D 201 2.50 -0.58 40.80
N ASN E 9 26.67 -8.78 -86.50
CA ASN E 9 26.72 -9.06 -85.03
C ASN E 9 27.10 -10.51 -84.72
N MET E 10 27.32 -10.80 -83.44
CA MET E 10 27.70 -12.13 -82.97
C MET E 10 26.66 -13.19 -83.34
N SER E 11 25.38 -12.82 -83.22
CA SER E 11 24.28 -13.72 -83.60
C SER E 11 24.40 -14.10 -85.08
N GLN E 12 24.55 -13.08 -85.93
CA GLN E 12 24.78 -13.29 -87.36
C GLN E 12 26.00 -14.18 -87.58
N TRP E 13 27.08 -13.89 -86.86
CA TRP E 13 28.35 -14.58 -87.02
C TRP E 13 28.29 -16.07 -86.65
N ILE E 14 27.73 -16.39 -85.49
CA ILE E 14 27.56 -17.78 -85.05
C ILE E 14 26.63 -18.55 -86.01
N ARG E 15 25.57 -17.85 -86.47
CA ARG E 15 24.62 -18.38 -87.45
C ARG E 15 25.35 -18.79 -88.71
N PHE E 16 26.25 -17.92 -89.17
CA PHE E 16 27.05 -18.14 -90.37
C PHE E 16 28.06 -19.27 -90.19
N ARG E 17 28.75 -19.27 -89.05
CA ARG E 17 29.74 -20.32 -88.76
C ARG E 17 29.10 -21.71 -88.78
N CYS E 18 27.91 -21.81 -88.20
CA CYS E 18 27.16 -23.07 -88.19
C CYS E 18 26.79 -23.56 -89.59
N SER E 19 26.60 -22.63 -90.53
CA SER E 19 26.32 -22.94 -91.93
C SER E 19 27.43 -23.78 -92.57
N LYS E 20 28.68 -23.47 -92.23
CA LYS E 20 29.85 -24.10 -92.82
C LYS E 20 30.38 -25.29 -92.01
N ILE E 21 29.56 -25.78 -91.08
CA ILE E 21 29.91 -26.95 -90.27
C ILE E 21 28.86 -28.04 -90.45
N ASP E 22 29.33 -29.28 -90.61
CA ASP E 22 28.45 -30.42 -90.83
C ASP E 22 27.70 -30.86 -89.57
N GLU E 23 26.55 -31.50 -89.79
CA GLU E 23 25.71 -32.01 -88.71
C GLU E 23 26.17 -33.39 -88.26
N GLY E 24 25.46 -33.94 -87.27
CA GLY E 24 25.84 -35.24 -86.70
C GLY E 24 26.76 -35.10 -85.49
N GLY E 25 26.76 -33.91 -84.89
CA GLY E 25 27.51 -33.67 -83.66
C GLY E 25 26.68 -34.02 -82.45
N ASP E 26 27.23 -33.72 -81.28
CA ASP E 26 26.57 -33.99 -80.00
C ASP E 26 27.02 -32.91 -79.04
N TRP E 27 26.07 -32.16 -78.47
CA TRP E 27 26.40 -31.13 -77.49
C TRP E 27 26.84 -31.75 -76.15
N ARG E 28 26.47 -33.01 -75.94
CA ARG E 28 26.66 -33.68 -74.64
C ARG E 28 28.08 -33.69 -74.06
N PRO E 29 29.11 -34.04 -74.85
CA PRO E 29 30.50 -34.05 -74.35
C PRO E 29 31.00 -32.70 -73.84
N ILE E 30 30.50 -31.61 -74.41
CA ILE E 30 30.80 -30.26 -73.90
C ILE E 30 30.21 -30.12 -72.50
N VAL E 31 28.91 -30.38 -72.37
CA VAL E 31 28.23 -30.25 -71.09
C VAL E 31 28.84 -31.20 -70.07
N GLN E 32 29.03 -32.44 -70.46
CA GLN E 32 29.62 -33.46 -69.59
C GLN E 32 31.06 -33.14 -69.18
N PHE E 33 31.82 -32.50 -70.06
CA PHE E 33 33.19 -32.11 -69.73
C PHE E 33 33.17 -30.99 -68.70
N LEU E 34 32.25 -30.04 -68.87
CA LEU E 34 32.06 -29.00 -67.84
C LEU E 34 31.76 -29.59 -66.46
N ARG E 35 30.79 -30.51 -66.40
CA ARG E 35 30.38 -31.11 -65.13
C ARG E 35 31.50 -31.97 -64.55
N TYR E 36 32.24 -32.64 -65.43
CA TYR E 36 33.42 -33.41 -65.04
C TYR E 36 34.44 -32.51 -64.35
N GLN E 37 34.50 -31.26 -64.80
CA GLN E 37 35.43 -30.29 -64.25
C GLN E 37 34.82 -29.54 -63.05
N GLN E 38 33.66 -30.01 -62.59
CA GLN E 38 32.97 -29.43 -61.42
C GLN E 38 32.49 -28.01 -61.72
N ILE E 39 32.05 -27.79 -62.96
CA ILE E 39 31.52 -26.52 -63.41
C ILE E 39 30.02 -26.68 -63.65
N GLU E 40 29.24 -25.75 -63.11
CA GLU E 40 27.80 -25.76 -63.30
C GLU E 40 27.44 -25.31 -64.71
N PHE E 41 26.68 -26.13 -65.40
CA PHE E 41 26.29 -25.82 -66.78
C PHE E 41 25.59 -24.48 -66.90
N ILE E 42 24.63 -24.21 -66.01
CA ILE E 42 23.84 -22.99 -66.11
C ILE E 42 24.68 -21.75 -65.81
N THR E 43 25.55 -21.83 -64.81
CA THR E 43 26.52 -20.76 -64.52
C THR E 43 27.40 -20.46 -65.75
N PHE E 44 27.92 -21.52 -66.38
CA PHE E 44 28.81 -21.35 -67.54
C PHE E 44 28.09 -20.70 -68.71
N LEU E 45 26.87 -21.16 -69.00
CA LEU E 45 26.07 -20.61 -70.08
C LEU E 45 25.72 -19.13 -69.90
N GLY E 46 25.51 -18.71 -68.64
CA GLY E 46 25.23 -17.30 -68.35
C GLY E 46 26.48 -16.47 -68.58
N ALA E 47 27.63 -17.03 -68.23
CA ALA E 47 28.93 -16.37 -68.47
C ALA E 47 29.24 -16.26 -69.94
N LEU E 48 28.90 -17.29 -70.71
CA LEU E 48 29.11 -17.31 -72.16
C LEU E 48 28.18 -16.32 -72.86
N LYS E 49 26.92 -16.25 -72.41
CA LYS E 49 25.94 -15.26 -72.87
C LYS E 49 26.45 -13.83 -72.74
N SER E 50 26.89 -13.46 -71.54
CA SER E 50 27.45 -12.13 -71.31
C SER E 50 28.73 -11.91 -72.12
N PHE E 51 29.57 -12.95 -72.18
CA PHE E 51 30.83 -12.93 -72.94
C PHE E 51 30.61 -12.65 -74.42
N LEU E 52 29.66 -13.35 -75.03
CA LEU E 52 29.37 -13.20 -76.47
C LEU E 52 28.71 -11.86 -76.82
N LYS E 53 27.83 -11.37 -75.94
CA LYS E 53 27.46 -9.96 -75.93
C LYS E 53 28.73 -9.22 -75.53
N GLY E 54 28.78 -7.91 -75.69
CA GLY E 54 30.01 -7.21 -75.31
C GLY E 54 29.96 -6.63 -73.90
N THR E 55 29.20 -7.27 -73.02
CA THR E 55 28.79 -6.65 -71.75
C THR E 55 29.99 -6.18 -70.93
N PRO E 56 29.97 -4.88 -70.57
CA PRO E 56 30.96 -4.29 -69.67
C PRO E 56 31.29 -5.19 -68.49
N LYS E 57 32.59 -5.40 -68.28
CA LYS E 57 33.12 -6.16 -67.14
C LYS E 57 32.83 -7.67 -67.18
N LYS E 58 32.21 -8.14 -68.27
CA LYS E 58 31.82 -9.55 -68.42
C LYS E 58 32.30 -10.14 -69.76
N ASN E 59 33.23 -9.45 -70.42
CA ASN E 59 33.69 -9.87 -71.74
C ASN E 59 35.08 -10.51 -71.70
N CYS E 60 35.46 -10.97 -70.52
CA CYS E 60 36.73 -11.64 -70.32
C CYS E 60 36.52 -12.93 -69.51
N LEU E 61 36.57 -14.06 -70.22
CA LEU E 61 36.49 -15.37 -69.61
C LEU E 61 37.89 -15.89 -69.35
N VAL E 62 38.07 -16.54 -68.20
CA VAL E 62 39.34 -17.12 -67.83
C VAL E 62 39.15 -18.58 -67.48
N PHE E 63 39.95 -19.44 -68.12
CA PHE E 63 39.97 -20.86 -67.77
C PHE E 63 41.25 -21.15 -66.99
N CYS E 64 41.10 -21.53 -65.74
CA CYS E 64 42.23 -21.70 -64.84
C CYS E 64 42.40 -23.15 -64.37
N GLY E 65 43.64 -23.64 -64.42
CA GLY E 65 43.99 -24.94 -63.90
C GLY E 65 45.26 -25.48 -64.55
N PRO E 66 45.77 -26.62 -64.05
CA PRO E 66 46.93 -27.28 -64.64
C PRO E 66 46.76 -27.58 -66.12
N ALA E 67 47.86 -27.67 -66.86
CA ALA E 67 47.80 -27.90 -68.31
C ALA E 67 47.19 -29.26 -68.67
N ASN E 68 47.42 -30.27 -67.83
CA ASN E 68 46.87 -31.60 -68.09
C ASN E 68 45.34 -31.72 -68.01
N THR E 69 44.65 -30.63 -67.68
CA THR E 69 43.17 -30.63 -67.58
C THR E 69 42.47 -30.59 -68.94
N GLY E 70 43.20 -30.11 -69.95
CA GLY E 70 42.62 -29.88 -71.26
C GLY E 70 41.80 -28.60 -71.38
N LYS E 71 41.98 -27.67 -70.44
CA LYS E 71 41.30 -26.38 -70.48
C LYS E 71 41.62 -25.59 -71.77
N SER E 72 42.86 -25.66 -72.23
CA SER E 72 43.29 -24.99 -73.47
C SER E 72 42.81 -25.72 -74.71
N TYR E 73 42.76 -27.05 -74.64
CA TYR E 73 42.17 -27.84 -75.71
C TYR E 73 40.70 -27.46 -75.89
N PHE E 74 39.98 -27.43 -74.77
CA PHE E 74 38.60 -26.96 -74.70
C PHE E 74 38.44 -25.54 -75.28
N GLY E 75 39.22 -24.60 -74.75
CA GLY E 75 39.19 -23.20 -75.17
C GLY E 75 39.50 -23.00 -76.65
N MET E 76 40.54 -23.69 -77.10
CA MET E 76 40.98 -23.63 -78.51
C MET E 76 39.94 -24.19 -79.48
N SER E 77 39.18 -25.19 -79.03
CA SER E 77 38.11 -25.75 -79.83
C SER E 77 37.00 -24.73 -80.08
N PHE E 78 36.76 -23.86 -79.10
CA PHE E 78 35.79 -22.78 -79.24
C PHE E 78 36.30 -21.68 -80.18
N ILE E 79 37.57 -21.30 -80.02
CA ILE E 79 38.19 -20.31 -80.89
C ILE E 79 38.13 -20.83 -82.33
N HIS E 80 38.44 -22.12 -82.51
CA HIS E 80 38.36 -22.75 -83.81
C HIS E 80 36.94 -22.68 -84.38
N PHE E 81 35.96 -23.06 -83.58
CA PHE E 81 34.56 -23.01 -83.98
C PHE E 81 34.15 -21.62 -84.47
N ILE E 82 34.42 -20.61 -83.64
CA ILE E 82 33.99 -19.24 -83.90
C ILE E 82 34.97 -18.50 -84.83
N GLN E 83 36.05 -19.19 -85.19
CA GLN E 83 37.07 -18.66 -86.09
C GLN E 83 37.68 -17.39 -85.51
N GLY E 84 38.09 -17.49 -84.24
CA GLY E 84 38.70 -16.37 -83.53
C GLY E 84 40.20 -16.35 -83.73
N ALA E 85 40.87 -15.40 -83.08
CA ALA E 85 42.31 -15.26 -83.22
C ALA E 85 43.02 -15.52 -81.90
N VAL E 86 44.18 -16.16 -81.97
CA VAL E 86 45.03 -16.33 -80.79
C VAL E 86 46.06 -15.21 -80.74
N ILE E 87 46.20 -14.62 -79.56
CA ILE E 87 47.11 -13.48 -79.37
C ILE E 87 48.34 -13.93 -78.59
N SER E 88 49.50 -13.36 -78.95
CA SER E 88 50.73 -13.67 -78.25
C SER E 88 51.20 -12.50 -77.37
N PHE E 89 51.28 -12.73 -76.07
CA PHE E 89 51.67 -11.71 -75.10
C PHE E 89 53.11 -11.23 -75.29
N VAL E 90 53.32 -9.93 -75.12
CA VAL E 90 54.65 -9.36 -74.94
C VAL E 90 54.57 -8.19 -73.98
N ASN E 91 55.43 -8.22 -72.96
CA ASN E 91 55.41 -7.26 -71.85
C ASN E 91 55.78 -5.86 -72.33
N SER E 92 54.82 -5.21 -72.97
CA SER E 92 55.07 -3.95 -73.66
C SER E 92 54.03 -2.89 -73.34
N THR E 93 54.51 -1.73 -72.91
CA THR E 93 53.66 -0.56 -72.69
C THR E 93 52.94 -0.14 -73.97
N SER E 94 53.40 -0.68 -75.09
CA SER E 94 52.72 -0.47 -76.36
C SER E 94 51.55 -1.45 -76.44
N HIS E 95 50.80 -1.34 -77.52
CA HIS E 95 49.67 -2.21 -77.76
C HIS E 95 49.73 -2.73 -79.19
N PHE E 96 50.96 -2.96 -79.64
CA PHE E 96 51.21 -3.40 -81.01
C PHE E 96 50.85 -4.88 -81.18
N TRP E 97 51.07 -5.66 -80.13
CA TRP E 97 50.74 -7.07 -80.13
C TRP E 97 49.23 -7.32 -80.05
N LEU E 98 48.49 -6.30 -79.62
CA LEU E 98 47.04 -6.37 -79.50
C LEU E 98 46.32 -5.90 -80.76
N GLU E 99 47.08 -5.73 -81.86
CA GLU E 99 46.50 -5.30 -83.15
C GLU E 99 45.56 -6.33 -83.79
N PRO E 100 45.91 -7.63 -83.75
CA PRO E 100 44.98 -8.70 -84.16
C PRO E 100 43.58 -8.63 -83.54
N LEU E 101 43.40 -7.79 -82.52
CA LEU E 101 42.06 -7.58 -81.93
C LEU E 101 41.10 -6.87 -82.88
N THR E 102 41.65 -6.04 -83.77
CA THR E 102 40.84 -5.22 -84.68
C THR E 102 39.82 -6.02 -85.49
N ASP E 103 40.27 -7.08 -86.16
CA ASP E 103 39.42 -7.80 -87.11
C ASP E 103 38.79 -9.10 -86.59
N THR E 104 39.10 -9.49 -85.36
CA THR E 104 38.60 -10.76 -84.82
C THR E 104 37.27 -10.66 -84.07
N LYS E 105 36.56 -11.79 -83.99
CA LYS E 105 35.31 -11.88 -83.26
C LYS E 105 35.52 -12.19 -81.78
N VAL E 106 36.35 -13.20 -81.52
CA VAL E 106 36.74 -13.57 -80.15
C VAL E 106 38.26 -13.80 -80.13
N ALA E 107 38.92 -13.32 -79.10
CA ALA E 107 40.36 -13.53 -78.92
C ALA E 107 40.68 -14.53 -77.81
N MET E 108 41.82 -15.21 -77.94
CA MET E 108 42.34 -16.08 -76.89
C MET E 108 43.81 -15.79 -76.63
N LEU E 109 44.13 -15.62 -75.36
CA LEU E 109 45.50 -15.57 -74.91
C LEU E 109 45.74 -16.84 -74.09
N ASP E 110 46.61 -17.70 -74.59
CA ASP E 110 46.84 -19.02 -74.01
C ASP E 110 48.01 -18.95 -73.02
N ASP E 111 47.77 -19.48 -71.82
CA ASP E 111 48.79 -19.60 -70.76
C ASP E 111 49.27 -18.23 -70.27
N ALA E 112 48.34 -17.42 -69.77
CA ALA E 112 48.68 -16.11 -69.21
C ALA E 112 49.55 -16.31 -67.98
N THR E 113 50.71 -15.64 -67.97
CA THR E 113 51.63 -15.68 -66.83
C THR E 113 51.31 -14.51 -65.89
N THR E 114 52.01 -14.44 -64.76
CA THR E 114 51.83 -13.37 -63.77
C THR E 114 52.22 -12.02 -64.35
N THR E 115 53.21 -12.04 -65.24
CA THR E 115 53.63 -10.87 -65.99
C THR E 115 52.45 -10.35 -66.82
N CYS E 116 51.70 -11.29 -67.39
CA CYS E 116 50.52 -10.95 -68.17
C CYS E 116 49.39 -10.38 -67.30
N TRP E 117 49.19 -10.96 -66.12
CA TRP E 117 48.16 -10.50 -65.19
C TRP E 117 48.49 -9.11 -64.62
N THR E 118 49.75 -8.91 -64.23
CA THR E 118 50.25 -7.61 -63.77
C THR E 118 50.07 -6.57 -64.87
N TYR E 119 50.23 -7.00 -66.12
CA TYR E 119 50.06 -6.12 -67.26
C TYR E 119 48.62 -5.66 -67.44
N PHE E 120 47.69 -6.61 -67.43
CA PHE E 120 46.25 -6.32 -67.52
C PHE E 120 45.79 -5.45 -66.36
N ASP E 121 46.32 -5.73 -65.17
CA ASP E 121 46.01 -4.99 -63.96
C ASP E 121 46.36 -3.50 -64.11
N THR E 122 47.42 -3.23 -64.86
CA THR E 122 47.84 -1.86 -65.17
C THR E 122 47.08 -1.31 -66.38
N TYR E 123 47.31 -1.89 -67.55
CA TYR E 123 46.96 -1.26 -68.84
C TYR E 123 45.59 -1.60 -69.44
N MET E 124 45.19 -2.86 -69.35
CA MET E 124 44.01 -3.36 -70.08
C MET E 124 42.66 -3.08 -69.40
N ARG E 125 42.64 -2.12 -68.47
CA ARG E 125 41.43 -1.73 -67.75
C ARG E 125 40.35 -1.21 -68.71
N ASN E 126 40.76 -0.44 -69.71
CA ASN E 126 39.85 0.18 -70.67
C ASN E 126 39.50 -0.74 -71.85
N ALA E 127 39.93 -2.00 -71.75
CA ALA E 127 39.60 -3.02 -72.74
C ALA E 127 38.58 -4.02 -72.19
N LEU E 128 38.70 -4.29 -70.88
CA LEU E 128 37.73 -5.13 -70.17
C LEU E 128 36.49 -4.31 -69.80
N ASP E 129 36.61 -2.99 -69.91
CA ASP E 129 35.55 -2.04 -69.61
C ASP E 129 34.45 -2.03 -70.67
N GLY E 130 34.84 -2.24 -71.93
CA GLY E 130 33.92 -2.22 -73.06
C GLY E 130 34.08 -0.98 -73.92
N ASN E 131 35.17 -0.26 -73.67
CA ASN E 131 35.48 0.99 -74.37
C ASN E 131 36.39 0.76 -75.59
N PRO E 132 36.67 1.81 -76.37
CA PRO E 132 37.56 1.69 -77.54
C PRO E 132 39.00 1.31 -77.16
N LYS E 146 36.48 -0.96 -80.48
CA LYS E 146 36.09 -1.69 -79.27
C LYS E 146 36.82 -3.02 -79.14
N CYS E 147 37.10 -3.42 -77.90
CA CYS E 147 37.78 -4.69 -77.62
C CYS E 147 36.81 -5.88 -77.71
N PRO E 148 37.17 -6.87 -78.53
CA PRO E 148 36.43 -8.14 -78.62
C PRO E 148 36.44 -8.92 -77.29
N PRO E 149 35.53 -9.91 -77.17
CA PRO E 149 35.58 -10.86 -76.07
C PRO E 149 36.93 -11.57 -76.05
N ILE E 150 37.59 -11.54 -74.90
CA ILE E 150 38.89 -12.22 -74.73
C ILE E 150 38.77 -13.39 -73.76
N LEU E 151 39.15 -14.57 -74.26
CA LEU E 151 39.28 -15.76 -73.45
C LEU E 151 40.74 -15.91 -73.09
N LEU E 152 41.03 -16.04 -71.80
CA LEU E 152 42.37 -16.34 -71.37
C LEU E 152 42.42 -17.70 -70.71
N THR E 153 43.58 -18.32 -70.83
CA THR E 153 43.85 -19.60 -70.21
C THR E 153 45.06 -19.41 -69.32
N THR E 154 45.08 -20.05 -68.15
CA THR E 154 46.17 -19.86 -67.17
C THR E 154 46.20 -20.96 -66.11
N ASN E 155 47.34 -21.11 -65.43
CA ASN E 155 47.33 -21.84 -64.15
C ASN E 155 47.63 -20.94 -62.94
N ILE E 156 47.65 -19.63 -63.18
CA ILE E 156 47.74 -18.64 -62.10
C ILE E 156 46.36 -18.01 -61.96
N HIS E 157 45.63 -18.38 -60.90
CA HIS E 157 44.33 -17.75 -60.61
C HIS E 157 44.54 -16.26 -60.33
N PRO E 158 43.92 -15.41 -61.14
CA PRO E 158 44.08 -13.96 -61.03
C PRO E 158 43.08 -13.26 -60.09
N ALA E 159 42.29 -14.03 -59.35
CA ALA E 159 41.39 -13.47 -58.33
C ALA E 159 41.48 -14.34 -57.07
N LYS E 160 42.68 -14.44 -56.52
CA LYS E 160 42.96 -15.35 -55.43
C LYS E 160 43.65 -14.67 -54.24
N ASP E 161 44.67 -13.88 -54.51
CA ASP E 161 45.54 -13.32 -53.46
C ASP E 161 45.39 -11.81 -53.28
N ASN E 162 44.40 -11.21 -53.95
CA ASN E 162 44.27 -9.74 -54.03
C ASN E 162 45.51 -9.05 -54.60
N ARG E 163 46.26 -9.80 -55.40
CA ARG E 163 47.49 -9.35 -56.04
C ARG E 163 47.18 -8.45 -57.22
N TRP E 164 46.00 -8.65 -57.81
CA TRP E 164 45.55 -7.86 -58.96
C TRP E 164 44.10 -7.38 -58.76
N PRO E 165 43.90 -6.41 -57.87
CA PRO E 165 42.56 -5.98 -57.46
C PRO E 165 41.74 -5.37 -58.59
N TYR E 166 42.42 -4.77 -59.56
CA TYR E 166 41.73 -4.11 -60.67
C TYR E 166 41.17 -5.09 -61.72
N LEU E 167 41.53 -6.37 -61.59
CA LEU E 167 41.08 -7.40 -62.53
C LEU E 167 39.78 -8.10 -62.12
N GLU E 168 39.63 -8.38 -60.84
CA GLU E 168 38.61 -9.30 -60.32
C GLU E 168 37.17 -8.92 -60.67
N SER E 169 36.90 -7.62 -60.78
CA SER E 169 35.58 -7.12 -61.08
C SER E 169 35.26 -7.22 -62.57
N ARG E 170 36.31 -7.40 -63.37
CA ARG E 170 36.20 -7.35 -64.83
C ARG E 170 36.49 -8.70 -65.49
N ILE E 171 36.62 -9.76 -64.67
CA ILE E 171 36.86 -11.12 -65.17
C ILE E 171 35.88 -12.14 -64.59
N THR E 172 35.68 -13.23 -65.33
CA THR E 172 34.97 -14.40 -64.83
C THR E 172 35.89 -15.61 -65.00
N VAL E 173 36.30 -16.21 -63.88
CA VAL E 173 37.21 -17.34 -63.87
C VAL E 173 36.46 -18.63 -63.61
N PHE E 174 36.74 -19.63 -64.44
CA PHE E 174 36.27 -20.99 -64.22
C PHE E 174 37.47 -21.88 -63.95
N GLU E 175 37.36 -22.65 -62.87
CA GLU E 175 38.45 -23.52 -62.46
C GLU E 175 38.29 -24.91 -63.06
N PHE E 176 39.41 -25.45 -63.52
CA PHE E 176 39.45 -26.78 -64.10
C PHE E 176 40.40 -27.61 -63.23
N PRO E 177 39.84 -28.36 -62.27
CA PRO E 177 40.66 -29.07 -61.31
C PRO E 177 41.19 -30.44 -61.79
N ASN E 178 40.49 -31.06 -62.74
CA ASN E 178 40.68 -32.48 -63.03
C ASN E 178 41.38 -32.74 -64.35
N ALA E 179 42.21 -33.79 -64.39
CA ALA E 179 42.95 -34.15 -65.59
C ALA E 179 41.99 -34.57 -66.69
N PHE E 180 42.29 -34.13 -67.91
CA PHE E 180 41.55 -34.55 -69.08
C PHE E 180 41.45 -36.08 -69.08
N PRO E 181 40.24 -36.63 -69.11
CA PRO E 181 40.03 -38.06 -68.93
C PRO E 181 40.09 -38.91 -70.21
N PHE E 182 40.71 -40.08 -70.10
CA PHE E 182 40.81 -41.04 -71.18
C PHE E 182 40.24 -42.37 -70.72
N ASP E 183 39.67 -43.13 -71.64
CA ASP E 183 39.14 -44.46 -71.32
C ASP E 183 40.25 -45.51 -71.31
N LYS E 184 39.88 -46.75 -71.00
CA LYS E 184 40.84 -47.86 -70.89
C LYS E 184 41.66 -48.10 -72.16
N ASN E 185 41.14 -47.63 -73.30
CA ASN E 185 41.81 -47.75 -74.60
C ASN E 185 42.63 -46.51 -74.98
N GLY E 186 42.87 -45.63 -74.01
CA GLY E 186 43.65 -44.42 -74.26
C GLY E 186 42.96 -43.39 -75.13
N ASN E 187 41.65 -43.58 -75.34
CA ASN E 187 40.85 -42.63 -76.11
C ASN E 187 40.12 -41.64 -75.21
N PRO E 188 40.07 -40.38 -75.64
CA PRO E 188 39.42 -39.33 -74.85
C PRO E 188 37.97 -39.67 -74.50
N VAL E 189 37.62 -39.49 -73.24
CA VAL E 189 36.22 -39.68 -72.82
C VAL E 189 35.34 -38.62 -73.47
N TYR E 190 35.85 -37.39 -73.55
CA TYR E 190 35.11 -36.29 -74.19
C TYR E 190 35.94 -35.66 -75.31
N GLU E 191 35.30 -35.43 -76.44
CA GLU E 191 35.93 -34.71 -77.55
C GLU E 191 35.11 -33.47 -77.83
N ILE E 192 35.79 -32.33 -77.94
CA ILE E 192 35.10 -31.10 -78.28
C ILE E 192 35.51 -30.63 -79.68
N ASN E 193 34.52 -30.62 -80.57
CA ASN E 193 34.68 -30.42 -82.02
C ASN E 193 33.90 -29.21 -82.49
N ASP E 194 34.04 -28.90 -83.78
CA ASP E 194 33.21 -27.90 -84.45
C ASP E 194 31.74 -28.32 -84.52
N LYS E 195 31.51 -29.60 -84.79
CA LYS E 195 30.13 -30.09 -84.87
C LYS E 195 29.47 -30.18 -83.50
N ASN E 196 30.26 -30.52 -82.48
CA ASN E 196 29.76 -30.52 -81.11
C ASN E 196 29.37 -29.12 -80.66
N TRP E 197 30.21 -28.14 -81.00
CA TRP E 197 29.91 -26.74 -80.74
C TRP E 197 28.73 -26.23 -81.54
N LYS E 198 28.60 -26.66 -82.79
CA LYS E 198 27.43 -26.34 -83.62
C LYS E 198 26.14 -26.79 -82.93
N CYS E 199 26.13 -28.03 -82.46
CA CYS E 199 24.99 -28.59 -81.71
C CYS E 199 24.72 -27.82 -80.43
N PHE E 200 25.78 -27.36 -79.77
CA PHE E 200 25.69 -26.60 -78.52
C PHE E 200 24.91 -25.31 -78.70
N PHE E 201 25.28 -24.55 -79.73
CA PHE E 201 24.64 -23.27 -80.01
C PHE E 201 23.21 -23.39 -80.56
N GLU E 202 22.91 -24.52 -81.19
CA GLU E 202 21.55 -24.82 -81.63
C GLU E 202 20.65 -25.07 -80.43
N ARG E 203 21.20 -25.75 -79.41
CA ARG E 203 20.45 -26.09 -78.22
C ARG E 203 20.26 -24.93 -77.24
N THR E 204 21.23 -24.02 -77.21
CA THR E 204 21.21 -22.92 -76.25
C THR E 204 20.97 -21.58 -76.91
N TRP E 205 20.59 -21.59 -78.18
CA TRP E 205 20.40 -20.37 -78.96
C TRP E 205 19.54 -19.32 -78.26
N SER E 206 18.30 -19.69 -77.94
CA SER E 206 17.34 -18.77 -77.33
C SER E 206 17.77 -18.32 -75.94
N ARG E 207 18.40 -19.23 -75.20
CA ARG E 207 18.93 -18.93 -73.87
C ARG E 207 20.13 -17.98 -73.91
N LEU E 208 20.73 -17.82 -75.09
CA LEU E 208 21.85 -16.89 -75.26
C LEU E 208 21.43 -15.52 -75.79
N ASP E 209 20.29 -15.45 -76.48
CA ASP E 209 19.80 -14.19 -77.06
C ASP E 209 18.29 -14.21 -77.28
N PRO F 7 29.35 -52.99 -55.05
CA PRO F 7 29.17 -51.64 -54.56
C PRO F 7 29.53 -50.59 -55.61
N LYS F 8 30.76 -50.67 -56.14
CA LYS F 8 31.22 -49.75 -57.17
C LYS F 8 30.39 -49.86 -58.44
N GLU F 9 30.08 -51.10 -58.82
CA GLU F 9 29.31 -51.37 -60.03
C GLU F 9 27.89 -50.82 -59.94
N THR F 10 27.28 -50.91 -58.76
CA THR F 10 25.93 -50.40 -58.56
C THR F 10 25.96 -48.87 -58.58
N LEU F 11 26.87 -48.28 -57.80
CA LEU F 11 27.04 -46.83 -57.78
C LEU F 11 27.23 -46.23 -59.18
N SER F 12 28.09 -46.87 -59.96
CA SER F 12 28.41 -46.42 -61.33
C SER F 12 27.19 -46.46 -62.22
N GLU F 13 26.40 -47.52 -62.03
CA GLU F 13 25.17 -47.76 -62.77
C GLU F 13 24.14 -46.67 -62.51
N ARG F 14 23.88 -46.38 -61.25
CA ARG F 14 22.94 -45.31 -60.94
C ARG F 14 23.47 -43.92 -61.24
N LEU F 15 24.78 -43.70 -61.12
CA LEU F 15 25.37 -42.40 -61.47
C LEU F 15 25.17 -42.08 -62.95
N SER F 16 25.40 -43.08 -63.80
CA SER F 16 25.25 -42.96 -65.25
C SER F 16 23.83 -42.59 -65.66
N ALA F 17 22.83 -43.31 -65.12
CA ALA F 17 21.43 -43.00 -65.36
C ALA F 17 21.05 -41.59 -64.88
N LEU F 18 21.54 -41.23 -63.70
CA LEU F 18 21.26 -39.94 -63.07
C LEU F 18 21.83 -38.78 -63.88
N GLN F 19 23.10 -38.90 -64.27
CA GLN F 19 23.80 -37.85 -65.01
C GLN F 19 23.24 -37.69 -66.41
N ASP F 20 22.68 -38.77 -66.94
CA ASP F 20 21.94 -38.75 -68.20
C ASP F 20 20.66 -37.93 -68.07
N LYS F 21 19.95 -38.12 -66.96
CA LYS F 21 18.71 -37.41 -66.71
C LYS F 21 18.97 -35.91 -66.50
N ILE F 22 20.03 -35.59 -65.76
CA ILE F 22 20.39 -34.18 -65.52
C ILE F 22 20.57 -33.43 -66.84
N ILE F 23 21.32 -34.02 -67.77
CA ILE F 23 21.55 -33.40 -69.09
C ILE F 23 20.28 -33.31 -69.96
N ASP F 24 19.44 -34.34 -69.88
CA ASP F 24 18.07 -34.26 -70.43
C ASP F 24 17.33 -33.01 -69.95
N HIS F 25 17.43 -32.68 -68.66
CA HIS F 25 16.80 -31.47 -68.13
C HIS F 25 17.28 -30.24 -68.86
N TYR F 26 18.59 -30.14 -69.05
CA TYR F 26 19.21 -29.03 -69.81
C TYR F 26 18.72 -29.00 -71.26
N GLU F 27 18.53 -30.18 -71.86
CA GLU F 27 18.01 -30.29 -73.22
C GLU F 27 16.54 -29.86 -73.31
N ASN F 28 15.72 -30.36 -72.38
CA ASN F 28 14.28 -30.07 -72.38
C ASN F 28 13.93 -28.60 -72.14
N ASP F 29 14.67 -27.94 -71.24
CA ASP F 29 14.45 -26.52 -70.91
C ASP F 29 12.96 -26.28 -70.57
N SER F 30 12.48 -27.04 -69.60
CA SER F 30 11.10 -26.96 -69.13
C SER F 30 10.82 -25.62 -68.45
N LYS F 31 9.55 -25.20 -68.48
CA LYS F 31 9.09 -24.01 -67.78
C LYS F 31 8.15 -24.37 -66.61
N ASP F 32 8.09 -25.67 -66.32
CA ASP F 32 7.27 -26.22 -65.27
C ASP F 32 8.06 -26.26 -63.96
N ILE F 33 7.53 -25.60 -62.93
CA ILE F 33 8.18 -25.54 -61.62
C ILE F 33 8.47 -26.95 -61.08
N ASP F 34 7.59 -27.90 -61.41
CA ASP F 34 7.75 -29.29 -60.99
C ASP F 34 8.98 -29.94 -61.61
N SER F 35 9.32 -29.52 -62.82
CA SER F 35 10.55 -29.98 -63.46
C SER F 35 11.77 -29.55 -62.67
N GLN F 36 11.71 -28.35 -62.10
CA GLN F 36 12.85 -27.78 -61.38
C GLN F 36 13.06 -28.47 -60.04
N ILE F 37 11.94 -28.83 -59.40
CA ILE F 37 11.95 -29.61 -58.17
C ILE F 37 12.64 -30.97 -58.40
N GLN F 38 12.25 -31.64 -59.48
CA GLN F 38 12.87 -32.92 -59.86
C GLN F 38 14.35 -32.77 -60.20
N TYR F 39 14.69 -31.70 -60.93
CA TYR F 39 16.09 -31.40 -61.24
C TYR F 39 16.93 -31.34 -59.97
N TRP F 40 16.50 -30.58 -58.98
CA TRP F 40 17.25 -30.47 -57.73
C TRP F 40 17.27 -31.78 -56.93
N GLN F 41 16.22 -32.58 -57.07
CA GLN F 41 16.19 -33.92 -56.49
C GLN F 41 17.28 -34.82 -57.10
N LEU F 42 17.48 -34.72 -58.41
CA LEU F 42 18.56 -35.45 -59.09
C LEU F 42 19.95 -35.03 -58.62
N ILE F 43 20.15 -33.72 -58.48
CA ILE F 43 21.42 -33.18 -57.95
C ILE F 43 21.71 -33.72 -56.55
N ARG F 44 20.68 -33.75 -55.69
CA ARG F 44 20.80 -34.36 -54.37
C ARG F 44 21.24 -35.81 -54.48
N TRP F 45 20.61 -36.53 -55.41
CA TRP F 45 20.84 -37.95 -55.58
C TRP F 45 22.27 -38.21 -56.09
N GLU F 46 22.68 -37.42 -57.09
CA GLU F 46 24.04 -37.47 -57.63
C GLU F 46 25.06 -37.33 -56.50
N ASN F 47 24.88 -36.31 -55.65
CA ASN F 47 25.80 -36.09 -54.54
C ASN F 47 25.76 -37.15 -53.44
N ALA F 48 24.60 -37.78 -53.25
CA ALA F 48 24.49 -38.94 -52.37
C ALA F 48 25.31 -40.11 -52.90
N ILE F 49 25.31 -40.30 -54.23
CA ILE F 49 26.08 -41.39 -54.82
C ILE F 49 27.58 -41.16 -54.65
N PHE F 50 28.00 -39.92 -54.88
CA PHE F 50 29.39 -39.52 -54.66
C PHE F 50 29.85 -39.61 -53.20
N PHE F 51 28.96 -39.26 -52.27
CA PHE F 51 29.30 -39.34 -50.86
C PHE F 51 29.53 -40.80 -50.50
N ALA F 52 28.62 -41.67 -50.94
CA ALA F 52 28.73 -43.12 -50.73
C ALA F 52 30.02 -43.69 -51.33
N ALA F 53 30.33 -43.31 -52.56
CA ALA F 53 31.56 -43.75 -53.23
C ALA F 53 32.81 -43.41 -52.41
N ARG F 54 32.88 -42.18 -51.94
CA ARG F 54 33.98 -41.72 -51.10
C ARG F 54 34.09 -42.50 -49.79
N GLU F 55 32.94 -42.88 -49.21
CA GLU F 55 32.90 -43.71 -47.99
C GLU F 55 33.46 -45.10 -48.23
N HIS F 56 33.30 -45.58 -49.45
CA HIS F 56 33.79 -46.88 -49.86
C HIS F 56 35.19 -46.76 -50.49
N GLY F 57 35.79 -45.57 -50.36
CA GLY F 57 37.17 -45.32 -50.81
C GLY F 57 37.36 -45.34 -52.31
N ILE F 58 36.28 -45.11 -53.05
CA ILE F 58 36.30 -45.13 -54.53
C ILE F 58 36.73 -43.77 -55.07
N GLN F 59 37.70 -43.80 -55.99
CA GLN F 59 38.31 -42.59 -56.55
C GLN F 59 37.56 -42.05 -57.77
N THR F 60 37.06 -42.96 -58.61
CA THR F 60 36.32 -42.60 -59.83
C THR F 60 35.10 -43.48 -60.05
N LEU F 61 34.02 -42.88 -60.54
CA LEU F 61 32.86 -43.61 -61.03
C LEU F 61 32.62 -43.17 -62.46
N ASN F 62 32.52 -44.13 -63.39
CA ASN F 62 32.38 -43.81 -64.82
C ASN F 62 33.24 -42.61 -65.25
N HIS F 63 34.53 -42.65 -64.89
CA HIS F 63 35.50 -41.61 -65.26
C HIS F 63 35.44 -40.33 -64.42
N GLN F 64 34.33 -40.11 -63.73
CA GLN F 64 34.16 -38.93 -62.91
C GLN F 64 35.04 -39.05 -61.69
N VAL F 65 35.71 -37.95 -61.34
CA VAL F 65 36.46 -37.88 -60.11
C VAL F 65 35.48 -37.67 -58.95
N VAL F 66 35.52 -38.60 -57.98
CA VAL F 66 34.68 -38.53 -56.80
C VAL F 66 35.17 -37.39 -55.91
N PRO F 67 34.33 -36.38 -55.69
CA PRO F 67 34.73 -35.21 -54.92
C PRO F 67 34.97 -35.56 -53.46
N ALA F 68 35.71 -34.70 -52.78
CA ALA F 68 35.86 -34.74 -51.33
C ALA F 68 34.49 -34.66 -50.65
N TYR F 69 34.40 -35.21 -49.44
CA TYR F 69 33.17 -35.18 -48.67
C TYR F 69 32.56 -33.79 -48.61
N ASN F 70 33.39 -32.78 -48.32
CA ASN F 70 32.90 -31.41 -48.14
C ASN F 70 32.24 -30.84 -49.40
N ILE F 71 32.71 -31.26 -50.57
CA ILE F 71 32.09 -30.85 -51.82
C ILE F 71 30.72 -31.49 -52.00
N SER F 72 30.64 -32.81 -51.82
CA SER F 72 29.39 -33.54 -51.92
C SER F 72 28.36 -33.06 -50.90
N LYS F 73 28.79 -32.93 -49.65
CA LYS F 73 27.97 -32.31 -48.60
C LYS F 73 27.45 -30.93 -49.00
N SER F 74 28.36 -30.03 -49.39
CA SER F 74 28.00 -28.68 -49.81
C SER F 74 26.95 -28.65 -50.93
N LYS F 75 27.17 -29.45 -51.97
CA LYS F 75 26.31 -29.40 -53.15
C LYS F 75 24.94 -30.02 -52.89
N ALA F 76 24.91 -31.05 -52.05
CA ALA F 76 23.66 -31.64 -51.60
C ALA F 76 22.87 -30.65 -50.72
N HIS F 77 23.57 -29.90 -49.86
CA HIS F 77 22.97 -28.88 -49.01
C HIS F 77 22.31 -27.77 -49.83
N LYS F 78 23.05 -27.23 -50.80
CA LYS F 78 22.50 -26.21 -51.68
C LYS F 78 21.32 -26.77 -52.47
N ALA F 79 21.41 -28.04 -52.86
CA ALA F 79 20.33 -28.69 -53.60
C ALA F 79 19.01 -28.81 -52.82
N ILE F 80 19.06 -29.20 -51.55
CA ILE F 80 17.84 -29.29 -50.74
C ILE F 80 17.29 -27.89 -50.47
N GLU F 81 18.20 -26.95 -50.26
CA GLU F 81 17.85 -25.55 -50.08
C GLU F 81 16.95 -25.04 -51.22
N LEU F 82 17.41 -25.20 -52.47
CA LEU F 82 16.63 -24.82 -53.64
C LEU F 82 15.36 -25.65 -53.80
N GLN F 83 15.45 -26.95 -53.54
CA GLN F 83 14.33 -27.85 -53.73
C GLN F 83 13.16 -27.49 -52.80
N MET F 84 13.49 -27.23 -51.54
CA MET F 84 12.50 -26.92 -50.52
C MET F 84 11.85 -25.58 -50.80
N ALA F 85 12.65 -24.61 -51.23
CA ALA F 85 12.13 -23.31 -51.66
C ALA F 85 11.12 -23.46 -52.79
N LEU F 86 11.51 -24.17 -53.85
CA LEU F 86 10.61 -24.40 -54.99
C LEU F 86 9.35 -25.18 -54.62
N GLN F 87 9.48 -26.15 -53.72
CA GLN F 87 8.31 -26.92 -53.23
C GLN F 87 7.27 -26.01 -52.55
N GLY F 88 7.72 -25.01 -51.81
CA GLY F 88 6.84 -23.97 -51.24
C GLY F 88 6.22 -23.11 -52.32
N LEU F 89 7.06 -22.65 -53.24
CA LEU F 89 6.66 -21.81 -54.36
C LEU F 89 5.69 -22.53 -55.30
N ALA F 90 5.74 -23.85 -55.31
CA ALA F 90 4.82 -24.66 -56.10
C ALA F 90 3.44 -24.80 -55.43
N GLN F 91 3.31 -24.26 -54.23
CA GLN F 91 2.03 -24.25 -53.49
C GLN F 91 1.40 -22.85 -53.43
N SER F 92 2.07 -21.88 -54.06
CA SER F 92 1.59 -20.50 -54.05
C SER F 92 0.85 -20.19 -55.35
N ALA F 93 0.34 -18.97 -55.47
CA ALA F 93 -0.35 -18.54 -56.69
C ALA F 93 0.60 -18.37 -57.88
N TYR F 94 1.91 -18.42 -57.62
CA TYR F 94 2.93 -18.20 -58.64
C TYR F 94 3.40 -19.49 -59.33
N LYS F 95 2.74 -20.60 -59.02
CA LYS F 95 3.11 -21.92 -59.55
C LYS F 95 2.82 -22.12 -61.03
N THR F 96 1.97 -21.28 -61.60
CA THR F 96 1.56 -21.41 -63.00
C THR F 96 2.43 -20.54 -63.90
N GLU F 97 3.21 -19.64 -63.30
CA GLU F 97 4.17 -18.85 -64.04
C GLU F 97 5.22 -19.78 -64.64
N ASP F 98 5.95 -19.29 -65.65
CA ASP F 98 7.10 -20.02 -66.17
C ASP F 98 8.20 -20.03 -65.11
N TRP F 99 8.76 -21.21 -64.87
CA TRP F 99 9.90 -21.36 -63.97
C TRP F 99 10.96 -22.24 -64.63
N THR F 100 11.99 -21.57 -65.19
CA THR F 100 13.04 -22.26 -65.94
C THR F 100 14.24 -22.68 -65.08
N LEU F 101 15.15 -23.43 -65.69
CA LEU F 101 16.46 -23.73 -65.10
C LEU F 101 17.19 -22.45 -64.69
N GLN F 102 17.18 -21.45 -65.57
CA GLN F 102 17.85 -20.18 -65.28
C GLN F 102 17.20 -19.38 -64.14
N ASP F 103 15.88 -19.42 -64.06
CA ASP F 103 15.13 -18.80 -62.96
C ASP F 103 15.46 -19.45 -61.63
N THR F 104 15.82 -20.72 -61.67
CA THR F 104 15.91 -21.51 -60.45
C THR F 104 17.30 -22.11 -60.22
N CYS F 105 18.32 -21.45 -60.75
CA CYS F 105 19.70 -21.92 -60.63
C CYS F 105 20.33 -21.34 -59.37
N GLU F 106 21.41 -22.00 -58.92
CA GLU F 106 22.11 -21.59 -57.71
C GLU F 106 22.70 -20.19 -57.81
N GLU F 107 23.19 -19.82 -59.00
CA GLU F 107 23.85 -18.53 -59.17
C GLU F 107 22.91 -17.36 -58.93
N LEU F 108 21.69 -17.49 -59.45
CA LEU F 108 20.66 -16.48 -59.24
C LEU F 108 20.23 -16.46 -57.77
N TRP F 109 20.08 -17.66 -57.19
CA TRP F 109 19.70 -17.83 -55.79
C TRP F 109 20.67 -17.14 -54.82
N ASN F 110 21.96 -17.25 -55.11
CA ASN F 110 23.01 -16.64 -54.27
C ASN F 110 23.18 -15.14 -54.51
N THR F 111 22.52 -14.60 -55.53
CA THR F 111 22.57 -13.17 -55.85
C THR F 111 21.54 -12.42 -54.98
N GLU F 112 21.91 -11.26 -54.48
CA GLU F 112 21.02 -10.42 -53.66
C GLU F 112 19.75 -10.04 -54.45
N PRO F 113 18.55 -10.15 -53.85
CA PRO F 113 18.35 -10.68 -52.50
C PRO F 113 18.46 -12.20 -52.42
N THR F 114 19.37 -12.67 -51.57
CA THR F 114 19.58 -14.10 -51.35
C THR F 114 18.33 -14.71 -50.72
N HIS F 115 18.10 -16.00 -51.02
CA HIS F 115 16.96 -16.78 -50.49
C HIS F 115 15.60 -16.29 -51.04
N CYS F 116 15.68 -15.58 -52.15
CA CYS F 116 14.51 -15.12 -52.89
C CYS F 116 14.62 -15.58 -54.33
N PHE F 117 13.49 -15.65 -55.01
CA PHE F 117 13.51 -15.75 -56.45
C PHE F 117 13.30 -14.36 -57.05
N LYS F 118 13.82 -14.15 -58.26
CA LYS F 118 13.75 -12.85 -58.92
C LYS F 118 13.66 -13.00 -60.43
N LYS F 119 12.91 -12.09 -61.04
CA LYS F 119 12.68 -12.08 -62.49
C LYS F 119 12.70 -10.64 -63.00
N GLY F 120 13.28 -10.44 -64.19
CA GLY F 120 13.23 -9.16 -64.89
C GLY F 120 14.22 -8.11 -64.40
N GLY F 121 15.49 -8.37 -64.62
CA GLY F 121 16.54 -7.40 -64.28
C GLY F 121 16.37 -6.03 -64.92
N GLN F 122 16.81 -5.00 -64.21
CA GLN F 122 16.84 -3.63 -64.72
C GLN F 122 18.06 -2.92 -64.13
N THR F 123 18.79 -2.23 -65.00
CA THR F 123 20.10 -1.70 -64.65
C THR F 123 20.04 -0.41 -63.81
N VAL F 124 20.85 -0.37 -62.76
CA VAL F 124 21.10 0.85 -62.00
C VAL F 124 22.61 1.08 -61.99
N GLN F 125 23.07 2.23 -62.47
CA GLN F 125 24.49 2.57 -62.40
C GLN F 125 24.75 3.64 -61.33
N VAL F 126 25.78 3.39 -60.52
CA VAL F 126 26.16 4.31 -59.46
C VAL F 126 27.61 4.75 -59.60
N TYR F 127 27.84 6.06 -59.55
CA TYR F 127 29.19 6.62 -59.52
C TYR F 127 29.49 7.14 -58.12
N PHE F 128 30.56 6.63 -57.53
CA PHE F 128 30.91 7.01 -56.16
C PHE F 128 31.95 8.11 -56.12
N ASP F 129 31.84 8.96 -55.12
CA ASP F 129 32.88 9.95 -54.76
C ASP F 129 33.19 10.96 -55.85
N GLY F 130 32.18 11.25 -56.69
CA GLY F 130 32.33 12.16 -57.83
C GLY F 130 33.29 11.66 -58.89
N ASN F 131 33.55 10.35 -58.86
CA ASN F 131 34.61 9.78 -59.68
C ASN F 131 34.09 8.65 -60.58
N LYS F 132 34.10 8.90 -61.88
CA LYS F 132 33.67 7.94 -62.90
C LYS F 132 34.42 6.58 -62.85
N ASP F 133 35.65 6.60 -62.33
CA ASP F 133 36.41 5.37 -62.09
C ASP F 133 35.71 4.50 -61.04
N ASN F 134 35.17 5.14 -60.01
CA ASN F 134 34.41 4.46 -58.96
C ASN F 134 32.98 4.21 -59.43
N CYS F 135 32.83 3.16 -60.23
CA CYS F 135 31.56 2.87 -60.86
C CYS F 135 31.09 1.45 -60.59
N MET F 136 29.76 1.32 -60.49
CA MET F 136 29.12 0.04 -60.27
C MET F 136 27.77 -0.04 -60.97
N THR F 137 27.47 -1.25 -61.43
CA THR F 137 26.18 -1.57 -62.02
C THR F 137 25.47 -2.58 -61.13
N TYR F 138 24.20 -2.34 -60.86
CA TYR F 138 23.41 -3.24 -60.01
C TYR F 138 22.11 -3.58 -60.72
N VAL F 139 21.48 -4.65 -60.29
CA VAL F 139 20.22 -5.06 -60.88
C VAL F 139 19.06 -4.80 -59.95
N ALA F 140 18.11 -4.00 -60.42
CA ALA F 140 16.84 -3.79 -59.78
C ALA F 140 15.84 -4.77 -60.39
N TRP F 141 15.59 -5.87 -59.69
CA TRP F 141 14.67 -6.90 -60.15
C TRP F 141 13.23 -6.37 -60.25
N ASP F 142 12.58 -6.63 -61.38
CA ASP F 142 11.17 -6.28 -61.54
C ASP F 142 10.33 -6.98 -60.49
N SER F 143 10.59 -8.27 -60.29
CA SER F 143 9.85 -9.06 -59.32
C SER F 143 10.79 -9.80 -58.37
N VAL F 144 10.56 -9.61 -57.08
CA VAL F 144 11.21 -10.36 -56.04
C VAL F 144 10.14 -11.25 -55.37
N TYR F 145 10.43 -12.55 -55.33
CA TYR F 145 9.58 -13.54 -54.65
C TYR F 145 10.26 -13.89 -53.34
N TYR F 146 9.58 -13.59 -52.24
CA TYR F 146 10.14 -13.80 -50.92
C TYR F 146 9.24 -14.69 -50.10
N MET F 147 9.81 -15.32 -49.08
CA MET F 147 9.02 -16.12 -48.16
C MET F 147 8.63 -15.30 -46.94
N THR F 148 7.32 -15.24 -46.68
CA THR F 148 6.81 -14.59 -45.47
C THR F 148 7.14 -15.39 -44.22
N ASP F 149 6.96 -14.75 -43.07
CA ASP F 149 7.14 -15.34 -41.75
C ASP F 149 6.34 -16.67 -41.59
N ALA F 150 5.14 -16.71 -42.16
CA ALA F 150 4.27 -17.89 -42.12
C ALA F 150 4.68 -19.00 -43.09
N GLY F 151 5.62 -18.68 -43.99
CA GLY F 151 6.22 -19.70 -44.85
C GLY F 151 5.62 -19.77 -46.23
N THR F 152 4.78 -18.81 -46.56
CA THR F 152 4.21 -18.71 -47.90
C THR F 152 4.99 -17.69 -48.75
N TRP F 153 4.80 -17.76 -50.05
CA TRP F 153 5.58 -16.93 -50.98
C TRP F 153 4.82 -15.71 -51.46
N ASP F 154 5.50 -14.58 -51.45
CA ASP F 154 4.94 -13.30 -51.87
C ASP F 154 5.80 -12.68 -52.96
N LYS F 155 5.15 -11.95 -53.86
CA LYS F 155 5.81 -11.29 -54.99
C LYS F 155 5.63 -9.77 -54.89
N THR F 156 6.72 -9.04 -55.12
CA THR F 156 6.70 -7.57 -55.04
C THR F 156 7.83 -6.96 -55.89
N ALA F 157 7.73 -5.66 -56.16
CA ALA F 157 8.71 -4.96 -57.01
C ALA F 157 9.93 -4.48 -56.24
N THR F 158 11.03 -4.25 -56.96
CA THR F 158 12.18 -3.57 -56.38
C THR F 158 11.94 -2.06 -56.39
N CYS F 159 12.39 -1.38 -55.36
CA CYS F 159 12.38 0.08 -55.30
C CYS F 159 13.80 0.62 -55.29
N VAL F 160 13.99 1.72 -55.99
CA VAL F 160 15.30 2.36 -56.09
C VAL F 160 15.27 3.70 -55.36
N SER F 161 16.27 3.93 -54.53
CA SER F 161 16.45 5.21 -53.86
C SER F 161 17.95 5.49 -53.75
N HIS F 162 18.29 6.70 -53.32
CA HIS F 162 19.68 7.10 -53.07
C HIS F 162 20.35 6.16 -52.07
N ARG F 163 19.55 5.66 -51.13
CA ARG F 163 19.99 4.75 -50.08
C ARG F 163 20.44 3.40 -50.62
N GLY F 164 19.81 2.95 -51.70
CA GLY F 164 20.07 1.65 -52.28
C GLY F 164 18.87 1.04 -52.97
N LEU F 165 18.89 -0.28 -53.14
CA LEU F 165 17.80 -1.03 -53.75
C LEU F 165 17.13 -1.88 -52.71
N TYR F 166 15.81 -1.86 -52.69
CA TYR F 166 15.06 -2.58 -51.67
C TYR F 166 13.74 -3.11 -52.22
N TYR F 167 13.16 -4.04 -51.47
CA TYR F 167 11.79 -4.50 -51.70
C TYR F 167 11.05 -4.49 -50.36
N VAL F 168 9.74 -4.31 -50.42
CA VAL F 168 8.91 -4.21 -49.22
C VAL F 168 8.51 -5.62 -48.77
N LYS F 169 9.06 -6.04 -47.63
CA LYS F 169 8.86 -7.40 -47.14
C LYS F 169 7.93 -7.38 -45.92
N GLU F 170 6.67 -7.73 -46.15
CA GLU F 170 5.64 -7.70 -45.11
C GLU F 170 5.64 -6.33 -44.41
N GLY F 171 5.58 -5.28 -45.23
CA GLY F 171 5.55 -3.90 -44.77
C GLY F 171 6.88 -3.26 -44.39
N TYR F 172 7.97 -4.01 -44.50
CA TYR F 172 9.29 -3.51 -44.06
C TYR F 172 10.28 -3.36 -45.23
N ASN F 173 10.81 -2.15 -45.40
CA ASN F 173 11.78 -1.86 -46.46
C ASN F 173 13.06 -2.66 -46.26
N THR F 174 13.28 -3.65 -47.12
CA THR F 174 14.43 -4.54 -46.99
C THR F 174 15.43 -4.26 -48.08
N PHE F 175 16.55 -3.65 -47.70
CA PHE F 175 17.62 -3.33 -48.66
C PHE F 175 18.48 -4.55 -48.97
N TYR F 176 18.66 -4.82 -50.25
CA TYR F 176 19.57 -5.89 -50.67
C TYR F 176 20.87 -5.35 -51.25
N ILE F 177 20.85 -4.09 -51.64
CA ILE F 177 22.04 -3.30 -51.91
C ILE F 177 21.95 -2.00 -51.11
N GLU F 178 22.99 -1.72 -50.33
CA GLU F 178 23.11 -0.46 -49.60
C GLU F 178 24.28 0.33 -50.18
N PHE F 179 23.98 1.46 -50.81
CA PHE F 179 25.02 2.25 -51.49
C PHE F 179 26.03 2.86 -50.51
N LYS F 180 25.62 3.06 -49.27
CA LYS F 180 26.54 3.53 -48.23
C LYS F 180 27.66 2.52 -48.01
N SER F 181 27.30 1.24 -47.92
CA SER F 181 28.28 0.17 -47.70
C SER F 181 29.15 -0.05 -48.94
N GLU F 182 28.54 0.12 -50.11
CA GLU F 182 29.26 0.05 -51.38
C GLU F 182 30.29 1.18 -51.54
N CYS F 183 29.93 2.36 -51.07
CA CYS F 183 30.81 3.52 -51.13
C CYS F 183 32.07 3.31 -50.31
N GLU F 184 31.95 2.56 -49.21
CA GLU F 184 33.06 2.28 -48.30
C GLU F 184 34.20 1.53 -48.99
N LYS F 185 33.89 0.90 -50.11
CA LYS F 185 34.86 0.11 -50.88
C LYS F 185 35.70 0.94 -51.85
N TYR F 186 35.30 2.19 -52.05
CA TYR F 186 35.99 3.10 -52.98
C TYR F 186 36.61 4.27 -52.22
N GLY F 187 36.13 5.47 -52.47
CA GLY F 187 36.63 6.66 -51.78
C GLY F 187 36.15 6.80 -50.35
N ASN F 188 35.02 6.16 -50.03
CA ASN F 188 34.40 6.27 -48.70
C ASN F 188 34.03 7.73 -48.33
N THR F 189 33.63 8.52 -49.33
CA THR F 189 33.26 9.93 -49.10
C THR F 189 31.82 10.10 -48.61
N GLY F 190 31.02 9.04 -48.78
CA GLY F 190 29.62 9.08 -48.39
C GLY F 190 28.77 9.83 -49.40
N THR F 191 29.35 10.11 -50.57
CA THR F 191 28.63 10.77 -51.64
C THR F 191 28.62 9.88 -52.87
N TRP F 192 27.49 9.87 -53.58
CA TRP F 192 27.37 9.10 -54.82
C TRP F 192 26.20 9.61 -55.65
N GLU F 193 26.20 9.19 -56.91
CA GLU F 193 25.17 9.53 -57.88
C GLU F 193 24.56 8.25 -58.43
N VAL F 194 23.24 8.14 -58.37
CA VAL F 194 22.51 6.94 -58.78
C VAL F 194 21.77 7.22 -60.08
N HIS F 195 22.05 6.40 -61.09
CA HIS F 195 21.36 6.50 -62.38
C HIS F 195 20.44 5.31 -62.61
N PHE F 196 19.18 5.62 -62.88
CA PHE F 196 18.15 4.63 -63.18
C PHE F 196 17.30 5.16 -64.32
N GLY F 197 17.40 4.51 -65.47
CA GLY F 197 16.74 4.97 -66.70
C GLY F 197 17.37 6.25 -67.21
N ASN F 198 16.58 7.31 -67.29
CA ASN F 198 17.08 8.64 -67.62
C ASN F 198 17.03 9.54 -66.39
N ASN F 199 16.57 8.98 -65.27
CA ASN F 199 16.48 9.69 -64.00
C ASN F 199 17.80 9.72 -63.24
N VAL F 200 17.95 10.73 -62.38
CA VAL F 200 19.06 10.80 -61.46
C VAL F 200 18.61 10.33 -60.07
N ILE F 201 18.87 11.12 -59.03
CA ILE F 201 18.96 10.58 -57.67
C ILE F 201 17.93 11.11 -56.64
N ASP F 202 18.33 11.11 -55.35
CA ASP F 202 17.49 11.46 -54.20
C ASP F 202 16.00 11.19 -54.35
N ASN G 9 9.37 -40.88 -13.71
CA ASN G 9 8.97 -41.09 -15.13
C ASN G 9 7.50 -40.72 -15.39
N MET G 10 7.05 -40.97 -16.62
CA MET G 10 5.71 -40.60 -17.05
C MET G 10 4.59 -41.19 -16.20
N SER G 11 4.65 -42.49 -15.91
CA SER G 11 3.59 -43.15 -15.13
C SER G 11 3.46 -42.58 -13.72
N GLN G 12 4.60 -42.32 -13.07
CA GLN G 12 4.61 -41.72 -11.73
C GLN G 12 4.03 -40.32 -11.77
N TRP G 13 4.40 -39.56 -12.80
CA TRP G 13 3.87 -38.20 -12.95
C TRP G 13 2.35 -38.20 -13.13
N ILE G 14 1.85 -39.08 -13.98
CA ILE G 14 0.42 -39.16 -14.27
C ILE G 14 -0.35 -39.57 -13.01
N ARG G 15 0.21 -40.52 -12.26
CA ARG G 15 -0.36 -40.96 -10.99
C ARG G 15 -0.47 -39.77 -10.01
N PHE G 16 0.60 -38.99 -9.91
CA PHE G 16 0.63 -37.75 -9.12
C PHE G 16 -0.43 -36.73 -9.55
N ARG G 17 -0.55 -36.50 -10.86
CA ARG G 17 -1.58 -35.60 -11.40
C ARG G 17 -2.99 -36.06 -11.06
N CYS G 18 -3.28 -37.33 -11.28
CA CYS G 18 -4.59 -37.89 -10.94
C CYS G 18 -4.96 -37.72 -9.45
N SER G 19 -3.98 -37.84 -8.56
CA SER G 19 -4.19 -37.66 -7.10
C SER G 19 -4.73 -36.28 -6.74
N LYS G 20 -4.42 -35.30 -7.58
CA LYS G 20 -4.77 -33.91 -7.31
C LYS G 20 -6.17 -33.58 -7.84
N ILE G 21 -6.64 -34.36 -8.80
CA ILE G 21 -7.87 -34.06 -9.52
C ILE G 21 -9.08 -34.82 -8.93
N ASP G 22 -10.22 -34.12 -8.89
CA ASP G 22 -11.48 -34.67 -8.37
C ASP G 22 -11.96 -35.93 -9.10
N GLU G 23 -12.65 -36.79 -8.34
CA GLU G 23 -13.36 -37.94 -8.88
C GLU G 23 -14.71 -37.49 -9.40
N GLY G 24 -15.33 -38.35 -10.19
CA GLY G 24 -16.64 -38.06 -10.74
C GLY G 24 -16.63 -37.68 -12.21
N GLY G 25 -15.46 -37.72 -12.85
CA GLY G 25 -15.40 -37.43 -14.28
C GLY G 25 -15.98 -38.58 -15.09
N ASP G 26 -15.88 -38.47 -16.41
CA ASP G 26 -16.41 -39.47 -17.33
C ASP G 26 -15.45 -39.48 -18.51
N TRP G 27 -14.88 -40.64 -18.82
CA TRP G 27 -13.96 -40.74 -19.94
C TRP G 27 -14.67 -40.76 -21.30
N ARG G 28 -15.96 -41.08 -21.29
CA ARG G 28 -16.71 -41.26 -22.53
C ARG G 28 -16.70 -40.05 -23.48
N PRO G 29 -16.88 -38.82 -22.97
CA PRO G 29 -16.79 -37.63 -23.84
C PRO G 29 -15.51 -37.58 -24.67
N ILE G 30 -14.38 -38.00 -24.09
CA ILE G 30 -13.10 -38.02 -24.81
C ILE G 30 -13.13 -39.04 -25.97
N VAL G 31 -13.56 -40.25 -25.66
CA VAL G 31 -13.68 -41.32 -26.68
C VAL G 31 -14.69 -40.93 -27.76
N GLN G 32 -15.85 -40.44 -27.34
CA GLN G 32 -16.93 -40.02 -28.23
C GLN G 32 -16.52 -38.86 -29.15
N PHE G 33 -15.76 -37.90 -28.61
CA PHE G 33 -15.27 -36.77 -29.44
C PHE G 33 -14.34 -37.27 -30.54
N LEU G 34 -13.44 -38.19 -30.21
CA LEU G 34 -12.52 -38.73 -31.23
C LEU G 34 -13.24 -39.49 -32.34
N ARG G 35 -14.23 -40.30 -31.97
CA ARG G 35 -15.05 -41.03 -32.94
C ARG G 35 -15.92 -40.08 -33.76
N TYR G 36 -16.43 -39.02 -33.11
CA TYR G 36 -17.10 -37.90 -33.80
C TYR G 36 -16.19 -37.29 -34.90
N GLN G 37 -14.89 -37.26 -34.63
CA GLN G 37 -13.89 -36.74 -35.56
C GLN G 37 -13.31 -37.82 -36.49
N GLN G 38 -14.03 -38.94 -36.62
CA GLN G 38 -13.64 -40.07 -37.48
C GLN G 38 -12.24 -40.59 -37.13
N ILE G 39 -11.89 -40.52 -35.86
CA ILE G 39 -10.62 -41.09 -35.37
C ILE G 39 -10.90 -42.45 -34.72
N GLU G 40 -10.07 -43.45 -35.05
CA GLU G 40 -10.18 -44.77 -34.45
C GLU G 40 -9.55 -44.76 -33.07
N PHE G 41 -10.34 -45.16 -32.07
CA PHE G 41 -9.90 -45.14 -30.67
C PHE G 41 -8.62 -45.92 -30.42
N ILE G 42 -8.57 -47.16 -30.92
CA ILE G 42 -7.41 -48.03 -30.72
C ILE G 42 -6.15 -47.46 -31.39
N THR G 43 -6.30 -46.92 -32.59
CA THR G 43 -5.21 -46.21 -33.28
C THR G 43 -4.71 -45.06 -32.38
N PHE G 44 -5.64 -44.23 -31.91
CA PHE G 44 -5.30 -43.11 -31.02
C PHE G 44 -4.63 -43.55 -29.71
N LEU G 45 -5.15 -44.61 -29.09
CA LEU G 45 -4.58 -45.10 -27.83
C LEU G 45 -3.15 -45.58 -28.03
N GLY G 46 -2.92 -46.26 -29.15
CA GLY G 46 -1.59 -46.75 -29.50
C GLY G 46 -0.60 -45.62 -29.73
N ALA G 47 -1.06 -44.58 -30.43
CA ALA G 47 -0.25 -43.39 -30.65
C ALA G 47 0.06 -42.71 -29.33
N LEU G 48 -0.95 -42.55 -28.47
CA LEU G 48 -0.78 -41.97 -27.14
C LEU G 48 0.22 -42.75 -26.24
N LYS G 49 0.12 -44.07 -26.26
CA LYS G 49 1.04 -44.96 -25.53
C LYS G 49 2.50 -44.67 -25.87
N SER G 50 2.82 -44.71 -27.16
CA SER G 50 4.17 -44.45 -27.68
C SER G 50 4.62 -43.01 -27.44
N PHE G 51 3.67 -42.08 -27.57
CA PHE G 51 3.90 -40.66 -27.29
C PHE G 51 4.36 -40.48 -25.85
N LEU G 52 3.60 -41.04 -24.91
CA LEU G 52 3.91 -40.89 -23.48
C LEU G 52 5.17 -41.65 -23.06
N LYS G 53 5.54 -42.67 -23.82
CA LYS G 53 6.77 -43.43 -23.56
C LYS G 53 7.99 -42.68 -24.09
N GLY G 54 7.75 -41.69 -24.95
CA GLY G 54 8.81 -40.96 -25.62
C GLY G 54 9.60 -41.86 -26.55
N THR G 55 8.93 -42.85 -27.13
CA THR G 55 9.63 -43.81 -27.97
C THR G 55 10.11 -43.16 -29.26
N PRO G 56 11.39 -43.34 -29.56
CA PRO G 56 11.99 -42.81 -30.76
C PRO G 56 11.08 -42.91 -31.99
N LYS G 57 10.97 -41.79 -32.71
CA LYS G 57 10.18 -41.67 -33.95
C LYS G 57 8.66 -41.73 -33.74
N LYS G 58 8.24 -41.70 -32.48
CA LYS G 58 6.81 -41.71 -32.13
C LYS G 58 6.50 -40.73 -30.99
N ASN G 59 7.39 -39.78 -30.73
CA ASN G 59 7.18 -38.84 -29.64
C ASN G 59 6.65 -37.49 -30.13
N CYS G 60 6.02 -37.51 -31.31
CA CYS G 60 5.41 -36.31 -31.86
C CYS G 60 4.01 -36.61 -32.43
N LEU G 61 3.00 -36.10 -31.73
CA LEU G 61 1.60 -36.20 -32.15
C LEU G 61 1.14 -34.88 -32.78
N VAL G 62 0.32 -35.00 -33.81
CA VAL G 62 -0.11 -33.84 -34.57
C VAL G 62 -1.61 -33.93 -34.77
N PHE G 63 -2.33 -32.88 -34.33
CA PHE G 63 -3.76 -32.77 -34.59
C PHE G 63 -3.98 -31.80 -35.75
N CYS G 64 -4.61 -32.25 -36.82
CA CYS G 64 -4.73 -31.42 -38.01
C CYS G 64 -6.18 -31.19 -38.44
N GLY G 65 -6.53 -29.93 -38.66
CA GLY G 65 -7.85 -29.54 -39.16
C GLY G 65 -8.14 -28.07 -38.88
N PRO G 66 -9.28 -27.55 -39.33
CA PRO G 66 -9.68 -26.15 -39.06
C PRO G 66 -9.80 -25.87 -37.55
N ALA G 67 -9.64 -24.60 -37.17
CA ALA G 67 -9.67 -24.18 -35.76
C ALA G 67 -11.04 -24.43 -35.10
N ASN G 68 -12.11 -24.33 -35.91
CA ASN G 68 -13.45 -24.55 -35.39
C ASN G 68 -13.76 -26.01 -35.01
N THR G 69 -12.80 -26.92 -35.21
CA THR G 69 -13.01 -28.32 -34.85
C THR G 69 -12.84 -28.58 -33.36
N GLY G 70 -12.24 -27.61 -32.66
CA GLY G 70 -11.92 -27.78 -31.25
C GLY G 70 -10.69 -28.65 -31.00
N LYS G 71 -9.91 -28.96 -32.03
CA LYS G 71 -8.71 -29.78 -31.86
C LYS G 71 -7.67 -29.16 -30.90
N SER G 72 -7.60 -27.83 -30.86
CA SER G 72 -6.71 -27.11 -29.95
C SER G 72 -7.24 -27.08 -28.52
N TYR G 73 -8.56 -26.94 -28.37
CA TYR G 73 -9.23 -27.12 -27.09
C TYR G 73 -8.96 -28.52 -26.54
N PHE G 74 -9.08 -29.52 -27.40
CA PHE G 74 -8.80 -30.92 -27.06
C PHE G 74 -7.34 -31.12 -26.65
N GLY G 75 -6.42 -30.62 -27.49
CA GLY G 75 -5.00 -30.69 -27.18
C GLY G 75 -4.64 -29.95 -25.91
N MET G 76 -5.18 -28.74 -25.75
CA MET G 76 -4.90 -27.88 -24.60
C MET G 76 -5.43 -28.47 -23.29
N SER G 77 -6.53 -29.22 -23.36
CA SER G 77 -7.12 -29.86 -22.17
C SER G 77 -6.18 -30.93 -21.63
N PHE G 78 -5.56 -31.67 -22.55
CA PHE G 78 -4.59 -32.67 -22.18
C PHE G 78 -3.33 -32.06 -21.56
N ILE G 79 -2.85 -30.96 -22.15
CA ILE G 79 -1.73 -30.22 -21.59
C ILE G 79 -2.03 -29.74 -20.18
N HIS G 80 -3.25 -29.28 -19.94
CA HIS G 80 -3.63 -28.80 -18.62
C HIS G 80 -3.65 -29.96 -17.61
N PHE G 81 -4.24 -31.08 -18.03
CA PHE G 81 -4.32 -32.28 -17.18
C PHE G 81 -2.93 -32.71 -16.72
N ILE G 82 -2.00 -32.76 -17.66
CA ILE G 82 -0.65 -33.25 -17.40
C ILE G 82 0.31 -32.17 -16.91
N GLN G 83 -0.18 -30.93 -16.79
CA GLN G 83 0.65 -29.76 -16.44
C GLN G 83 1.85 -29.64 -17.36
N GLY G 84 1.60 -29.73 -18.67
CA GLY G 84 2.64 -29.56 -19.66
C GLY G 84 2.88 -28.09 -19.96
N ALA G 85 3.72 -27.83 -20.96
CA ALA G 85 4.09 -26.47 -21.34
C ALA G 85 3.72 -26.17 -22.78
N VAL G 86 3.27 -24.95 -23.02
CA VAL G 86 3.03 -24.50 -24.38
C VAL G 86 4.23 -23.68 -24.81
N ILE G 87 4.72 -23.98 -26.00
CA ILE G 87 5.88 -23.31 -26.55
C ILE G 87 5.41 -22.41 -27.69
N SER G 88 6.07 -21.26 -27.84
CA SER G 88 5.76 -20.31 -28.89
C SER G 88 6.79 -20.37 -30.01
N PHE G 89 6.35 -20.62 -31.23
CA PHE G 89 7.29 -20.69 -32.35
C PHE G 89 7.92 -19.33 -32.64
N VAL G 90 9.24 -19.34 -32.83
CA VAL G 90 9.93 -18.18 -33.40
C VAL G 90 10.69 -18.64 -34.64
N ASN G 91 10.45 -17.95 -35.76
CA ASN G 91 11.11 -18.23 -37.03
C ASN G 91 12.62 -17.98 -36.92
N SER G 92 13.38 -19.03 -36.65
CA SER G 92 14.77 -18.92 -36.24
C SER G 92 15.64 -20.07 -36.72
N THR G 93 16.95 -19.94 -36.56
CA THR G 93 17.92 -20.99 -36.88
C THR G 93 18.54 -21.49 -35.58
N SER G 94 17.82 -21.29 -34.49
CA SER G 94 18.33 -21.44 -33.13
C SER G 94 17.33 -22.24 -32.30
N HIS G 95 17.81 -22.88 -31.23
CA HIS G 95 16.95 -23.63 -30.31
C HIS G 95 16.45 -22.81 -29.13
N PHE G 96 16.85 -21.53 -29.05
CA PHE G 96 16.58 -20.72 -27.87
C PHE G 96 15.11 -20.72 -27.44
N TRP G 97 14.20 -20.71 -28.41
CA TRP G 97 12.77 -20.60 -28.12
C TRP G 97 12.19 -21.93 -27.63
N LEU G 98 12.99 -22.98 -27.72
CA LEU G 98 12.65 -24.28 -27.16
C LEU G 98 13.05 -24.39 -25.71
N GLU G 99 13.93 -23.47 -25.26
CA GLU G 99 14.47 -23.50 -23.89
C GLU G 99 13.47 -23.94 -22.80
N PRO G 100 12.22 -23.45 -22.85
CA PRO G 100 11.20 -23.84 -21.87
C PRO G 100 10.62 -25.26 -22.07
N LEU G 101 11.28 -26.09 -22.88
CA LEU G 101 10.99 -27.53 -22.91
C LEU G 101 11.63 -28.20 -21.70
N THR G 102 12.63 -27.52 -21.13
CA THR G 102 13.50 -28.07 -20.08
C THR G 102 12.77 -28.73 -18.91
N ASP G 103 11.84 -28.02 -18.31
CA ASP G 103 11.23 -28.50 -17.06
C ASP G 103 9.94 -29.28 -17.26
N THR G 104 9.53 -29.50 -18.51
CA THR G 104 8.19 -30.02 -18.76
C THR G 104 8.11 -31.48 -19.18
N LYS G 105 6.97 -32.09 -18.88
CA LYS G 105 6.73 -33.48 -19.21
C LYS G 105 6.27 -33.69 -20.65
N VAL G 106 5.42 -32.77 -21.13
CA VAL G 106 4.86 -32.81 -22.49
C VAL G 106 4.76 -31.36 -22.99
N ALA G 107 5.18 -31.12 -24.23
CA ALA G 107 5.08 -29.79 -24.81
C ALA G 107 3.99 -29.70 -25.87
N MET G 108 3.37 -28.53 -26.01
CA MET G 108 2.43 -28.27 -27.09
C MET G 108 2.81 -27.02 -27.89
N LEU G 109 2.74 -27.16 -29.21
CA LEU G 109 2.90 -26.04 -30.11
C LEU G 109 1.60 -25.90 -30.87
N ASP G 110 0.90 -24.80 -30.63
CA ASP G 110 -0.40 -24.55 -31.23
C ASP G 110 -0.25 -23.82 -32.57
N ASP G 111 -1.03 -24.25 -33.56
CA ASP G 111 -1.09 -23.62 -34.89
C ASP G 111 0.25 -23.59 -35.61
N ALA G 112 0.88 -24.74 -35.75
CA ALA G 112 2.13 -24.85 -36.50
C ALA G 112 1.92 -24.40 -37.95
N THR G 113 2.81 -23.55 -38.44
CA THR G 113 2.76 -23.06 -39.82
C THR G 113 3.72 -23.92 -40.65
N THR G 114 3.73 -23.69 -41.95
CA THR G 114 4.70 -24.38 -42.82
C THR G 114 6.14 -24.08 -42.40
N THR G 115 6.41 -22.84 -41.96
CA THR G 115 7.72 -22.48 -41.42
C THR G 115 8.12 -23.41 -40.27
N CYS G 116 7.16 -23.70 -39.39
CA CYS G 116 7.39 -24.57 -38.25
C CYS G 116 7.76 -26.00 -38.69
N TRP G 117 7.03 -26.51 -39.67
CA TRP G 117 7.30 -27.84 -40.22
C TRP G 117 8.68 -27.92 -40.85
N THR G 118 9.04 -26.90 -41.64
CA THR G 118 10.40 -26.77 -42.18
C THR G 118 11.46 -26.77 -41.07
N TYR G 119 11.25 -25.97 -40.03
CA TYR G 119 12.11 -25.97 -38.84
C TYR G 119 12.28 -27.36 -38.21
N PHE G 120 11.18 -28.08 -38.00
CA PHE G 120 11.25 -29.42 -37.41
C PHE G 120 11.97 -30.40 -38.34
N ASP G 121 11.64 -30.36 -39.63
CA ASP G 121 12.31 -31.16 -40.63
C ASP G 121 13.83 -30.92 -40.65
N THR G 122 14.25 -29.69 -40.34
CA THR G 122 15.68 -29.32 -40.34
C THR G 122 16.38 -29.47 -38.97
N TYR G 123 15.80 -28.89 -37.93
CA TYR G 123 16.50 -28.71 -36.64
C TYR G 123 16.11 -29.65 -35.51
N MET G 124 15.02 -30.38 -35.68
CA MET G 124 14.45 -31.17 -34.59
C MET G 124 14.62 -32.68 -34.79
N ARG G 125 15.63 -33.07 -35.57
CA ARG G 125 15.84 -34.47 -35.94
C ARG G 125 16.30 -35.35 -34.78
N ASN G 126 17.19 -34.83 -33.95
CA ASN G 126 17.61 -35.54 -32.74
C ASN G 126 16.40 -35.78 -31.84
N ALA G 127 15.69 -34.69 -31.53
CA ALA G 127 14.49 -34.70 -30.70
C ALA G 127 13.48 -35.76 -31.14
N LEU G 128 13.19 -35.78 -32.44
CA LEU G 128 12.23 -36.71 -33.02
C LEU G 128 12.74 -38.15 -32.99
N ASP G 129 14.06 -38.30 -33.01
CA ASP G 129 14.70 -39.62 -32.95
C ASP G 129 14.95 -40.11 -31.52
N GLY G 130 14.65 -39.26 -30.54
CA GLY G 130 14.85 -39.60 -29.13
C GLY G 130 16.21 -39.19 -28.59
N ASN G 131 17.03 -38.59 -29.45
CA ASN G 131 18.35 -38.09 -29.06
C ASN G 131 18.24 -36.70 -28.41
N PRO G 132 19.01 -36.49 -27.34
CA PRO G 132 19.04 -35.19 -26.65
C PRO G 132 19.59 -34.07 -27.53
N ILE G 133 19.20 -32.84 -27.24
CA ILE G 133 19.63 -31.65 -27.99
C ILE G 133 20.25 -30.61 -27.06
N SER G 134 20.76 -29.53 -27.65
CA SER G 134 21.22 -28.37 -26.88
C SER G 134 20.49 -27.10 -27.33
N ILE G 135 20.01 -26.33 -26.35
CA ILE G 135 19.27 -25.10 -26.59
C ILE G 135 20.12 -24.02 -27.28
N LYS G 146 17.39 -33.09 -23.31
CA LYS G 146 16.52 -34.14 -23.86
C LYS G 146 15.10 -33.61 -24.07
N CYS G 147 14.53 -33.94 -25.22
CA CYS G 147 13.24 -33.39 -25.62
C CYS G 147 12.06 -34.22 -25.10
N PRO G 148 11.12 -33.57 -24.40
CA PRO G 148 9.87 -34.22 -24.02
C PRO G 148 9.02 -34.58 -25.27
N PRO G 149 7.97 -35.38 -25.10
CA PRO G 149 6.99 -35.57 -26.17
C PRO G 149 6.34 -34.25 -26.57
N ILE G 150 6.24 -33.99 -27.86
CA ILE G 150 5.67 -32.73 -28.39
C ILE G 150 4.37 -32.96 -29.14
N LEU G 151 3.32 -32.32 -28.66
CA LEU G 151 2.05 -32.27 -29.38
C LEU G 151 1.99 -30.97 -30.21
N LEU G 152 1.66 -31.09 -31.49
CA LEU G 152 1.41 -29.91 -32.33
C LEU G 152 0.01 -29.94 -32.91
N THR G 153 -0.57 -28.76 -33.07
CA THR G 153 -1.81 -28.64 -33.84
C THR G 153 -1.49 -27.78 -35.04
N THR G 154 -2.27 -27.94 -36.11
CA THR G 154 -2.00 -27.26 -37.35
C THR G 154 -3.22 -27.31 -38.25
N ASN G 155 -3.34 -26.36 -39.15
CA ASN G 155 -4.30 -26.55 -40.23
C ASN G 155 -3.64 -26.97 -41.54
N ILE G 156 -2.30 -27.08 -41.52
CA ILE G 156 -1.52 -27.54 -42.67
C ILE G 156 -1.08 -28.98 -42.42
N HIS G 157 -1.66 -29.95 -43.15
CA HIS G 157 -1.21 -31.34 -42.98
C HIS G 157 0.23 -31.49 -43.47
N PRO G 158 1.11 -31.94 -42.59
CA PRO G 158 2.53 -32.06 -42.94
C PRO G 158 2.89 -33.24 -43.85
N ALA G 159 1.88 -33.88 -44.45
CA ALA G 159 2.10 -34.94 -45.44
C ALA G 159 1.45 -34.64 -46.80
N LYS G 160 0.69 -33.55 -46.86
CA LYS G 160 -0.16 -33.23 -48.01
C LYS G 160 0.54 -33.21 -49.37
N ASP G 161 1.76 -32.68 -49.43
CA ASP G 161 2.48 -32.58 -50.70
C ASP G 161 3.87 -33.19 -50.64
N ASN G 162 4.07 -34.11 -49.69
CA ASN G 162 5.35 -34.76 -49.44
C ASN G 162 6.53 -33.78 -49.39
N ARG G 163 6.32 -32.63 -48.73
CA ARG G 163 7.37 -31.64 -48.55
C ARG G 163 8.40 -32.07 -47.50
N TRP G 164 7.98 -32.86 -46.52
CA TRP G 164 8.86 -33.18 -45.38
C TRP G 164 8.96 -34.69 -45.05
N PRO G 165 9.56 -35.49 -45.94
CA PRO G 165 9.66 -36.95 -45.75
C PRO G 165 10.30 -37.41 -44.44
N TYR G 166 11.35 -36.74 -43.98
CA TYR G 166 12.00 -37.11 -42.72
C TYR G 166 11.08 -36.86 -41.53
N LEU G 167 10.31 -35.78 -41.62
CA LEU G 167 9.33 -35.41 -40.60
C LEU G 167 8.17 -36.42 -40.56
N GLU G 168 7.73 -36.88 -41.74
CA GLU G 168 6.59 -37.78 -41.86
C GLU G 168 6.76 -39.11 -41.14
N SER G 169 7.99 -39.62 -41.20
CA SER G 169 8.33 -40.90 -40.57
C SER G 169 8.50 -40.78 -39.06
N ARG G 170 8.40 -39.56 -38.55
CA ARG G 170 8.64 -39.32 -37.13
C ARG G 170 7.44 -38.66 -36.43
N ILE G 171 6.34 -38.49 -37.16
CA ILE G 171 5.10 -37.95 -36.61
C ILE G 171 3.92 -38.90 -36.83
N THR G 172 2.88 -38.73 -36.01
CA THR G 172 1.59 -39.35 -36.22
C THR G 172 0.54 -38.23 -36.29
N VAL G 173 -0.22 -38.20 -37.39
CA VAL G 173 -1.16 -37.13 -37.66
C VAL G 173 -2.59 -37.64 -37.55
N PHE G 174 -3.39 -37.01 -36.69
CA PHE G 174 -4.82 -37.26 -36.61
C PHE G 174 -5.56 -36.07 -37.19
N GLU G 175 -6.46 -36.34 -38.13
CA GLU G 175 -7.26 -35.29 -38.73
C GLU G 175 -8.57 -35.09 -38.00
N PHE G 176 -8.97 -33.82 -37.92
CA PHE G 176 -10.20 -33.41 -37.28
C PHE G 176 -11.04 -32.69 -38.34
N PRO G 177 -11.92 -33.43 -39.01
CA PRO G 177 -12.71 -32.86 -40.08
C PRO G 177 -13.95 -32.06 -39.66
N ASN G 178 -14.47 -32.31 -38.46
CA ASN G 178 -15.79 -31.81 -38.09
C ASN G 178 -15.77 -30.69 -37.06
N ALA G 179 -16.62 -29.69 -37.27
CA ALA G 179 -16.78 -28.57 -36.34
C ALA G 179 -17.10 -29.10 -34.94
N PHE G 180 -16.53 -28.47 -33.92
CA PHE G 180 -16.84 -28.80 -32.54
C PHE G 180 -18.36 -28.70 -32.34
N PRO G 181 -19.00 -29.80 -31.92
CA PRO G 181 -20.46 -29.87 -31.83
C PRO G 181 -21.07 -29.29 -30.54
N PHE G 182 -22.20 -28.61 -30.72
CA PHE G 182 -22.99 -28.02 -29.64
C PHE G 182 -24.44 -28.48 -29.76
N ASP G 183 -25.13 -28.66 -28.63
CA ASP G 183 -26.54 -29.03 -28.68
C ASP G 183 -27.48 -27.83 -28.89
N LYS G 184 -28.78 -28.12 -28.94
CA LYS G 184 -29.83 -27.11 -29.14
C LYS G 184 -29.79 -25.97 -28.12
N ASN G 185 -29.31 -26.26 -26.92
CA ASN G 185 -29.18 -25.27 -25.85
C ASN G 185 -27.87 -24.49 -25.92
N GLY G 186 -27.02 -24.84 -26.88
CA GLY G 186 -25.74 -24.16 -27.06
C GLY G 186 -24.65 -24.65 -26.11
N ASN G 187 -24.93 -25.76 -25.43
CA ASN G 187 -23.90 -26.42 -24.63
C ASN G 187 -23.08 -27.36 -25.50
N PRO G 188 -21.78 -27.48 -25.21
CA PRO G 188 -20.92 -28.43 -25.92
C PRO G 188 -21.45 -29.86 -25.78
N VAL G 189 -21.51 -30.61 -26.88
CA VAL G 189 -21.93 -32.02 -26.80
C VAL G 189 -20.93 -32.84 -25.99
N TYR G 190 -19.64 -32.52 -26.16
CA TYR G 190 -18.57 -33.16 -25.40
C TYR G 190 -17.71 -32.15 -24.64
N GLU G 191 -17.52 -32.39 -23.36
CA GLU G 191 -16.59 -31.59 -22.57
C GLU G 191 -15.39 -32.45 -22.19
N ILE G 192 -14.19 -31.95 -22.49
CA ILE G 192 -12.95 -32.60 -22.11
C ILE G 192 -12.21 -31.72 -21.09
N ASN G 193 -11.97 -32.28 -19.90
CA ASN G 193 -11.39 -31.53 -18.80
C ASN G 193 -10.56 -32.47 -17.92
N ASP G 194 -10.03 -31.93 -16.83
CA ASP G 194 -9.15 -32.68 -15.93
C ASP G 194 -9.84 -33.94 -15.39
N LYS G 195 -11.07 -33.80 -14.92
CA LYS G 195 -11.83 -34.90 -14.32
C LYS G 195 -12.03 -36.03 -15.32
N ASN G 196 -12.34 -35.66 -16.55
CA ASN G 196 -12.55 -36.62 -17.63
C ASN G 196 -11.25 -37.28 -18.08
N TRP G 197 -10.16 -36.51 -18.08
CA TRP G 197 -8.84 -37.06 -18.43
C TRP G 197 -8.35 -38.01 -17.34
N LYS G 198 -8.61 -37.67 -16.09
CA LYS G 198 -8.29 -38.58 -14.98
C LYS G 198 -8.99 -39.94 -15.17
N CYS G 199 -10.29 -39.91 -15.50
CA CYS G 199 -11.04 -41.13 -15.79
C CYS G 199 -10.49 -41.89 -16.98
N PHE G 200 -10.13 -41.16 -18.04
CA PHE G 200 -9.55 -41.76 -19.24
C PHE G 200 -8.31 -42.57 -18.87
N PHE G 201 -7.48 -42.01 -18.00
CA PHE G 201 -6.24 -42.69 -17.61
C PHE G 201 -6.46 -43.87 -16.67
N GLU G 202 -7.40 -43.73 -15.74
CA GLU G 202 -7.83 -44.85 -14.89
C GLU G 202 -8.27 -46.03 -15.75
N ARG G 203 -9.00 -45.73 -16.84
CA ARG G 203 -9.59 -46.76 -17.69
C ARG G 203 -8.67 -47.40 -18.72
N THR G 204 -7.58 -46.70 -19.07
CA THR G 204 -6.66 -47.21 -20.09
C THR G 204 -5.28 -47.47 -19.51
N TRP G 205 -5.13 -47.23 -18.21
CA TRP G 205 -3.83 -47.34 -17.51
C TRP G 205 -2.98 -48.53 -17.95
N SER G 206 -3.51 -49.75 -17.84
CA SER G 206 -2.75 -50.95 -18.14
C SER G 206 -2.42 -51.08 -19.63
N ARG G 207 -3.32 -50.60 -20.48
CA ARG G 207 -3.09 -50.61 -21.92
C ARG G 207 -2.04 -49.58 -22.38
N LEU G 208 -1.64 -48.69 -21.47
CA LEU G 208 -0.65 -47.65 -21.79
C LEU G 208 0.77 -47.94 -21.27
N ASP G 209 0.93 -48.98 -20.44
CA ASP G 209 2.26 -49.40 -19.96
C ASP G 209 2.32 -50.88 -19.58
N PRO H 7 -37.73 -42.21 -41.05
CA PRO H 7 -36.71 -43.23 -40.86
C PRO H 7 -35.56 -42.74 -39.98
N LYS H 8 -35.42 -41.42 -39.88
CA LYS H 8 -34.42 -40.79 -39.02
C LYS H 8 -34.52 -41.25 -37.58
N GLU H 9 -35.76 -41.44 -37.10
CA GLU H 9 -36.02 -41.88 -35.71
C GLU H 9 -35.44 -43.25 -35.42
N THR H 10 -35.69 -44.21 -36.31
CA THR H 10 -35.18 -45.57 -36.15
C THR H 10 -33.66 -45.53 -36.17
N LEU H 11 -33.12 -44.84 -37.17
CA LEU H 11 -31.68 -44.78 -37.38
C LEU H 11 -30.96 -44.12 -36.21
N SER H 12 -31.53 -43.03 -35.70
CA SER H 12 -30.98 -42.33 -34.54
C SER H 12 -30.93 -43.23 -33.30
N GLU H 13 -32.01 -44.00 -33.08
CA GLU H 13 -32.09 -44.85 -31.89
C GLU H 13 -31.12 -46.02 -31.95
N ARG H 14 -31.02 -46.65 -33.13
CA ARG H 14 -30.10 -47.77 -33.30
C ARG H 14 -28.65 -47.30 -33.19
N LEU H 15 -28.32 -46.19 -33.86
CA LEU H 15 -26.97 -45.63 -33.80
C LEU H 15 -26.55 -45.37 -32.37
N SER H 16 -27.44 -44.77 -31.57
CA SER H 16 -27.15 -44.44 -30.19
C SER H 16 -26.85 -45.68 -29.36
N ALA H 17 -27.64 -46.74 -29.57
CA ALA H 17 -27.42 -48.02 -28.90
C ALA H 17 -26.10 -48.65 -29.33
N LEU H 18 -25.85 -48.65 -30.64
CA LEU H 18 -24.61 -49.19 -31.21
C LEU H 18 -23.36 -48.48 -30.69
N GLN H 19 -23.40 -47.16 -30.67
CA GLN H 19 -22.22 -46.38 -30.28
C GLN H 19 -21.90 -46.48 -28.80
N ASP H 20 -22.93 -46.59 -27.96
CA ASP H 20 -22.72 -46.83 -26.53
C ASP H 20 -22.13 -48.22 -26.32
N LYS H 21 -22.58 -49.18 -27.12
CA LYS H 21 -22.08 -50.55 -27.05
C LYS H 21 -20.61 -50.63 -27.46
N ILE H 22 -20.26 -49.87 -28.49
CA ILE H 22 -18.86 -49.78 -28.93
C ILE H 22 -17.93 -49.31 -27.79
N ILE H 23 -18.33 -48.27 -27.06
CA ILE H 23 -17.51 -47.76 -25.94
C ILE H 23 -17.46 -48.78 -24.79
N ASP H 24 -18.55 -49.53 -24.58
CA ASP H 24 -18.59 -50.62 -23.59
C ASP H 24 -17.44 -51.58 -23.84
N HIS H 25 -17.26 -51.97 -25.10
CA HIS H 25 -16.15 -52.83 -25.50
C HIS H 25 -14.80 -52.27 -25.10
N TYR H 26 -14.60 -50.98 -25.37
CA TYR H 26 -13.36 -50.30 -24.98
C TYR H 26 -13.19 -50.30 -23.46
N GLU H 27 -14.28 -50.10 -22.73
CA GLU H 27 -14.28 -50.17 -21.27
C GLU H 27 -13.95 -51.59 -20.78
N ASN H 28 -14.62 -52.58 -21.35
CA ASN H 28 -14.46 -53.97 -20.91
C ASN H 28 -13.09 -54.56 -21.21
N ASP H 29 -12.48 -54.12 -22.31
CA ASP H 29 -11.15 -54.61 -22.71
C ASP H 29 -11.08 -56.15 -22.67
N SER H 30 -12.05 -56.80 -23.32
CA SER H 30 -12.17 -58.25 -23.28
C SER H 30 -11.00 -58.98 -23.92
N LYS H 31 -10.68 -60.16 -23.38
CA LYS H 31 -9.64 -61.02 -23.91
C LYS H 31 -10.27 -62.18 -24.68
N ASP H 32 -11.59 -62.18 -24.75
CA ASP H 32 -12.36 -63.22 -25.45
C ASP H 32 -12.43 -62.90 -26.94
N ILE H 33 -12.18 -63.91 -27.78
CA ILE H 33 -12.25 -63.76 -29.24
C ILE H 33 -13.68 -63.53 -29.77
N ASP H 34 -14.68 -64.09 -29.09
CA ASP H 34 -16.08 -63.84 -29.46
C ASP H 34 -16.46 -62.38 -29.27
N SER H 35 -15.86 -61.73 -28.25
CA SER H 35 -16.07 -60.31 -28.02
C SER H 35 -15.60 -59.48 -29.21
N GLN H 36 -14.47 -59.85 -29.79
CA GLN H 36 -13.91 -59.15 -30.95
C GLN H 36 -14.72 -59.41 -32.23
N ILE H 37 -15.29 -60.60 -32.33
CA ILE H 37 -16.27 -60.89 -33.39
C ILE H 37 -17.47 -59.95 -33.24
N GLN H 38 -18.02 -59.86 -32.03
CA GLN H 38 -19.10 -58.92 -31.72
C GLN H 38 -18.73 -57.48 -32.04
N TYR H 39 -17.54 -57.05 -31.62
CA TYR H 39 -17.10 -55.67 -31.83
C TYR H 39 -17.17 -55.30 -33.30
N TRP H 40 -16.55 -56.10 -34.16
CA TRP H 40 -16.52 -55.79 -35.58
C TRP H 40 -17.89 -55.80 -36.25
N GLN H 41 -18.78 -56.66 -35.77
CA GLN H 41 -20.17 -56.66 -36.18
C GLN H 41 -20.85 -55.32 -35.86
N LEU H 42 -20.54 -54.75 -34.69
CA LEU H 42 -21.05 -53.41 -34.33
C LEU H 42 -20.58 -52.32 -35.32
N ILE H 43 -19.31 -52.38 -35.70
CA ILE H 43 -18.72 -51.43 -36.67
C ILE H 43 -19.42 -51.56 -38.02
N ARG H 44 -19.66 -52.80 -38.44
CA ARG H 44 -20.40 -53.09 -39.66
C ARG H 44 -21.81 -52.48 -39.63
N TRP H 45 -22.52 -52.67 -38.51
CA TRP H 45 -23.88 -52.16 -38.37
C TRP H 45 -23.93 -50.61 -38.26
N GLU H 46 -22.95 -50.05 -37.56
CA GLU H 46 -22.79 -48.59 -37.46
C GLU H 46 -22.67 -47.95 -38.83
N ASN H 47 -21.80 -48.51 -39.66
CA ASN H 47 -21.61 -47.99 -41.00
C ASN H 47 -22.77 -48.23 -41.96
N ALA H 48 -23.52 -49.31 -41.75
CA ALA H 48 -24.78 -49.53 -42.46
C ALA H 48 -25.83 -48.47 -42.11
N ILE H 49 -25.90 -48.08 -40.83
CA ILE H 49 -26.74 -46.95 -40.42
C ILE H 49 -26.35 -45.70 -41.21
N PHE H 50 -25.04 -45.39 -41.26
CA PHE H 50 -24.57 -44.17 -41.93
C PHE H 50 -24.79 -44.19 -43.46
N PHE H 51 -24.65 -45.37 -44.07
CA PHE H 51 -24.99 -45.52 -45.50
C PHE H 51 -26.48 -45.27 -45.75
N ALA H 52 -27.33 -45.92 -44.95
CA ALA H 52 -28.77 -45.70 -45.01
C ALA H 52 -29.14 -44.22 -44.79
N ALA H 53 -28.47 -43.59 -43.82
CA ALA H 53 -28.69 -42.18 -43.51
C ALA H 53 -28.39 -41.28 -44.72
N ARG H 54 -27.22 -41.49 -45.32
CA ARG H 54 -26.78 -40.79 -46.52
C ARG H 54 -27.74 -41.01 -47.72
N GLU H 55 -28.22 -42.25 -47.90
CA GLU H 55 -29.21 -42.58 -48.94
C GLU H 55 -30.53 -41.84 -48.70
N HIS H 56 -30.87 -41.62 -47.43
CA HIS H 56 -32.04 -40.85 -47.06
C HIS H 56 -31.78 -39.34 -47.07
N GLY H 57 -30.55 -38.94 -47.39
CA GLY H 57 -30.18 -37.52 -47.41
C GLY H 57 -30.06 -36.85 -46.04
N ILE H 58 -29.86 -37.66 -45.00
CA ILE H 58 -29.74 -37.17 -43.64
C ILE H 58 -28.29 -36.71 -43.36
N GLN H 59 -28.15 -35.51 -42.79
CA GLN H 59 -26.85 -34.89 -42.57
C GLN H 59 -26.18 -35.28 -41.24
N THR H 60 -26.97 -35.37 -40.17
CA THR H 60 -26.46 -35.69 -38.85
C THR H 60 -27.42 -36.62 -38.13
N LEU H 61 -26.90 -37.52 -37.31
CA LEU H 61 -27.71 -38.36 -36.44
C LEU H 61 -27.10 -38.30 -35.06
N ASN H 62 -27.87 -37.88 -34.07
CA ASN H 62 -27.39 -37.70 -32.69
C ASN H 62 -26.08 -36.90 -32.66
N HIS H 63 -26.08 -35.76 -33.35
CA HIS H 63 -24.93 -34.85 -33.47
C HIS H 63 -23.80 -35.39 -34.34
N GLN H 64 -23.84 -36.67 -34.69
CA GLN H 64 -22.79 -37.26 -35.53
C GLN H 64 -22.94 -36.81 -36.97
N VAL H 65 -21.84 -36.40 -37.60
CA VAL H 65 -21.88 -36.05 -39.03
C VAL H 65 -21.92 -37.33 -39.86
N VAL H 66 -22.97 -37.49 -40.65
CA VAL H 66 -23.09 -38.64 -41.53
C VAL H 66 -21.99 -38.53 -42.61
N PRO H 67 -21.10 -39.50 -42.65
CA PRO H 67 -19.99 -39.47 -43.60
C PRO H 67 -20.43 -39.73 -45.04
N ALA H 68 -19.54 -39.40 -45.96
CA ALA H 68 -19.71 -39.65 -47.38
C ALA H 68 -19.81 -41.15 -47.64
N TYR H 69 -20.50 -41.52 -48.72
CA TYR H 69 -20.69 -42.92 -49.10
C TYR H 69 -19.42 -43.77 -49.04
N ASN H 70 -18.33 -43.26 -49.61
CA ASN H 70 -17.11 -44.05 -49.70
C ASN H 70 -16.49 -44.36 -48.34
N ILE H 71 -16.78 -43.55 -47.34
CA ILE H 71 -16.30 -43.80 -45.98
C ILE H 71 -17.11 -44.95 -45.36
N SER H 72 -18.43 -44.81 -45.37
CA SER H 72 -19.34 -45.82 -44.83
C SER H 72 -19.14 -47.18 -45.49
N LYS H 73 -19.02 -47.21 -46.81
CA LYS H 73 -18.84 -48.48 -47.48
C LYS H 73 -17.46 -49.08 -47.23
N SER H 74 -16.42 -48.26 -47.31
CA SER H 74 -15.06 -48.71 -47.02
C SER H 74 -14.89 -49.22 -45.59
N LYS H 75 -15.48 -48.52 -44.62
CA LYS H 75 -15.38 -48.96 -43.24
C LYS H 75 -16.19 -50.25 -42.99
N ALA H 76 -17.37 -50.35 -43.61
CA ALA H 76 -18.18 -51.58 -43.49
C ALA H 76 -17.46 -52.76 -44.13
N HIS H 77 -16.81 -52.52 -45.27
CA HIS H 77 -16.07 -53.53 -46.00
C HIS H 77 -14.89 -54.07 -45.18
N LYS H 78 -14.13 -53.18 -44.56
CA LYS H 78 -13.07 -53.58 -43.63
C LYS H 78 -13.59 -54.36 -42.43
N ALA H 79 -14.71 -53.91 -41.86
CA ALA H 79 -15.29 -54.57 -40.70
C ALA H 79 -15.67 -56.02 -41.01
N ILE H 80 -16.29 -56.25 -42.17
CA ILE H 80 -16.74 -57.58 -42.59
C ILE H 80 -15.54 -58.51 -42.72
N GLU H 81 -14.49 -57.99 -43.36
CA GLU H 81 -13.21 -58.67 -43.55
C GLU H 81 -12.63 -59.15 -42.21
N LEU H 82 -12.54 -58.26 -41.24
CA LEU H 82 -12.10 -58.61 -39.89
C LEU H 82 -13.06 -59.59 -39.21
N GLN H 83 -14.37 -59.34 -39.32
CA GLN H 83 -15.40 -60.15 -38.66
C GLN H 83 -15.34 -61.62 -39.14
N MET H 84 -15.16 -61.79 -40.45
CA MET H 84 -15.04 -63.10 -41.07
C MET H 84 -13.74 -63.82 -40.70
N ALA H 85 -12.63 -63.08 -40.72
CA ALA H 85 -11.33 -63.60 -40.32
C ALA H 85 -11.33 -64.07 -38.86
N LEU H 86 -12.07 -63.34 -38.03
CA LEU H 86 -12.16 -63.65 -36.61
C LEU H 86 -13.07 -64.84 -36.35
N GLN H 87 -14.17 -64.93 -37.09
CA GLN H 87 -15.08 -66.08 -37.00
C GLN H 87 -14.36 -67.40 -37.30
N GLY H 88 -13.44 -67.35 -38.28
CA GLY H 88 -12.58 -68.47 -38.62
C GLY H 88 -11.53 -68.78 -37.56
N LEU H 89 -10.97 -67.73 -36.97
CA LEU H 89 -9.99 -67.88 -35.90
C LEU H 89 -10.61 -68.43 -34.61
N ALA H 90 -11.90 -68.14 -34.39
CA ALA H 90 -12.63 -68.66 -33.23
C ALA H 90 -13.04 -70.13 -33.42
N GLN H 91 -12.73 -70.68 -34.59
CA GLN H 91 -12.90 -72.10 -34.90
C GLN H 91 -11.60 -72.87 -34.66
N SER H 92 -10.47 -72.15 -34.67
CA SER H 92 -9.13 -72.74 -34.69
C SER H 92 -8.63 -73.24 -33.34
N ALA H 93 -7.39 -73.72 -33.34
CA ALA H 93 -6.70 -74.22 -32.15
C ALA H 93 -6.30 -73.11 -31.19
N TYR H 94 -6.35 -71.86 -31.65
CA TYR H 94 -5.87 -70.71 -30.89
C TYR H 94 -7.01 -69.89 -30.30
N LYS H 95 -8.24 -70.41 -30.42
CA LYS H 95 -9.44 -69.72 -29.94
C LYS H 95 -9.45 -69.42 -28.43
N THR H 96 -8.62 -70.14 -27.66
CA THR H 96 -8.59 -69.97 -26.21
C THR H 96 -7.52 -68.98 -25.74
N GLU H 97 -6.62 -68.59 -26.65
CA GLU H 97 -5.65 -67.53 -26.37
C GLU H 97 -6.36 -66.21 -26.07
N ASP H 98 -5.67 -65.30 -25.39
CA ASP H 98 -6.16 -63.95 -25.22
C ASP H 98 -6.24 -63.29 -26.59
N TRP H 99 -7.42 -62.76 -26.92
CA TRP H 99 -7.60 -61.94 -28.14
C TRP H 99 -8.26 -60.62 -27.77
N THR H 100 -7.44 -59.56 -27.79
CA THR H 100 -7.87 -58.23 -27.36
C THR H 100 -8.28 -57.36 -28.54
N LEU H 101 -8.87 -56.20 -28.21
CA LEU H 101 -9.15 -55.16 -29.19
C LEU H 101 -7.89 -54.77 -29.96
N GLN H 102 -6.76 -54.72 -29.24
CA GLN H 102 -5.48 -54.33 -29.84
C GLN H 102 -4.92 -55.41 -30.76
N ASP H 103 -5.06 -56.68 -30.37
CA ASP H 103 -4.67 -57.80 -31.21
C ASP H 103 -5.48 -57.83 -32.50
N THR H 104 -6.73 -57.39 -32.44
CA THR H 104 -7.66 -57.54 -33.55
C THR H 104 -8.09 -56.21 -34.20
N CYS H 105 -7.27 -55.17 -34.07
CA CYS H 105 -7.57 -53.87 -34.69
C CYS H 105 -7.15 -53.81 -36.17
N GLU H 106 -7.68 -52.82 -36.87
CA GLU H 106 -7.42 -52.63 -38.31
C GLU H 106 -5.99 -52.22 -38.62
N GLU H 107 -5.41 -51.37 -37.78
CA GLU H 107 -4.03 -50.94 -37.97
C GLU H 107 -3.05 -52.13 -38.00
N LEU H 108 -3.16 -53.01 -37.02
CA LEU H 108 -2.30 -54.20 -36.95
C LEU H 108 -2.57 -55.13 -38.13
N TRP H 109 -3.85 -55.35 -38.40
CA TRP H 109 -4.31 -56.15 -39.54
C TRP H 109 -3.78 -55.63 -40.89
N ASN H 110 -3.71 -54.30 -41.03
CA ASN H 110 -3.17 -53.67 -42.24
C ASN H 110 -1.64 -53.69 -42.33
N THR H 111 -0.98 -54.16 -41.26
CA THR H 111 0.47 -54.23 -41.20
C THR H 111 0.95 -55.56 -41.78
N GLU H 112 2.11 -55.54 -42.42
CA GLU H 112 2.74 -56.74 -42.98
C GLU H 112 3.16 -57.73 -41.89
N PRO H 113 2.87 -59.02 -42.09
CA PRO H 113 2.14 -59.50 -43.25
C PRO H 113 0.65 -59.22 -43.16
N THR H 114 0.08 -58.68 -44.23
CA THR H 114 -1.34 -58.32 -44.25
C THR H 114 -2.24 -59.55 -44.18
N HIS H 115 -3.47 -59.34 -43.73
CA HIS H 115 -4.47 -60.40 -43.58
C HIS H 115 -4.03 -61.52 -42.65
N CYS H 116 -3.07 -61.21 -41.77
CA CYS H 116 -2.62 -62.10 -40.72
C CYS H 116 -2.78 -61.41 -39.38
N PHE H 117 -2.94 -62.21 -38.33
CA PHE H 117 -2.87 -61.71 -36.97
C PHE H 117 -1.45 -61.90 -36.46
N LYS H 118 -1.00 -61.02 -35.57
CA LYS H 118 0.35 -61.13 -35.02
C LYS H 118 0.48 -60.69 -33.56
N LYS H 119 1.39 -61.36 -32.87
CA LYS H 119 1.69 -61.08 -31.46
C LYS H 119 3.21 -61.05 -31.29
N GLY H 120 3.66 -60.24 -30.34
CA GLY H 120 5.08 -60.16 -30.00
C GLY H 120 5.95 -59.57 -31.09
N GLY H 121 5.93 -58.25 -31.22
CA GLY H 121 6.83 -57.57 -32.13
C GLY H 121 8.24 -57.56 -31.59
N GLN H 122 9.22 -57.80 -32.47
CA GLN H 122 10.63 -57.65 -32.13
C GLN H 122 11.31 -56.80 -33.20
N THR H 123 12.06 -55.78 -32.76
CA THR H 123 12.66 -54.82 -33.69
C THR H 123 13.84 -55.40 -34.46
N VAL H 124 13.85 -55.16 -35.77
CA VAL H 124 14.94 -55.55 -36.63
C VAL H 124 15.64 -54.30 -37.16
N GLN H 125 16.97 -54.33 -37.16
CA GLN H 125 17.78 -53.19 -37.57
C GLN H 125 18.46 -53.47 -38.91
N VAL H 126 18.23 -52.61 -39.89
CA VAL H 126 18.84 -52.75 -41.22
C VAL H 126 19.60 -51.49 -41.61
N TYR H 127 20.87 -51.66 -41.96
CA TYR H 127 21.74 -50.55 -42.35
C TYR H 127 22.14 -50.63 -43.81
N PHE H 128 21.89 -49.57 -44.54
CA PHE H 128 22.14 -49.53 -45.98
C PHE H 128 23.46 -48.84 -46.30
N ASP H 129 24.11 -49.32 -47.35
CA ASP H 129 25.39 -48.77 -47.84
C ASP H 129 26.55 -48.84 -46.84
N GLY H 130 26.28 -49.33 -45.63
CA GLY H 130 27.27 -49.36 -44.56
C GLY H 130 27.34 -48.02 -43.86
N ASN H 131 26.18 -47.38 -43.69
CA ASN H 131 26.07 -46.09 -43.04
C ASN H 131 25.15 -46.20 -41.83
N LYS H 132 25.68 -45.84 -40.66
CA LYS H 132 24.91 -45.83 -39.42
C LYS H 132 23.72 -44.87 -39.50
N ASP H 133 23.92 -43.73 -40.19
CA ASP H 133 22.86 -42.76 -40.43
C ASP H 133 21.72 -43.35 -41.26
N ASN H 134 22.09 -44.19 -42.24
CA ASN H 134 21.13 -44.77 -43.17
C ASN H 134 20.50 -46.06 -42.65
N CYS H 135 19.75 -45.94 -41.55
CA CYS H 135 19.13 -47.07 -40.88
C CYS H 135 17.61 -47.07 -41.03
N MET H 136 17.03 -48.27 -41.02
CA MET H 136 15.57 -48.45 -41.01
C MET H 136 15.17 -49.59 -40.08
N THR H 137 14.08 -49.39 -39.34
CA THR H 137 13.62 -50.35 -38.35
C THR H 137 12.43 -51.14 -38.89
N TYR H 138 12.41 -52.44 -38.58
CA TYR H 138 11.31 -53.32 -38.97
C TYR H 138 10.87 -54.17 -37.78
N VAL H 139 9.70 -54.80 -37.89
CA VAL H 139 9.18 -55.62 -36.80
C VAL H 139 9.07 -57.10 -37.19
N ALA H 140 9.82 -57.94 -36.47
CA ALA H 140 9.71 -59.40 -36.60
C ALA H 140 8.69 -59.92 -35.60
N TRP H 141 7.62 -60.52 -36.11
CA TRP H 141 6.51 -60.97 -35.26
C TRP H 141 6.82 -62.35 -34.67
N ASP H 142 6.81 -62.44 -33.33
CA ASP H 142 7.02 -63.70 -32.63
C ASP H 142 6.09 -64.79 -33.15
N SER H 143 4.83 -64.42 -33.38
CA SER H 143 3.83 -65.32 -33.96
C SER H 143 3.09 -64.64 -35.10
N VAL H 144 2.97 -65.37 -36.22
CA VAL H 144 2.11 -64.97 -37.33
C VAL H 144 0.99 -66.01 -37.47
N TYR H 145 -0.25 -65.55 -37.34
CA TYR H 145 -1.42 -66.41 -37.54
C TYR H 145 -1.97 -66.16 -38.93
N TYR H 146 -1.83 -67.17 -39.80
CA TYR H 146 -2.24 -67.04 -41.20
C TYR H 146 -3.33 -68.05 -41.58
N MET H 147 -4.13 -67.68 -42.58
CA MET H 147 -5.22 -68.54 -43.04
C MET H 147 -4.77 -69.45 -44.19
N THR H 148 -4.96 -70.75 -44.01
CA THR H 148 -4.66 -71.75 -45.04
C THR H 148 -5.73 -71.72 -46.14
N ASP H 149 -5.48 -72.45 -47.23
CA ASP H 149 -6.45 -72.58 -48.31
C ASP H 149 -7.72 -73.35 -47.92
N ALA H 150 -7.63 -74.08 -46.81
CA ALA H 150 -8.78 -74.79 -46.24
C ALA H 150 -9.73 -73.85 -45.50
N GLY H 151 -9.29 -72.61 -45.29
CA GLY H 151 -10.07 -71.64 -44.52
C GLY H 151 -9.88 -71.82 -43.02
N THR H 152 -8.84 -72.57 -42.65
CA THR H 152 -8.45 -72.73 -41.25
C THR H 152 -7.23 -71.85 -40.98
N TRP H 153 -6.95 -71.61 -39.70
CA TRP H 153 -5.87 -70.71 -39.30
C TRP H 153 -4.71 -71.45 -38.65
N ASP H 154 -3.50 -70.91 -38.83
CA ASP H 154 -2.28 -71.56 -38.35
C ASP H 154 -1.22 -70.57 -37.84
N LYS H 155 -0.58 -70.93 -36.73
CA LYS H 155 0.41 -70.08 -36.07
C LYS H 155 1.83 -70.51 -36.42
N THR H 156 2.69 -69.53 -36.66
CA THR H 156 4.10 -69.78 -36.97
C THR H 156 4.98 -68.58 -36.60
N ALA H 157 6.27 -68.82 -36.38
CA ALA H 157 7.21 -67.77 -36.00
C ALA H 157 7.74 -67.02 -37.23
N THR H 158 8.22 -65.80 -37.01
CA THR H 158 8.89 -65.03 -38.06
C THR H 158 10.37 -65.38 -38.08
N CYS H 159 10.92 -65.50 -39.28
CA CYS H 159 12.35 -65.71 -39.44
C CYS H 159 13.04 -64.50 -40.09
N VAL H 160 14.31 -64.30 -39.74
CA VAL H 160 15.08 -63.16 -40.21
C VAL H 160 16.29 -63.60 -41.04
N SER H 161 16.24 -63.36 -42.34
CA SER H 161 17.40 -63.59 -43.20
C SER H 161 17.99 -62.27 -43.71
N HIS H 162 19.05 -62.36 -44.50
CA HIS H 162 19.64 -61.19 -45.16
C HIS H 162 18.73 -60.72 -46.29
N ARG H 163 17.93 -61.64 -46.82
CA ARG H 163 16.94 -61.32 -47.83
C ARG H 163 15.81 -60.42 -47.28
N GLY H 164 15.33 -60.73 -46.09
CA GLY H 164 14.25 -59.99 -45.46
C GLY H 164 13.60 -60.73 -44.31
N LEU H 165 12.41 -60.27 -43.92
CA LEU H 165 11.63 -60.96 -42.89
C LEU H 165 10.64 -61.91 -43.53
N TYR H 166 10.57 -63.14 -43.01
CA TYR H 166 9.66 -64.16 -43.55
C TYR H 166 9.03 -65.09 -42.52
N TYR H 167 7.97 -65.77 -42.93
CA TYR H 167 7.35 -66.83 -42.15
C TYR H 167 7.06 -68.04 -43.04
N VAL H 168 7.21 -69.23 -42.45
CA VAL H 168 6.98 -70.48 -43.17
C VAL H 168 5.48 -70.79 -43.23
N LYS H 169 4.88 -70.54 -44.39
CA LYS H 169 3.45 -70.79 -44.63
C LYS H 169 3.28 -72.05 -45.47
N GLU H 170 2.77 -73.11 -44.85
CA GLU H 170 2.60 -74.40 -45.52
C GLU H 170 3.88 -74.80 -46.25
N GLY H 171 4.98 -74.85 -45.50
CA GLY H 171 6.30 -75.21 -46.05
C GLY H 171 7.01 -74.09 -46.81
N TYR H 172 6.23 -73.23 -47.45
CA TYR H 172 6.73 -72.14 -48.29
C TYR H 172 7.29 -70.97 -47.46
N ASN H 173 8.53 -70.59 -47.75
CA ASN H 173 9.14 -69.39 -47.17
C ASN H 173 8.44 -68.13 -47.67
N THR H 174 7.65 -67.50 -46.81
CA THR H 174 6.82 -66.37 -47.22
C THR H 174 7.33 -65.05 -46.62
N PHE H 175 7.96 -64.25 -47.47
CA PHE H 175 8.53 -62.95 -47.09
C PHE H 175 7.48 -61.84 -47.09
N TYR H 176 7.53 -60.98 -46.07
CA TYR H 176 6.64 -59.84 -46.00
C TYR H 176 7.39 -58.49 -46.02
N ILE H 177 8.70 -58.56 -45.76
CA ILE H 177 9.61 -57.45 -46.04
C ILE H 177 10.78 -58.00 -46.87
N GLU H 178 10.98 -57.44 -48.05
CA GLU H 178 12.13 -57.79 -48.90
C GLU H 178 13.17 -56.68 -48.79
N PHE H 179 14.31 -56.98 -48.17
CA PHE H 179 15.33 -55.96 -47.90
C PHE H 179 15.97 -55.38 -49.16
N LYS H 180 15.96 -56.14 -50.25
CA LYS H 180 16.50 -55.67 -51.53
C LYS H 180 15.76 -54.45 -52.05
N SER H 181 14.43 -54.50 -52.00
CA SER H 181 13.60 -53.37 -52.39
C SER H 181 13.75 -52.19 -51.43
N GLU H 182 13.95 -52.49 -50.15
CA GLU H 182 14.20 -51.46 -49.14
C GLU H 182 15.51 -50.71 -49.43
N CYS H 183 16.53 -51.45 -49.84
CA CYS H 183 17.82 -50.86 -50.19
C CYS H 183 17.72 -50.00 -51.45
N GLU H 184 16.89 -50.45 -52.39
CA GLU H 184 16.65 -49.72 -53.64
C GLU H 184 16.06 -48.32 -53.37
N LYS H 185 15.37 -48.18 -52.24
CA LYS H 185 14.80 -46.90 -51.80
C LYS H 185 15.81 -46.04 -51.03
N TYR H 186 16.48 -46.64 -50.04
CA TYR H 186 17.29 -45.87 -49.09
C TYR H 186 18.79 -45.88 -49.37
N GLY H 187 19.26 -46.85 -50.14
CA GLY H 187 20.69 -46.98 -50.42
C GLY H 187 21.06 -46.80 -51.88
N ASN H 188 22.36 -46.70 -52.14
CA ASN H 188 22.89 -46.56 -53.49
C ASN H 188 23.98 -47.58 -53.87
N THR H 189 24.41 -48.40 -52.92
CA THR H 189 25.42 -49.43 -53.18
C THR H 189 24.80 -50.79 -53.43
N GLY H 190 23.48 -50.89 -53.24
CA GLY H 190 22.77 -52.15 -53.40
C GLY H 190 23.17 -53.17 -52.35
N THR H 191 23.77 -52.70 -51.26
CA THR H 191 24.19 -53.56 -50.16
C THR H 191 23.63 -53.05 -48.84
N TRP H 192 23.33 -54.01 -47.96
CA TRP H 192 22.78 -53.72 -46.64
C TRP H 192 23.28 -54.72 -45.63
N GLU H 193 23.14 -54.36 -44.35
CA GLU H 193 23.54 -55.20 -43.23
C GLU H 193 22.35 -55.35 -42.30
N VAL H 194 22.13 -56.57 -41.80
CA VAL H 194 20.97 -56.87 -40.96
C VAL H 194 21.40 -57.23 -39.53
N HIS H 195 20.87 -56.49 -38.56
CA HIS H 195 21.09 -56.80 -37.16
C HIS H 195 19.81 -57.29 -36.49
N PHE H 196 19.78 -58.57 -36.17
CA PHE H 196 18.70 -59.15 -35.38
C PHE H 196 19.17 -59.33 -33.93
N GLY H 197 18.95 -58.30 -33.13
CA GLY H 197 19.42 -58.27 -31.75
C GLY H 197 20.94 -58.21 -31.70
N ASN H 198 21.55 -59.38 -31.50
CA ASN H 198 23.00 -59.51 -31.43
C ASN H 198 23.56 -60.39 -32.55
N ASN H 199 22.81 -60.49 -33.65
CA ASN H 199 23.15 -61.37 -34.76
C ASN H 199 23.31 -60.61 -36.07
N VAL H 200 24.17 -61.11 -36.95
CA VAL H 200 24.40 -60.53 -38.27
C VAL H 200 24.49 -61.64 -39.32
N ASN I 9 0.80 62.58 16.13
CA ASN I 9 0.32 61.79 17.31
C ASN I 9 0.01 60.33 16.99
N MET I 10 -0.37 59.58 18.02
CA MET I 10 -0.60 58.15 17.94
C MET I 10 -1.76 57.79 16.99
N SER I 11 -2.87 58.52 17.08
CA SER I 11 -4.03 58.27 16.21
C SER I 11 -3.66 58.40 14.73
N GLN I 12 -2.97 59.49 14.39
CA GLN I 12 -2.50 59.68 13.00
C GLN I 12 -1.52 58.60 12.59
N TRP I 13 -0.61 58.25 13.50
CA TRP I 13 0.41 57.25 13.24
C TRP I 13 -0.19 55.88 12.97
N ILE I 14 -1.15 55.47 13.81
CA ILE I 14 -1.83 54.19 13.63
C ILE I 14 -2.65 54.17 12.35
N ARG I 15 -3.33 55.28 12.04
CA ARG I 15 -4.06 55.40 10.77
C ARG I 15 -3.09 55.26 9.59
N PHE I 16 -1.94 55.92 9.69
CA PHE I 16 -0.91 55.78 8.67
C PHE I 16 -0.47 54.32 8.53
N ARG I 17 -0.17 53.68 9.66
CA ARG I 17 0.31 52.30 9.65
C ARG I 17 -0.70 51.36 8.99
N CYS I 18 -1.97 51.53 9.34
CA CYS I 18 -3.06 50.75 8.73
C CYS I 18 -3.13 50.87 7.20
N SER I 19 -2.74 52.05 6.68
CA SER I 19 -2.77 52.34 5.24
C SER I 19 -1.71 51.55 4.49
N LYS I 20 -0.72 51.06 5.25
CA LYS I 20 0.40 50.32 4.70
C LYS I 20 0.18 48.81 4.69
N ILE I 21 -0.97 48.37 5.19
CA ILE I 21 -1.24 46.94 5.35
C ILE I 21 -2.51 46.53 4.59
N ASP I 22 -2.54 45.31 4.05
CA ASP I 22 -3.69 44.79 3.32
C ASP I 22 -4.91 44.57 4.22
N GLU I 23 -6.08 44.84 3.66
CA GLU I 23 -7.36 44.38 4.23
C GLU I 23 -7.49 42.88 4.13
N GLY I 24 -8.48 42.32 4.83
CA GLY I 24 -8.78 40.89 4.75
C GLY I 24 -8.22 40.09 5.90
N GLY I 25 -7.67 40.78 6.90
CA GLY I 25 -7.16 40.11 8.09
C GLY I 25 -8.29 39.72 9.03
N ASP I 26 -7.93 39.14 10.17
CA ASP I 26 -8.92 38.62 11.11
C ASP I 26 -8.43 39.01 12.51
N TRP I 27 -9.23 39.78 13.24
CA TRP I 27 -8.81 40.17 14.59
C TRP I 27 -8.94 39.05 15.62
N ARG I 28 -9.68 38.00 15.28
CA ARG I 28 -10.09 36.97 16.26
C ARG I 28 -8.94 36.23 16.95
N PRO I 29 -7.94 35.76 16.19
CA PRO I 29 -6.80 35.08 16.82
C PRO I 29 -6.07 35.90 17.88
N ILE I 30 -6.06 37.23 17.74
CA ILE I 30 -5.52 38.10 18.78
C ILE I 30 -6.36 37.99 20.06
N VAL I 31 -7.67 38.19 19.94
CA VAL I 31 -8.58 38.09 21.09
C VAL I 31 -8.55 36.68 21.70
N GLN I 32 -8.58 35.67 20.84
CA GLN I 32 -8.58 34.27 21.29
C GLN I 32 -7.29 33.90 22.01
N PHE I 33 -6.15 34.39 21.49
CA PHE I 33 -4.86 34.15 22.14
C PHE I 33 -4.83 34.73 23.54
N LEU I 34 -5.37 35.95 23.68
CA LEU I 34 -5.48 36.60 24.98
C LEU I 34 -6.33 35.79 25.95
N ARG I 35 -7.49 35.33 25.49
CA ARG I 35 -8.40 34.54 26.34
C ARG I 35 -7.80 33.16 26.65
N TYR I 36 -7.03 32.62 25.69
CA TYR I 36 -6.29 31.37 25.86
C TYR I 36 -5.29 31.52 27.00
N GLN I 37 -4.78 32.74 27.17
CA GLN I 37 -3.82 33.08 28.21
C GLN I 37 -4.51 33.60 29.48
N GLN I 38 -5.84 33.46 29.52
CA GLN I 38 -6.65 33.79 30.70
C GLN I 38 -6.70 35.28 30.98
N ILE I 39 -6.36 36.07 29.96
CA ILE I 39 -6.44 37.52 30.04
C ILE I 39 -7.85 37.92 29.66
N GLU I 40 -8.40 38.88 30.41
CA GLU I 40 -9.70 39.44 30.09
C GLU I 40 -9.55 40.47 28.98
N PHE I 41 -10.28 40.26 27.89
CA PHE I 41 -10.22 41.14 26.72
C PHE I 41 -10.54 42.61 27.04
N ILE I 42 -11.61 42.86 27.79
CA ILE I 42 -12.01 44.25 28.10
C ILE I 42 -10.96 44.94 28.97
N THR I 43 -10.37 44.17 29.89
CA THR I 43 -9.28 44.67 30.73
C THR I 43 -8.08 45.01 29.85
N PHE I 44 -7.74 44.11 28.93
CA PHE I 44 -6.63 44.34 27.99
C PHE I 44 -6.85 45.59 27.15
N LEU I 45 -8.06 45.77 26.62
CA LEU I 45 -8.37 46.91 25.77
C LEU I 45 -8.26 48.24 26.51
N GLY I 46 -8.72 48.26 27.77
CA GLY I 46 -8.59 49.46 28.61
C GLY I 46 -7.14 49.79 28.91
N ALA I 47 -6.33 48.76 29.15
CA ALA I 47 -4.89 48.97 29.41
C ALA I 47 -4.18 49.50 28.17
N LEU I 48 -4.51 48.93 27.01
CA LEU I 48 -4.01 49.39 25.72
C LEU I 48 -4.43 50.82 25.42
N LYS I 49 -5.69 51.15 25.72
CA LYS I 49 -6.19 52.52 25.55
C LYS I 49 -5.29 53.54 26.26
N SER I 50 -5.04 53.31 27.56
CA SER I 50 -4.23 54.22 28.37
C SER I 50 -2.77 54.23 27.91
N PHE I 51 -2.26 53.04 27.58
CA PHE I 51 -0.91 52.85 27.07
C PHE I 51 -0.64 53.70 25.84
N LEU I 52 -1.54 53.65 24.85
CA LEU I 52 -1.36 54.35 23.58
C LEU I 52 -1.55 55.85 23.70
N LYS I 53 -2.23 56.26 24.77
CA LYS I 53 -2.35 57.67 25.13
C LYS I 53 -1.10 58.13 25.85
N GLY I 54 -0.33 57.19 26.39
CA GLY I 54 0.82 57.52 27.23
C GLY I 54 0.39 58.23 28.51
N THR I 55 -0.73 57.80 29.11
CA THR I 55 -1.16 58.42 30.37
C THR I 55 -0.25 58.06 31.56
N PRO I 56 0.09 59.07 32.36
CA PRO I 56 0.90 58.89 33.55
C PRO I 56 0.55 57.61 34.30
N LYS I 57 1.57 56.82 34.62
CA LYS I 57 1.43 55.59 35.40
C LYS I 57 0.82 54.45 34.60
N LYS I 58 0.40 54.75 33.37
CA LYS I 58 -0.18 53.75 32.48
C LYS I 58 0.56 53.70 31.13
N ASN I 59 1.82 54.13 31.08
CA ASN I 59 2.55 54.09 29.80
C ASN I 59 3.61 52.99 29.72
N CYS I 60 3.41 51.97 30.55
CA CYS I 60 4.29 50.82 30.60
C CYS I 60 3.47 49.56 30.73
N LEU I 61 3.48 48.77 29.66
CA LEU I 61 2.81 47.47 29.61
C LEU I 61 3.84 46.37 29.76
N VAL I 62 3.48 45.35 30.53
CA VAL I 62 4.39 44.25 30.79
C VAL I 62 3.67 42.94 30.51
N PHE I 63 4.28 42.12 29.65
CA PHE I 63 3.78 40.78 29.41
C PHE I 63 4.69 39.80 30.16
N CYS I 64 4.13 39.12 31.15
CA CYS I 64 4.93 38.28 32.04
C CYS I 64 4.56 36.81 31.97
N GLY I 65 5.55 35.94 31.79
CA GLY I 65 5.29 34.51 31.74
C GLY I 65 6.50 33.68 31.37
N PRO I 66 6.39 32.35 31.51
CA PRO I 66 7.42 31.41 31.06
C PRO I 66 7.86 31.64 29.60
N ALA I 67 8.94 30.97 29.20
CA ALA I 67 9.55 31.20 27.88
C ALA I 67 8.74 30.64 26.72
N ASN I 68 7.96 29.60 26.98
CA ASN I 68 7.24 28.88 25.93
C ASN I 68 5.87 29.47 25.57
N THR I 69 5.54 30.61 26.16
CA THR I 69 4.17 31.14 26.12
C THR I 69 3.80 31.95 24.87
N GLY I 70 4.80 32.39 24.11
CA GLY I 70 4.56 33.27 22.97
C GLY I 70 4.40 34.75 23.31
N LYS I 71 4.66 35.11 24.56
CA LYS I 71 4.54 36.51 25.02
C LYS I 71 5.41 37.48 24.20
N SER I 72 6.61 37.05 23.82
CA SER I 72 7.51 37.88 23.03
C SER I 72 7.12 37.94 21.56
N TYR I 73 6.72 36.79 21.02
CA TYR I 73 6.18 36.72 19.67
C TYR I 73 4.97 37.65 19.54
N PHE I 74 4.06 37.57 20.52
CA PHE I 74 2.87 38.42 20.58
C PHE I 74 3.28 39.90 20.65
N GLY I 75 4.16 40.23 21.61
CA GLY I 75 4.65 41.60 21.80
C GLY I 75 5.34 42.16 20.57
N MET I 76 6.23 41.35 19.99
CA MET I 76 6.94 41.70 18.76
C MET I 76 5.99 41.92 17.58
N SER I 77 4.93 41.11 17.49
CA SER I 77 3.93 41.31 16.44
C SER I 77 3.31 42.71 16.50
N PHE I 78 3.08 43.20 17.72
CA PHE I 78 2.52 44.53 17.93
C PHE I 78 3.52 45.62 17.52
N ILE I 79 4.77 45.47 17.97
CA ILE I 79 5.86 46.37 17.60
C ILE I 79 6.07 46.44 16.08
N HIS I 80 5.94 45.31 15.41
CA HIS I 80 6.07 45.26 13.96
C HIS I 80 4.93 45.99 13.25
N PHE I 81 3.71 45.72 13.68
CA PHE I 81 2.55 46.45 13.19
C PHE I 81 2.73 47.97 13.33
N ILE I 82 3.11 48.40 14.52
CA ILE I 82 3.23 49.83 14.82
C ILE I 82 4.53 50.50 14.29
N GLN I 83 5.48 49.68 13.84
CA GLN I 83 6.83 50.13 13.47
C GLN I 83 7.54 50.81 14.62
N GLY I 84 7.46 50.19 15.80
CA GLY I 84 8.14 50.72 16.97
C GLY I 84 9.56 50.24 17.03
N ALA I 85 10.26 50.56 18.11
CA ALA I 85 11.67 50.22 18.26
C ALA I 85 11.86 49.11 19.28
N VAL I 86 12.73 48.16 18.96
CA VAL I 86 13.16 47.17 19.94
C VAL I 86 14.45 47.69 20.57
N ILE I 87 14.43 47.88 21.89
CA ILE I 87 15.60 48.35 22.60
C ILE I 87 16.22 47.20 23.40
N SER I 88 17.55 47.20 23.48
CA SER I 88 18.25 46.14 24.16
C SER I 88 18.87 46.69 25.44
N PHE I 89 18.49 46.08 26.57
CA PHE I 89 18.97 46.55 27.87
C PHE I 89 20.47 46.43 27.98
N VAL I 90 21.08 47.50 28.49
CA VAL I 90 22.51 47.54 28.81
C VAL I 90 22.69 48.05 30.25
N ASN I 91 23.52 47.35 31.02
CA ASN I 91 23.87 47.71 32.39
C ASN I 91 25.06 48.68 32.33
N SER I 92 24.76 49.98 32.43
CA SER I 92 25.79 51.01 32.26
C SER I 92 25.46 52.34 32.95
N THR I 93 26.50 53.10 33.26
CA THR I 93 26.34 54.47 33.78
C THR I 93 25.82 55.40 32.68
N SER I 94 26.02 54.98 31.44
CA SER I 94 25.52 55.69 30.27
C SER I 94 24.10 55.26 29.92
N HIS I 95 23.34 56.19 29.35
CA HIS I 95 21.97 55.88 28.94
C HIS I 95 21.81 55.85 27.41
N PHE I 96 22.95 55.71 26.71
CA PHE I 96 22.99 55.67 25.23
C PHE I 96 22.01 54.68 24.62
N TRP I 97 21.76 53.58 25.34
CA TRP I 97 20.91 52.49 24.84
C TRP I 97 19.42 52.88 24.81
N LEU I 98 19.08 54.00 25.43
CA LEU I 98 17.71 54.54 25.42
C LEU I 98 17.53 55.60 24.33
N GLU I 99 18.62 55.91 23.64
CA GLU I 99 18.61 56.88 22.54
C GLU I 99 17.45 56.68 21.56
N PRO I 100 17.21 55.44 21.10
CA PRO I 100 16.13 55.17 20.15
C PRO I 100 14.75 55.59 20.62
N LEU I 101 14.56 55.76 21.93
CA LEU I 101 13.32 56.30 22.49
C LEU I 101 12.95 57.70 21.99
N THR I 102 13.95 58.44 21.50
CA THR I 102 13.68 59.80 21.02
C THR I 102 12.92 59.84 19.69
N ASP I 103 12.99 58.78 18.90
CA ASP I 103 12.38 58.80 17.57
C ASP I 103 11.42 57.64 17.29
N THR I 104 10.80 57.11 18.33
CA THR I 104 9.86 56.01 18.14
C THR I 104 8.48 56.28 18.76
N LYS I 105 7.46 55.62 18.22
CA LYS I 105 6.09 55.78 18.72
C LYS I 105 5.83 54.89 19.92
N VAL I 106 6.38 53.68 19.87
CA VAL I 106 6.30 52.70 20.96
C VAL I 106 7.62 51.95 20.97
N ALA I 107 8.08 51.61 22.17
CA ALA I 107 9.28 50.82 22.34
C ALA I 107 8.99 49.48 23.02
N MET I 108 9.83 48.50 22.70
CA MET I 108 9.77 47.22 23.38
C MET I 108 11.13 46.86 23.93
N LEU I 109 11.13 46.32 25.14
CA LEU I 109 12.29 45.71 25.70
C LEU I 109 11.94 44.23 25.93
N ASP I 110 12.74 43.35 25.33
CA ASP I 110 12.46 41.92 25.33
C ASP I 110 13.23 41.23 26.46
N ASP I 111 12.54 40.39 27.23
CA ASP I 111 13.13 39.58 28.29
C ASP I 111 13.83 40.45 29.35
N ALA I 112 13.04 41.29 30.03
CA ALA I 112 13.53 42.13 31.11
C ALA I 112 13.97 41.25 32.28
N THR I 113 15.18 41.52 32.78
CA THR I 113 15.73 40.81 33.92
C THR I 113 15.58 41.64 35.19
N THR I 114 15.95 41.04 36.33
CA THR I 114 16.00 41.73 37.63
C THR I 114 16.81 43.03 37.57
N THR I 115 17.95 42.98 36.88
CA THR I 115 18.80 44.17 36.67
C THR I 115 18.04 45.26 35.93
N CYS I 116 17.28 44.87 34.91
CA CYS I 116 16.47 45.81 34.14
C CYS I 116 15.38 46.48 34.98
N TRP I 117 14.70 45.69 35.83
CA TRP I 117 13.67 46.24 36.70
C TRP I 117 14.25 47.16 37.77
N THR I 118 15.44 46.82 38.27
CA THR I 118 16.14 47.68 39.21
C THR I 118 16.43 49.01 38.53
N TYR I 119 16.93 48.95 37.28
CA TYR I 119 17.14 50.15 36.50
C TYR I 119 15.87 51.02 36.38
N PHE I 120 14.75 50.38 36.00
CA PHE I 120 13.49 51.11 35.78
C PHE I 120 13.00 51.77 37.07
N ASP I 121 12.98 50.99 38.14
CA ASP I 121 12.59 51.49 39.46
C ASP I 121 13.40 52.72 39.88
N THR I 122 14.72 52.65 39.67
CA THR I 122 15.64 53.73 40.06
C THR I 122 15.68 54.92 39.09
N TYR I 123 15.69 54.64 37.79
CA TYR I 123 16.03 55.66 36.79
C TYR I 123 14.95 56.03 35.79
N MET I 124 13.83 55.30 35.77
CA MET I 124 12.78 55.56 34.78
C MET I 124 11.51 56.15 35.39
N ARG I 125 11.63 56.81 36.55
CA ARG I 125 10.46 57.33 37.25
C ARG I 125 9.71 58.40 36.49
N ASN I 126 10.43 59.39 35.97
CA ASN I 126 9.81 60.47 35.20
C ASN I 126 9.35 60.03 33.81
N ALA I 127 9.92 58.93 33.33
CA ALA I 127 9.41 58.25 32.15
C ALA I 127 8.08 57.57 32.45
N LEU I 128 8.02 56.86 33.58
CA LEU I 128 6.83 56.14 34.01
C LEU I 128 5.70 57.07 34.50
N ASP I 129 6.09 58.27 34.94
CA ASP I 129 5.13 59.27 35.43
C ASP I 129 4.61 60.21 34.34
N GLY I 130 5.22 60.13 33.15
CA GLY I 130 4.83 60.97 32.02
C GLY I 130 5.41 62.37 32.05
N ASN I 131 6.51 62.54 32.78
CA ASN I 131 7.19 63.83 32.86
C ASN I 131 8.34 63.92 31.86
N PRO I 132 8.55 65.10 31.27
CA PRO I 132 9.66 65.33 30.34
C PRO I 132 11.01 64.82 30.85
N ILE I 133 11.73 64.11 29.99
CA ILE I 133 13.04 63.53 30.34
C ILE I 133 14.15 63.94 29.37
N GLN I 144 12.71 67.48 28.61
CA GLN I 144 13.13 67.82 27.25
C GLN I 144 12.17 67.24 26.21
N LEU I 145 11.79 65.98 26.39
CA LEU I 145 10.72 65.34 25.61
C LEU I 145 10.08 64.23 26.45
N LYS I 146 8.84 63.87 26.12
CA LYS I 146 8.11 62.83 26.84
C LYS I 146 8.46 61.42 26.34
N CYS I 147 8.81 60.54 27.26
CA CYS I 147 9.09 59.14 26.95
C CYS I 147 7.86 58.46 26.32
N PRO I 148 8.05 57.78 25.19
CA PRO I 148 6.94 57.07 24.54
C PRO I 148 6.47 55.87 25.36
N PRO I 149 5.34 55.25 25.01
CA PRO I 149 4.90 54.02 25.66
C PRO I 149 5.95 52.90 25.52
N ILE I 150 6.23 52.21 26.62
CA ILE I 150 7.21 51.13 26.62
C ILE I 150 6.55 49.81 26.99
N LEU I 151 6.57 48.88 26.05
CA LEU I 151 6.16 47.50 26.30
C LEU I 151 7.36 46.70 26.74
N LEU I 152 7.20 45.96 27.83
CA LEU I 152 8.24 45.02 28.26
C LEU I 152 7.72 43.60 28.30
N THR I 153 8.63 42.70 28.00
CA THR I 153 8.41 41.28 28.09
C THR I 153 9.39 40.75 29.13
N THR I 154 8.95 39.77 29.94
CA THR I 154 9.74 39.29 31.08
C THR I 154 9.22 37.97 31.65
N ASN I 155 10.07 37.26 32.37
CA ASN I 155 9.59 36.14 33.19
C ASN I 155 9.68 36.45 34.69
N ILE I 156 10.12 37.67 34.99
CA ILE I 156 10.21 38.17 36.35
C ILE I 156 9.10 39.20 36.59
N HIS I 157 8.09 38.83 37.37
CA HIS I 157 6.99 39.74 37.68
C HIS I 157 7.48 40.89 38.58
N PRO I 158 7.37 42.11 38.09
CA PRO I 158 7.90 43.29 38.79
C PRO I 158 6.96 43.87 39.87
N ALA I 159 5.80 43.26 40.05
CA ALA I 159 4.78 43.82 40.95
C ALA I 159 4.22 42.81 41.95
N LYS I 160 5.04 41.84 42.34
CA LYS I 160 4.61 40.87 43.35
C LYS I 160 5.58 40.74 44.54
N ASP I 161 6.88 40.86 44.25
CA ASP I 161 7.92 40.66 45.27
C ASP I 161 8.00 41.76 46.33
N ASN I 162 7.50 42.95 46.00
CA ASN I 162 7.74 44.17 46.79
C ASN I 162 9.20 44.62 46.69
N ARG I 163 9.88 44.12 45.66
CA ARG I 163 11.28 44.43 45.39
C ARG I 163 11.42 45.77 44.67
N TRP I 164 10.38 46.14 43.94
CA TRP I 164 10.38 47.38 43.18
C TRP I 164 9.07 48.14 43.44
N PRO I 165 9.00 48.80 44.60
CA PRO I 165 7.73 49.34 45.10
C PRO I 165 7.24 50.51 44.27
N TYR I 166 8.18 51.27 43.73
CA TYR I 166 7.85 52.43 42.91
C TYR I 166 7.36 51.99 41.53
N LEU I 167 7.81 50.82 41.09
CA LEU I 167 7.42 50.24 39.81
C LEU I 167 5.97 49.76 39.78
N GLU I 168 5.54 49.11 40.87
CA GLU I 168 4.22 48.43 40.93
C GLU I 168 3.04 49.32 40.60
N SER I 169 3.11 50.57 41.02
CA SER I 169 2.03 51.53 40.82
C SER I 169 2.01 52.19 39.44
N ARG I 170 3.03 51.91 38.62
CA ARG I 170 3.19 52.62 37.34
C ARG I 170 3.28 51.72 36.10
N ILE I 171 2.99 50.45 36.29
CA ILE I 171 2.98 49.47 35.20
C ILE I 171 1.67 48.71 35.24
N THR I 172 1.28 48.17 34.09
CA THR I 172 0.20 47.17 34.04
C THR I 172 0.83 45.86 33.63
N VAL I 173 0.58 44.80 34.40
CA VAL I 173 1.14 43.50 34.09
C VAL I 173 0.06 42.51 33.67
N PHE I 174 0.27 41.90 32.50
CA PHE I 174 -0.54 40.79 32.06
C PHE I 174 0.30 39.54 32.13
N GLU I 175 -0.28 38.50 32.72
CA GLU I 175 0.42 37.23 32.88
C GLU I 175 0.06 36.31 31.74
N PHE I 176 1.06 35.59 31.24
CA PHE I 176 0.91 34.63 30.16
C PHE I 176 1.30 33.26 30.69
N PRO I 177 0.35 32.52 31.26
CA PRO I 177 0.65 31.25 31.92
C PRO I 177 0.83 30.03 30.99
N ASN I 178 0.25 30.07 29.79
CA ASN I 178 0.17 28.87 28.98
C ASN I 178 1.13 28.82 27.79
N ALA I 179 1.53 27.61 27.42
CA ALA I 179 2.40 27.38 26.28
C ALA I 179 1.76 27.89 24.99
N PHE I 180 2.55 28.54 24.14
CA PHE I 180 2.06 28.94 22.84
C PHE I 180 1.61 27.67 22.12
N PRO I 181 0.33 27.58 21.77
CA PRO I 181 -0.24 26.33 21.26
C PRO I 181 -0.06 26.06 19.77
N PHE I 182 0.09 24.78 19.44
CA PHE I 182 0.25 24.30 18.09
C PHE I 182 -0.75 23.17 17.80
N ASP I 183 -1.17 23.03 16.54
CA ASP I 183 -2.17 22.01 16.20
C ASP I 183 -1.52 20.68 15.79
N LYS I 184 -2.36 19.70 15.46
CA LYS I 184 -1.91 18.38 14.98
C LYS I 184 -0.73 18.50 14.02
N ASN I 185 -0.92 19.32 12.99
CA ASN I 185 0.07 19.45 11.92
C ASN I 185 1.29 20.32 12.30
N GLY I 186 1.40 20.68 13.58
CA GLY I 186 2.53 21.48 14.09
C GLY I 186 2.48 22.96 13.72
N ASN I 187 1.36 23.40 13.18
CA ASN I 187 1.12 24.79 12.86
C ASN I 187 0.60 25.54 14.09
N PRO I 188 0.87 26.83 14.19
CA PRO I 188 0.42 27.62 15.34
C PRO I 188 -1.10 27.69 15.34
N VAL I 189 -1.72 27.56 16.51
CA VAL I 189 -3.17 27.67 16.62
C VAL I 189 -3.60 29.11 16.31
N TYR I 190 -2.87 30.08 16.85
CA TYR I 190 -3.20 31.50 16.65
C TYR I 190 -2.18 32.21 15.77
N GLU I 191 -2.65 32.75 14.66
CA GLU I 191 -1.82 33.51 13.73
C GLU I 191 -1.91 35.00 14.00
N ILE I 192 -0.80 35.59 14.44
CA ILE I 192 -0.76 37.01 14.80
C ILE I 192 0.25 37.75 13.90
N ASN I 193 -0.25 38.68 13.10
CA ASN I 193 0.53 39.37 12.08
C ASN I 193 -0.06 40.77 11.82
N ASP I 194 0.49 41.48 10.82
CA ASP I 194 0.09 42.86 10.53
C ASP I 194 -1.38 43.00 10.15
N LYS I 195 -1.87 42.10 9.30
CA LYS I 195 -3.26 42.16 8.79
C LYS I 195 -4.25 41.97 9.92
N ASN I 196 -3.86 41.14 10.88
CA ASN I 196 -4.74 40.85 12.02
C ASN I 196 -4.75 42.02 12.99
N TRP I 197 -3.58 42.62 13.23
CA TRP I 197 -3.50 43.86 14.02
C TRP I 197 -4.25 45.05 13.38
N LYS I 198 -4.17 45.16 12.05
CA LYS I 198 -4.92 46.21 11.35
C LYS I 198 -6.43 46.03 11.60
N CYS I 199 -6.91 44.80 11.47
CA CYS I 199 -8.31 44.48 11.78
C CYS I 199 -8.65 44.80 13.23
N PHE I 200 -7.77 44.41 14.16
CA PHE I 200 -7.95 44.72 15.58
C PHE I 200 -8.21 46.21 15.81
N PHE I 201 -7.34 47.05 15.25
CA PHE I 201 -7.46 48.49 15.44
C PHE I 201 -8.67 49.07 14.74
N GLU I 202 -8.99 48.52 13.56
CA GLU I 202 -10.22 48.89 12.85
C GLU I 202 -11.46 48.64 13.72
N ARG I 203 -11.49 47.50 14.39
CA ARG I 203 -12.65 47.14 15.20
C ARG I 203 -12.73 47.87 16.55
N THR I 204 -11.58 48.31 17.06
CA THR I 204 -11.54 48.91 18.41
C THR I 204 -11.22 50.40 18.42
N TRP I 205 -11.16 51.00 17.25
CA TRP I 205 -10.77 52.42 17.11
C TRP I 205 -11.47 53.37 18.10
N SER I 206 -12.80 53.34 18.12
CA SER I 206 -13.56 54.22 19.00
C SER I 206 -13.36 53.88 20.48
N ARG I 207 -13.29 52.59 20.78
CA ARG I 207 -13.10 52.12 22.16
C ARG I 207 -11.70 52.42 22.71
N LEU I 208 -10.75 52.71 21.82
CA LEU I 208 -9.40 53.06 22.23
C LEU I 208 -9.24 54.58 22.35
N ASP I 209 -10.32 55.29 22.05
CA ASP I 209 -10.37 56.76 22.06
C ASP I 209 -9.33 57.33 21.09
N LEU I 210 -9.29 56.77 19.89
CA LEU I 210 -8.41 57.25 18.81
C LEU I 210 -9.23 58.04 17.79
N PRO J 7 -18.78 12.82 25.03
CA PRO J 7 -18.28 13.24 26.33
C PRO J 7 -17.24 14.34 26.20
N LYS J 8 -16.23 14.13 25.36
CA LYS J 8 -15.27 15.16 25.02
C LYS J 8 -15.71 15.90 23.76
N GLU J 9 -16.38 15.19 22.85
CA GLU J 9 -16.94 15.77 21.63
C GLU J 9 -18.11 16.68 21.95
N THR J 10 -18.92 16.28 22.93
CA THR J 10 -20.02 17.09 23.44
C THR J 10 -19.50 18.42 24.01
N LEU J 11 -18.41 18.36 24.76
CA LEU J 11 -17.85 19.55 25.41
C LEU J 11 -17.07 20.46 24.45
N SER J 12 -16.51 19.89 23.38
CA SER J 12 -15.79 20.67 22.36
C SER J 12 -16.75 21.46 21.46
N GLU J 13 -17.82 20.80 21.00
CA GLU J 13 -18.87 21.41 20.20
C GLU J 13 -19.49 22.60 20.92
N ARG J 14 -19.82 22.40 22.20
CA ARG J 14 -20.43 23.43 23.03
C ARG J 14 -19.45 24.59 23.32
N LEU J 15 -18.19 24.25 23.62
CA LEU J 15 -17.19 25.26 23.94
C LEU J 15 -16.85 26.13 22.71
N SER J 16 -16.52 25.49 21.60
CA SER J 16 -16.25 26.19 20.36
C SER J 16 -17.36 27.17 20.01
N ALA J 17 -18.61 26.72 20.12
CA ALA J 17 -19.78 27.54 19.82
C ALA J 17 -19.92 28.73 20.77
N LEU J 18 -19.75 28.45 22.07
CA LEU J 18 -19.87 29.47 23.12
C LEU J 18 -18.79 30.56 23.02
N GLN J 19 -17.55 30.13 22.79
CA GLN J 19 -16.42 31.05 22.65
C GLN J 19 -16.55 31.94 21.41
N ASP J 20 -17.13 31.40 20.34
CA ASP J 20 -17.46 32.21 19.16
C ASP J 20 -18.47 33.31 19.47
N LYS J 21 -19.53 32.98 20.22
CA LYS J 21 -20.54 33.97 20.62
C LYS J 21 -19.94 35.05 21.52
N ILE J 22 -19.02 34.64 22.39
CA ILE J 22 -18.28 35.58 23.24
C ILE J 22 -17.55 36.63 22.38
N ILE J 23 -16.84 36.20 21.34
CA ILE J 23 -16.12 37.17 20.47
C ILE J 23 -17.11 38.04 19.68
N ASP J 24 -18.18 37.43 19.17
CA ASP J 24 -19.29 38.16 18.54
C ASP J 24 -19.76 39.36 19.37
N HIS J 25 -19.89 39.16 20.68
CA HIS J 25 -20.24 40.25 21.59
C HIS J 25 -19.20 41.37 21.51
N TYR J 26 -17.93 41.02 21.58
CA TYR J 26 -16.84 42.02 21.48
C TYR J 26 -16.86 42.75 20.15
N GLU J 27 -17.20 42.02 19.09
CA GLU J 27 -17.37 42.63 17.76
C GLU J 27 -18.57 43.58 17.65
N ASN J 28 -19.72 43.14 18.18
CA ASN J 28 -20.96 43.94 18.07
C ASN J 28 -20.91 45.21 18.91
N ASP J 29 -20.24 45.12 20.06
CA ASP J 29 -20.11 46.24 20.98
C ASP J 29 -21.51 46.83 21.25
N SER J 30 -22.44 45.97 21.61
CA SER J 30 -23.83 46.38 21.85
C SER J 30 -23.97 47.42 22.98
N LYS J 31 -24.99 48.26 22.87
CA LYS J 31 -25.30 49.26 23.88
C LYS J 31 -26.55 48.89 24.67
N ASP J 32 -27.06 47.69 24.45
CA ASP J 32 -28.27 47.21 25.12
C ASP J 32 -27.89 46.41 26.36
N ILE J 33 -28.49 46.75 27.49
CA ILE J 33 -28.28 46.04 28.75
C ILE J 33 -28.56 44.54 28.60
N ASP J 34 -29.55 44.20 27.77
CA ASP J 34 -29.90 42.81 27.51
C ASP J 34 -28.75 42.01 26.87
N SER J 35 -27.92 42.68 26.08
CA SER J 35 -26.73 42.05 25.50
C SER J 35 -25.70 41.74 26.57
N GLN J 36 -25.58 42.63 27.54
CA GLN J 36 -24.61 42.47 28.60
C GLN J 36 -25.00 41.33 29.57
N ILE J 37 -26.30 41.21 29.85
CA ILE J 37 -26.83 40.06 30.59
C ILE J 37 -26.52 38.76 29.83
N GLN J 38 -26.83 38.74 28.53
CA GLN J 38 -26.54 37.58 27.69
C GLN J 38 -25.06 37.22 27.68
N TYR J 39 -24.20 38.24 27.63
CA TYR J 39 -22.75 38.03 27.63
C TYR J 39 -22.32 37.26 28.88
N TRP J 40 -22.71 37.75 30.05
CA TRP J 40 -22.35 37.13 31.33
C TRP J 40 -22.93 35.71 31.54
N GLN J 41 -24.08 35.43 30.95
CA GLN J 41 -24.60 34.06 30.86
C GLN J 41 -23.63 33.16 30.09
N LEU J 42 -23.09 33.66 28.97
CA LEU J 42 -22.11 32.90 28.19
C LEU J 42 -20.86 32.58 28.99
N ILE J 43 -20.40 33.54 29.78
CA ILE J 43 -19.19 33.37 30.60
C ILE J 43 -19.43 32.30 31.67
N ARG J 44 -20.61 32.36 32.29
CA ARG J 44 -21.05 31.34 33.23
C ARG J 44 -21.00 29.96 32.59
N TRP J 45 -21.63 29.84 31.43
CA TRP J 45 -21.68 28.56 30.73
C TRP J 45 -20.32 28.08 30.23
N GLU J 46 -19.45 29.02 29.85
CA GLU J 46 -18.09 28.69 29.40
C GLU J 46 -17.34 27.98 30.52
N ASN J 47 -17.43 28.54 31.72
CA ASN J 47 -16.73 27.98 32.88
C ASN J 47 -17.35 26.69 33.41
N ALA J 48 -18.68 26.59 33.34
CA ALA J 48 -19.39 25.36 33.63
C ALA J 48 -18.89 24.23 32.73
N ILE J 49 -18.66 24.55 31.45
CA ILE J 49 -18.08 23.59 30.51
C ILE J 49 -16.66 23.17 30.90
N PHE J 50 -15.85 24.15 31.34
CA PHE J 50 -14.49 23.88 31.80
C PHE J 50 -14.45 23.07 33.10
N PHE J 51 -15.39 23.38 34.00
CA PHE J 51 -15.57 22.63 35.24
C PHE J 51 -15.87 21.17 34.93
N ALA J 52 -16.87 20.95 34.09
CA ALA J 52 -17.31 19.61 33.70
C ALA J 52 -16.20 18.80 33.02
N ALA J 53 -15.38 19.49 32.21
CA ALA J 53 -14.28 18.85 31.49
C ALA J 53 -13.23 18.28 32.42
N ARG J 54 -12.96 18.98 33.53
CA ARG J 54 -12.05 18.50 34.55
C ARG J 54 -12.66 17.32 35.29
N GLU J 55 -13.96 17.40 35.54
CA GLU J 55 -14.77 16.30 36.09
C GLU J 55 -14.97 15.20 35.04
N HIS J 56 -13.96 15.01 34.20
CA HIS J 56 -13.95 14.00 33.16
C HIS J 56 -12.48 13.68 32.85
N GLY J 57 -11.58 14.37 33.53
CA GLY J 57 -10.15 14.16 33.37
C GLY J 57 -9.48 15.02 32.31
N ILE J 58 -10.30 15.63 31.45
CA ILE J 58 -9.84 16.41 30.29
C ILE J 58 -8.91 17.57 30.65
N GLN J 59 -7.75 17.61 29.98
CA GLN J 59 -6.74 18.63 30.21
C GLN J 59 -6.76 19.78 29.21
N THR J 60 -7.18 19.48 27.97
CA THR J 60 -7.33 20.49 26.92
C THR J 60 -8.62 20.30 26.11
N LEU J 61 -9.32 21.40 25.87
CA LEU J 61 -10.49 21.42 24.99
C LEU J 61 -10.28 22.46 23.90
N ASN J 62 -10.27 22.02 22.64
CA ASN J 62 -10.00 22.89 21.51
C ASN J 62 -8.74 23.71 21.74
N HIS J 63 -7.66 23.01 22.11
CA HIS J 63 -6.35 23.59 22.44
C HIS J 63 -6.33 24.46 23.71
N GLN J 64 -7.50 24.71 24.30
CA GLN J 64 -7.60 25.53 25.51
C GLN J 64 -7.20 24.72 26.74
N VAL J 65 -6.37 25.33 27.59
CA VAL J 65 -5.94 24.69 28.83
C VAL J 65 -7.08 24.74 29.85
N VAL J 66 -7.55 23.56 30.25
CA VAL J 66 -8.62 23.44 31.23
C VAL J 66 -8.13 23.95 32.58
N PRO J 67 -8.76 25.03 33.06
CA PRO J 67 -8.29 25.72 34.27
C PRO J 67 -8.54 24.90 35.52
N ALA J 68 -7.87 25.29 36.61
CA ALA J 68 -8.10 24.70 37.93
C ALA J 68 -9.57 24.78 38.32
N TYR J 69 -9.97 23.94 39.27
CA TYR J 69 -11.36 23.91 39.74
C TYR J 69 -11.81 25.25 40.32
N ASN J 70 -10.96 25.87 41.13
CA ASN J 70 -11.30 27.11 41.79
C ASN J 70 -11.33 28.32 40.86
N ILE J 71 -10.65 28.21 39.72
CA ILE J 71 -10.68 29.27 38.71
C ILE J 71 -12.04 29.30 38.00
N SER J 72 -12.43 28.18 37.38
CA SER J 72 -13.73 28.04 36.73
C SER J 72 -14.87 28.46 37.66
N LYS J 73 -14.90 27.88 38.86
CA LYS J 73 -15.99 28.13 39.80
C LYS J 73 -16.06 29.61 40.20
N SER J 74 -14.89 30.22 40.43
CA SER J 74 -14.80 31.64 40.79
C SER J 74 -15.19 32.58 39.64
N LYS J 75 -14.82 32.22 38.42
CA LYS J 75 -15.19 32.99 37.23
C LYS J 75 -16.70 32.92 37.03
N ALA J 76 -17.25 31.71 37.17
CA ALA J 76 -18.70 31.51 37.09
C ALA J 76 -19.46 32.31 38.13
N HIS J 77 -18.94 32.37 39.36
CA HIS J 77 -19.56 33.16 40.44
C HIS J 77 -19.59 34.65 40.13
N LYS J 78 -18.44 35.21 39.74
CA LYS J 78 -18.36 36.61 39.31
C LYS J 78 -19.35 36.91 38.20
N ALA J 79 -19.46 36.00 37.24
CA ALA J 79 -20.40 36.14 36.15
C ALA J 79 -21.86 36.23 36.63
N ILE J 80 -22.24 35.37 37.57
CA ILE J 80 -23.60 35.39 38.16
C ILE J 80 -23.87 36.72 38.87
N GLU J 81 -22.90 37.13 39.69
CA GLU J 81 -22.96 38.37 40.45
C GLU J 81 -23.18 39.58 39.55
N LEU J 82 -22.41 39.66 38.46
CA LEU J 82 -22.59 40.73 37.48
C LEU J 82 -23.95 40.62 36.79
N GLN J 83 -24.32 39.39 36.38
CA GLN J 83 -25.59 39.15 35.68
C GLN J 83 -26.81 39.57 36.51
N MET J 84 -26.84 39.15 37.77
CA MET J 84 -27.91 39.51 38.71
C MET J 84 -27.99 41.02 38.93
N ALA J 85 -26.83 41.66 39.06
CA ALA J 85 -26.73 43.11 39.19
C ALA J 85 -27.33 43.81 37.97
N LEU J 86 -27.04 43.29 36.79
CA LEU J 86 -27.50 43.86 35.53
C LEU J 86 -29.00 43.65 35.28
N GLN J 87 -29.50 42.49 35.67
CA GLN J 87 -30.93 42.17 35.58
C GLN J 87 -31.75 43.13 36.45
N GLY J 88 -31.24 43.44 37.64
CA GLY J 88 -31.81 44.48 38.50
C GLY J 88 -31.76 45.84 37.85
N LEU J 89 -30.68 46.10 37.13
CA LEU J 89 -30.49 47.39 36.44
C LEU J 89 -31.36 47.50 35.18
N ALA J 90 -31.65 46.36 34.56
CA ALA J 90 -32.52 46.30 33.39
C ALA J 90 -33.98 46.62 33.72
N GLN J 91 -34.30 46.62 35.01
CA GLN J 91 -35.64 46.95 35.49
C GLN J 91 -35.73 48.37 36.09
N SER J 92 -34.59 49.04 36.20
CA SER J 92 -34.49 50.36 36.81
C SER J 92 -34.93 51.46 35.85
N ALA J 93 -34.90 52.71 36.33
CA ALA J 93 -35.25 53.87 35.51
C ALA J 93 -34.19 54.16 34.44
N TYR J 94 -33.05 53.48 34.52
CA TYR J 94 -31.88 53.78 33.69
C TYR J 94 -31.65 52.68 32.65
N LYS J 95 -32.67 51.84 32.46
CA LYS J 95 -32.62 50.67 31.59
C LYS J 95 -32.45 50.99 30.10
N THR J 96 -32.84 52.20 29.70
CA THR J 96 -32.81 52.61 28.29
C THR J 96 -31.54 53.39 27.95
N GLU J 97 -30.66 53.57 28.95
CA GLU J 97 -29.36 54.19 28.71
C GLU J 97 -28.45 53.23 27.94
N ASP J 98 -27.39 53.75 27.35
CA ASP J 98 -26.35 52.92 26.78
C ASP J 98 -25.65 52.16 27.91
N TRP J 99 -25.58 50.84 27.77
CA TRP J 99 -24.84 49.99 28.68
C TRP J 99 -23.92 49.09 27.87
N THR J 100 -22.64 49.44 27.82
CA THR J 100 -21.64 48.76 27.01
C THR J 100 -20.89 47.68 27.79
N LEU J 101 -20.11 46.88 27.05
CA LEU J 101 -19.18 45.92 27.63
C LEU J 101 -18.23 46.59 28.62
N GLN J 102 -17.77 47.79 28.26
CA GLN J 102 -16.90 48.60 29.11
C GLN J 102 -17.62 49.09 30.38
N ASP J 103 -18.86 49.56 30.21
CA ASP J 103 -19.72 49.96 31.34
C ASP J 103 -19.94 48.82 32.32
N THR J 104 -19.94 47.60 31.82
CA THR J 104 -20.40 46.44 32.59
C THR J 104 -19.35 45.34 32.78
N CYS J 105 -18.07 45.70 32.76
CA CYS J 105 -16.99 44.70 32.90
C CYS J 105 -16.61 44.49 34.37
N GLU J 106 -15.90 43.40 34.65
CA GLU J 106 -15.53 43.08 36.04
C GLU J 106 -14.56 44.08 36.69
N GLU J 107 -13.64 44.63 35.88
CA GLU J 107 -12.66 45.60 36.39
C GLU J 107 -13.30 46.88 36.90
N LEU J 108 -14.26 47.42 36.14
CA LEU J 108 -15.01 48.57 36.57
C LEU J 108 -15.85 48.24 37.80
N TRP J 109 -16.39 47.02 37.83
CA TRP J 109 -17.19 46.50 38.96
C TRP J 109 -16.37 46.43 40.26
N ASN J 110 -15.09 46.07 40.14
CA ASN J 110 -14.19 45.99 41.29
C ASN J 110 -13.51 47.33 41.60
N THR J 111 -13.61 48.26 40.66
CA THR J 111 -13.15 49.62 40.92
C THR J 111 -14.11 50.26 41.91
N GLU J 112 -13.55 50.96 42.89
CA GLU J 112 -14.31 51.67 43.89
C GLU J 112 -15.09 52.83 43.24
N PRO J 113 -16.35 53.04 43.61
CA PRO J 113 -17.08 52.22 44.60
C PRO J 113 -17.48 50.82 44.10
N THR J 114 -17.08 49.81 44.86
CA THR J 114 -17.33 48.41 44.52
C THR J 114 -18.82 48.07 44.49
N HIS J 115 -19.18 47.09 43.66
CA HIS J 115 -20.56 46.59 43.52
C HIS J 115 -21.57 47.67 43.11
N CYS J 116 -21.06 48.72 42.48
CA CYS J 116 -21.87 49.77 41.89
C CYS J 116 -21.51 49.89 40.41
N PHE J 117 -22.44 50.42 39.62
CA PHE J 117 -22.10 50.82 38.26
C PHE J 117 -21.78 52.30 38.28
N LYS J 118 -20.91 52.73 37.38
CA LYS J 118 -20.52 54.14 37.28
C LYS J 118 -20.16 54.56 35.87
N LYS J 119 -20.44 55.83 35.56
CA LYS J 119 -20.17 56.42 34.26
C LYS J 119 -19.56 57.81 34.42
N GLY J 120 -18.82 58.24 33.41
CA GLY J 120 -18.34 59.62 33.30
C GLY J 120 -17.33 60.05 34.34
N GLY J 121 -16.22 59.33 34.42
CA GLY J 121 -15.17 59.65 35.38
C GLY J 121 -14.55 61.03 35.20
N GLN J 122 -14.30 61.70 36.31
CA GLN J 122 -13.66 63.01 36.31
C GLN J 122 -12.39 62.99 37.16
N THR J 123 -11.31 63.54 36.61
CA THR J 123 -9.99 63.51 37.26
C THR J 123 -9.87 64.51 38.42
N VAL J 124 -9.38 64.01 39.56
CA VAL J 124 -9.13 64.82 40.75
C VAL J 124 -7.71 64.53 41.26
N GLN J 125 -6.87 65.55 41.27
CA GLN J 125 -5.48 65.41 41.72
C GLN J 125 -5.35 65.60 43.23
N VAL J 126 -4.55 64.74 43.85
CA VAL J 126 -4.29 64.84 45.30
C VAL J 126 -2.79 64.77 45.59
N TYR J 127 -2.25 65.88 46.08
CA TYR J 127 -0.82 65.97 46.41
C TYR J 127 -0.60 65.78 47.92
N PHE J 128 0.25 64.82 48.26
CA PHE J 128 0.59 64.51 49.66
C PHE J 128 1.81 65.30 50.13
N ASP J 129 1.86 65.61 51.42
CA ASP J 129 3.01 66.23 52.09
C ASP J 129 3.47 67.56 51.48
N GLY J 130 2.63 68.17 50.66
CA GLY J 130 2.99 69.37 49.90
C GLY J 130 4.11 69.14 48.90
N ASN J 131 4.36 67.87 48.61
CA ASN J 131 5.49 67.43 47.77
C ASN J 131 5.36 67.85 46.29
N LYS J 132 4.13 68.05 45.84
CA LYS J 132 3.83 68.46 44.46
C LYS J 132 4.31 67.42 43.42
N ASP J 133 4.85 66.31 43.90
CA ASP J 133 5.07 65.11 43.07
C ASP J 133 5.03 63.80 43.86
N ASN J 134 4.60 63.86 45.12
CA ASN J 134 4.03 62.71 45.81
C ASN J 134 2.54 62.76 45.50
N CYS J 135 2.19 62.36 44.29
CA CYS J 135 0.89 62.67 43.71
C CYS J 135 0.06 61.44 43.37
N MET J 136 -1.24 61.56 43.61
CA MET J 136 -2.22 60.55 43.23
C MET J 136 -3.42 61.21 42.57
N THR J 137 -3.73 60.77 41.36
CA THR J 137 -4.93 61.19 40.65
C THR J 137 -6.03 60.18 40.95
N TYR J 138 -7.24 60.68 41.16
CA TYR J 138 -8.39 59.83 41.40
C TYR J 138 -9.53 60.14 40.44
N VAL J 139 -10.50 59.24 40.39
CA VAL J 139 -11.66 59.38 39.51
C VAL J 139 -12.92 59.70 40.31
N ALA J 140 -13.51 60.85 40.04
CA ALA J 140 -14.80 61.23 40.61
C ALA J 140 -15.90 61.03 39.58
N TRP J 141 -16.62 59.92 39.69
CA TRP J 141 -17.66 59.55 38.74
C TRP J 141 -18.80 60.55 38.72
N ASP J 142 -19.16 61.02 37.52
CA ASP J 142 -20.32 61.88 37.33
C ASP J 142 -21.63 61.18 37.74
N SER J 143 -21.67 59.87 37.55
CA SER J 143 -22.84 59.07 37.90
C SER J 143 -22.45 57.77 38.60
N VAL J 144 -23.03 57.56 39.78
CA VAL J 144 -22.86 56.33 40.54
C VAL J 144 -24.23 55.65 40.62
N TYR J 145 -24.27 54.37 40.25
CA TYR J 145 -25.48 53.57 40.27
C TYR J 145 -25.38 52.54 41.38
N TYR J 146 -26.15 52.72 42.45
CA TYR J 146 -26.12 51.81 43.60
C TYR J 146 -27.45 51.11 43.81
N MET J 147 -27.40 49.95 44.47
CA MET J 147 -28.61 49.22 44.83
C MET J 147 -29.12 49.71 46.19
N THR J 148 -30.42 50.01 46.25
CA THR J 148 -31.07 50.43 47.50
C THR J 148 -31.38 49.23 48.37
N ASP J 149 -31.81 49.50 49.60
CA ASP J 149 -32.14 48.47 50.60
C ASP J 149 -33.15 47.42 50.10
N ALA J 150 -34.13 47.88 49.33
CA ALA J 150 -35.14 47.00 48.74
C ALA J 150 -34.58 46.09 47.64
N GLY J 151 -33.62 46.61 46.88
CA GLY J 151 -33.08 45.88 45.73
C GLY J 151 -33.35 46.59 44.42
N THR J 152 -33.49 47.92 44.49
CA THR J 152 -33.68 48.73 43.30
C THR J 152 -32.44 49.60 43.07
N TRP J 153 -32.28 50.09 41.86
CA TRP J 153 -31.09 50.86 41.51
C TRP J 153 -31.36 52.35 41.43
N ASP J 154 -30.40 53.14 41.90
CA ASP J 154 -30.52 54.59 41.92
C ASP J 154 -29.24 55.26 41.48
N LYS J 155 -29.38 56.36 40.74
CA LYS J 155 -28.27 57.07 40.14
C LYS J 155 -28.02 58.39 40.87
N THR J 156 -26.79 58.55 41.38
CA THR J 156 -26.42 59.76 42.12
C THR J 156 -25.06 60.31 41.67
N ALA J 157 -24.83 61.59 41.95
CA ALA J 157 -23.57 62.26 41.63
C ALA J 157 -22.49 61.94 42.66
N THR J 158 -21.23 62.16 42.28
CA THR J 158 -20.11 62.08 43.22
C THR J 158 -19.77 63.49 43.69
N CYS J 159 -19.37 63.60 44.95
CA CYS J 159 -18.99 64.86 45.55
C CYS J 159 -17.59 64.80 46.13
N VAL J 160 -16.88 65.93 46.07
CA VAL J 160 -15.50 65.99 46.53
C VAL J 160 -15.36 66.84 47.79
N SER J 161 -14.48 66.39 48.68
CA SER J 161 -14.15 67.10 49.92
C SER J 161 -12.70 66.77 50.29
N HIS J 162 -12.20 67.41 51.35
CA HIS J 162 -10.84 67.16 51.84
C HIS J 162 -10.73 65.76 52.43
N ARG J 163 -11.82 65.27 53.02
CA ARG J 163 -11.87 63.92 53.59
C ARG J 163 -11.76 62.86 52.50
N GLY J 164 -12.38 63.11 51.35
CA GLY J 164 -12.34 62.18 50.23
C GLY J 164 -13.45 62.31 49.21
N LEU J 165 -13.66 61.22 48.46
CA LEU J 165 -14.68 61.16 47.43
C LEU J 165 -15.87 60.36 47.93
N TYR J 166 -17.07 60.89 47.70
CA TYR J 166 -18.29 60.27 48.22
C TYR J 166 -19.52 60.48 47.34
N TYR J 167 -20.54 59.67 47.58
CA TYR J 167 -21.85 59.82 46.95
C TYR J 167 -22.94 59.64 48.00
N VAL J 168 -24.06 60.32 47.80
CA VAL J 168 -25.18 60.26 48.74
C VAL J 168 -26.01 59.00 48.50
N LYS J 169 -25.75 57.97 49.31
CA LYS J 169 -26.49 56.71 49.23
C LYS J 169 -27.67 56.72 50.21
N GLU J 170 -28.88 56.86 49.67
CA GLU J 170 -30.11 56.95 50.47
C GLU J 170 -29.93 57.88 51.69
N GLY J 171 -29.59 59.14 51.42
CA GLY J 171 -29.37 60.14 52.48
C GLY J 171 -27.99 60.09 53.12
N TYR J 172 -27.45 58.88 53.29
CA TYR J 172 -26.15 58.64 53.91
C TYR J 172 -25.03 59.08 52.98
N ASN J 173 -24.12 59.93 53.48
CA ASN J 173 -22.91 60.28 52.74
C ASN J 173 -21.89 59.13 52.80
N THR J 174 -21.70 58.47 51.67
CA THR J 174 -20.86 57.26 51.62
C THR J 174 -19.56 57.49 50.85
N PHE J 175 -18.44 57.36 51.58
CA PHE J 175 -17.11 57.61 51.03
C PHE J 175 -16.49 56.35 50.47
N TYR J 176 -16.06 56.42 49.21
CA TYR J 176 -15.40 55.30 48.55
C TYR J 176 -13.89 55.48 48.47
N ILE J 177 -13.45 56.73 48.49
CA ILE J 177 -12.04 57.06 48.69
C ILE J 177 -11.91 57.94 49.95
N GLU J 178 -11.16 57.43 50.93
CA GLU J 178 -10.87 58.17 52.15
C GLU J 178 -9.42 58.63 52.15
N PHE J 179 -9.23 59.94 51.96
CA PHE J 179 -7.91 60.54 51.75
C PHE J 179 -6.95 60.39 52.93
N LYS J 180 -7.47 60.41 54.15
CA LYS J 180 -6.64 60.26 55.35
C LYS J 180 -6.18 58.82 55.54
N SER J 181 -6.91 57.87 54.97
CA SER J 181 -6.52 56.47 54.94
C SER J 181 -5.49 56.24 53.85
N GLU J 182 -5.57 57.05 52.79
CA GLU J 182 -4.61 57.03 51.69
C GLU J 182 -3.32 57.74 52.07
N CYS J 183 -3.37 58.55 53.13
CA CYS J 183 -2.21 59.30 53.61
C CYS J 183 -1.25 58.42 54.40
N GLU J 184 -1.79 57.53 55.22
CA GLU J 184 -0.98 56.58 55.98
C GLU J 184 -0.30 55.58 55.04
N LYS J 185 -0.73 55.55 53.78
CA LYS J 185 -0.09 54.75 52.74
C LYS J 185 1.27 55.31 52.34
N TYR J 186 1.38 56.65 52.33
CA TYR J 186 2.60 57.32 51.90
C TYR J 186 3.17 58.28 52.95
N GLY J 187 2.83 59.56 52.83
CA GLY J 187 3.39 60.61 53.68
C GLY J 187 3.25 60.41 55.17
N THR J 189 2.36 62.31 57.69
CA THR J 189 2.32 63.64 58.28
C THR J 189 0.93 64.27 58.25
N GLY J 190 0.05 63.70 57.41
CA GLY J 190 -1.37 64.09 57.38
C GLY J 190 -1.72 65.33 56.57
N THR J 191 -0.88 65.67 55.61
CA THR J 191 -1.14 66.83 54.74
C THR J 191 -1.36 66.41 53.29
N TRP J 192 -2.49 66.84 52.73
CA TRP J 192 -2.80 66.59 51.32
C TRP J 192 -3.64 67.71 50.70
N GLU J 193 -3.51 67.86 49.38
CA GLU J 193 -4.18 68.93 48.65
C GLU J 193 -5.03 68.38 47.49
N VAL J 194 -6.32 68.67 47.53
CA VAL J 194 -7.27 68.19 46.53
C VAL J 194 -7.39 69.19 45.38
N HIS J 195 -7.52 68.68 44.15
CA HIS J 195 -7.61 69.53 42.96
C HIS J 195 -8.77 69.16 42.04
N PHE J 196 -9.86 69.90 42.14
CA PHE J 196 -11.03 69.73 41.28
C PHE J 196 -11.12 70.90 40.29
N GLY J 197 -10.29 70.84 39.25
CA GLY J 197 -10.20 71.91 38.27
C GLY J 197 -9.31 73.03 38.76
N ASN J 198 -9.90 74.22 38.90
CA ASN J 198 -9.17 75.40 39.39
C ASN J 198 -9.05 75.45 40.92
N ASN J 199 -10.19 75.37 41.61
CA ASN J 199 -10.23 75.45 43.07
C ASN J 199 -9.63 74.23 43.79
N VAL J 200 -9.12 74.47 44.99
CA VAL J 200 -8.52 73.41 45.81
C VAL J 200 -9.58 72.57 46.51
N ASN K 9 -23.60 31.98 81.85
CA ASN K 9 -24.55 31.48 80.81
C ASN K 9 -26.00 31.34 81.31
N MET K 10 -26.90 30.92 80.41
CA MET K 10 -28.33 30.87 80.71
C MET K 10 -28.69 29.80 81.74
N SER K 11 -28.05 28.64 81.66
CA SER K 11 -28.26 27.57 82.62
C SER K 11 -27.90 28.03 84.02
N GLN K 12 -26.74 28.66 84.15
CA GLN K 12 -26.24 29.17 85.43
C GLN K 12 -27.13 30.27 85.98
N TRP K 13 -27.56 31.18 85.10
CA TRP K 13 -28.44 32.28 85.48
C TRP K 13 -29.80 31.80 85.99
N ILE K 14 -30.43 30.89 85.24
CA ILE K 14 -31.73 30.34 85.62
C ILE K 14 -31.64 29.61 86.96
N ARG K 15 -30.57 28.85 87.15
CA ARG K 15 -30.32 28.17 88.41
C ARG K 15 -30.14 29.19 89.53
N PHE K 16 -29.42 30.27 89.23
CA PHE K 16 -29.21 31.35 90.19
C PHE K 16 -30.52 32.04 90.56
N ARG K 17 -31.35 32.30 89.55
CA ARG K 17 -32.68 32.87 89.77
C ARG K 17 -33.58 31.95 90.60
N CYS K 18 -33.59 30.66 90.29
CA CYS K 18 -34.33 29.68 91.09
C CYS K 18 -33.91 29.62 92.57
N SER K 19 -32.63 29.91 92.85
CA SER K 19 -32.10 30.02 94.23
C SER K 19 -32.90 31.01 95.08
N LYS K 20 -33.30 32.12 94.47
CA LYS K 20 -33.97 33.19 95.19
C LYS K 20 -35.49 33.00 95.32
N ILE K 21 -36.01 31.91 94.76
CA ILE K 21 -37.45 31.61 94.75
C ILE K 21 -37.76 30.37 95.60
N ASP K 22 -38.83 30.42 96.39
CA ASP K 22 -39.27 29.26 97.17
C ASP K 22 -39.75 28.12 96.30
N GLU K 23 -39.45 26.88 96.74
CA GLU K 23 -40.06 25.71 96.15
C GLU K 23 -41.54 25.65 96.61
N GLY K 24 -42.31 24.74 96.03
CA GLY K 24 -43.72 24.61 96.38
C GLY K 24 -44.66 25.27 95.39
N GLY K 25 -44.12 25.76 94.28
CA GLY K 25 -44.96 26.31 93.23
C GLY K 25 -45.62 25.20 92.44
N ASP K 26 -46.34 25.57 91.39
CA ASP K 26 -47.07 24.63 90.55
C ASP K 26 -46.90 25.10 89.11
N TRP K 27 -46.26 24.28 88.27
CA TRP K 27 -46.05 24.67 86.87
C TRP K 27 -47.35 24.62 86.06
N ARG K 28 -48.36 23.94 86.61
CA ARG K 28 -49.56 23.58 85.85
C ARG K 28 -50.36 24.77 85.31
N PRO K 29 -50.61 25.79 86.15
CA PRO K 29 -51.27 27.01 85.67
C PRO K 29 -50.66 27.60 84.39
N ILE K 30 -49.33 27.55 84.24
CA ILE K 30 -48.67 28.05 83.04
C ILE K 30 -49.06 27.19 81.83
N VAL K 31 -48.99 25.87 82.00
CA VAL K 31 -49.32 24.93 80.93
C VAL K 31 -50.80 25.04 80.57
N GLN K 32 -51.64 25.12 81.60
CA GLN K 32 -53.08 25.24 81.43
C GLN K 32 -53.50 26.53 80.73
N PHE K 33 -52.81 27.63 81.04
CA PHE K 33 -53.05 28.92 80.38
C PHE K 33 -52.70 28.88 78.90
N LEU K 34 -51.55 28.30 78.58
CA LEU K 34 -51.16 28.09 77.19
C LEU K 34 -52.21 27.30 76.43
N ARG K 35 -52.66 26.19 77.03
CA ARG K 35 -53.71 25.35 76.43
C ARG K 35 -55.06 26.08 76.38
N TYR K 36 -55.35 26.88 77.41
CA TYR K 36 -56.52 27.77 77.39
C TYR K 36 -56.46 28.71 76.18
N GLN K 37 -55.26 29.18 75.85
CA GLN K 37 -55.06 30.08 74.71
C GLN K 37 -54.90 29.35 73.36
N GLN K 38 -55.20 28.04 73.34
CA GLN K 38 -55.13 27.22 72.11
C GLN K 38 -53.71 27.10 71.56
N ILE K 39 -52.74 27.12 72.48
CA ILE K 39 -51.34 26.92 72.13
C ILE K 39 -50.95 25.49 72.53
N GLU K 40 -50.27 24.80 71.62
CA GLU K 40 -49.72 23.48 71.87
C GLU K 40 -48.49 23.58 72.74
N PHE K 41 -48.51 22.87 73.86
CA PHE K 41 -47.40 22.89 74.83
C PHE K 41 -46.04 22.56 74.20
N ILE K 42 -45.96 21.43 73.50
CA ILE K 42 -44.70 20.99 72.87
C ILE K 42 -44.14 22.02 71.87
N THR K 43 -45.05 22.63 71.10
CA THR K 43 -44.68 23.72 70.20
C THR K 43 -44.08 24.90 70.97
N PHE K 44 -44.79 25.34 72.01
CA PHE K 44 -44.29 26.41 72.88
C PHE K 44 -42.92 26.04 73.47
N LEU K 45 -42.81 24.82 73.97
CA LEU K 45 -41.58 24.39 74.63
C LEU K 45 -40.41 24.38 73.64
N GLY K 46 -40.66 23.90 72.43
CA GLY K 46 -39.66 23.94 71.36
C GLY K 46 -39.20 25.36 71.07
N ALA K 47 -40.16 26.29 70.96
CA ALA K 47 -39.86 27.70 70.71
C ALA K 47 -39.09 28.33 71.87
N LEU K 48 -39.50 28.03 73.09
CA LEU K 48 -38.83 28.58 74.27
C LEU K 48 -37.38 28.09 74.36
N LYS K 49 -37.17 26.83 73.98
CA LYS K 49 -35.83 26.22 73.93
C LYS K 49 -34.87 27.01 73.04
N SER K 50 -35.26 27.25 71.78
CA SER K 50 -34.41 28.00 70.83
C SER K 50 -34.25 29.45 71.28
N PHE K 51 -35.34 30.04 71.75
CA PHE K 51 -35.35 31.40 72.28
C PHE K 51 -34.27 31.63 73.32
N LEU K 52 -34.22 30.78 74.33
CA LEU K 52 -33.25 30.91 75.42
C LEU K 52 -31.81 30.59 75.01
N LYS K 53 -31.66 29.82 73.94
CA LYS K 53 -30.36 29.55 73.33
C LYS K 53 -29.89 30.73 72.50
N GLY K 54 -30.82 31.62 72.18
CA GLY K 54 -30.54 32.77 71.32
C GLY K 54 -30.13 32.33 69.92
N THR K 55 -30.79 31.29 69.41
CA THR K 55 -30.42 30.77 68.10
C THR K 55 -30.93 31.68 66.97
N PRO K 56 -30.07 31.92 65.97
CA PRO K 56 -30.40 32.81 64.85
C PRO K 56 -31.78 32.57 64.25
N LYS K 57 -32.48 33.66 63.91
CA LYS K 57 -33.84 33.64 63.34
C LYS K 57 -34.90 33.09 64.31
N LYS K 58 -34.46 32.69 65.49
CA LYS K 58 -35.35 32.20 66.54
C LYS K 58 -35.14 32.98 67.84
N ASN K 59 -34.56 34.17 67.71
CA ASN K 59 -34.16 35.00 68.85
C ASN K 59 -35.25 35.94 69.36
N CYS K 60 -36.41 35.87 68.71
CA CYS K 60 -37.49 36.80 68.96
C CYS K 60 -38.82 36.07 69.07
N LEU K 61 -39.39 36.13 70.28
CA LEU K 61 -40.65 35.48 70.58
C LEU K 61 -41.71 36.56 70.68
N VAL K 62 -42.85 36.34 70.02
CA VAL K 62 -43.92 37.34 70.03
C VAL K 62 -45.22 36.73 70.53
N PHE K 63 -45.84 37.41 71.50
CA PHE K 63 -47.18 37.05 71.97
C PHE K 63 -48.16 38.07 71.41
N CYS K 64 -49.08 37.60 70.56
CA CYS K 64 -49.99 38.48 69.84
C CYS K 64 -51.43 38.26 70.24
N GLY K 65 -52.13 39.33 70.58
CA GLY K 65 -53.55 39.24 70.90
C GLY K 65 -54.11 40.52 71.47
N PRO K 66 -55.43 40.59 71.60
CA PRO K 66 -56.10 41.72 72.26
C PRO K 66 -55.58 41.96 73.67
N ALA K 67 -55.69 43.19 74.15
CA ALA K 67 -55.21 43.57 75.48
C ALA K 67 -55.85 42.78 76.64
N ASN K 68 -57.03 42.23 76.42
CA ASN K 68 -57.74 41.49 77.47
C ASN K 68 -57.30 40.04 77.70
N THR K 69 -56.39 39.56 76.84
CA THR K 69 -55.93 38.17 76.89
C THR K 69 -54.97 37.88 78.03
N GLY K 70 -54.39 38.94 78.61
CA GLY K 70 -53.40 38.81 79.67
C GLY K 70 -52.05 38.36 79.16
N LYS K 71 -51.84 38.49 77.84
CA LYS K 71 -50.56 38.18 77.19
C LYS K 71 -49.38 38.99 77.75
N SER K 72 -49.65 40.25 78.09
CA SER K 72 -48.66 41.14 78.71
C SER K 72 -48.34 40.70 80.14
N TYR K 73 -49.38 40.33 80.87
CA TYR K 73 -49.23 39.81 82.22
C TYR K 73 -48.39 38.52 82.18
N PHE K 74 -48.70 37.63 81.24
CA PHE K 74 -48.00 36.37 81.07
C PHE K 74 -46.53 36.61 80.75
N GLY K 75 -46.27 37.43 79.74
CA GLY K 75 -44.92 37.77 79.32
C GLY K 75 -44.11 38.45 80.42
N MET K 76 -44.72 39.42 81.08
CA MET K 76 -44.05 40.16 82.15
C MET K 76 -43.71 39.27 83.35
N SER K 77 -44.57 38.29 83.63
CA SER K 77 -44.30 37.33 84.69
C SER K 77 -43.02 36.53 84.41
N PHE K 78 -42.78 36.19 83.14
CA PHE K 78 -41.53 35.52 82.75
C PHE K 78 -40.31 36.43 82.95
N ILE K 79 -40.46 37.70 82.58
CA ILE K 79 -39.41 38.70 82.75
C ILE K 79 -39.09 38.93 84.23
N HIS K 80 -40.12 38.99 85.07
CA HIS K 80 -39.93 39.05 86.52
C HIS K 80 -39.14 37.84 87.02
N PHE K 81 -39.58 36.64 86.62
CA PHE K 81 -38.88 35.41 86.97
C PHE K 81 -37.40 35.44 86.63
N ILE K 82 -37.08 35.77 85.40
CA ILE K 82 -35.71 35.70 84.92
C ILE K 82 -34.93 36.98 85.20
N GLN K 83 -35.61 37.97 85.79
CA GLN K 83 -35.04 39.29 86.04
C GLN K 83 -34.47 39.89 84.75
N GLY K 84 -35.31 39.96 83.74
CA GLY K 84 -34.93 40.52 82.45
C GLY K 84 -35.19 42.01 82.40
N ALA K 85 -34.81 42.63 81.28
CA ALA K 85 -34.95 44.06 81.11
C ALA K 85 -36.14 44.38 80.20
N VAL K 86 -36.85 45.45 80.56
CA VAL K 86 -37.89 45.98 79.70
C VAL K 86 -37.27 47.16 78.95
N ILE K 87 -37.40 47.14 77.62
CA ILE K 87 -36.97 48.27 76.80
C ILE K 87 -38.17 49.07 76.30
N SER K 88 -37.96 50.37 76.11
CA SER K 88 -38.99 51.29 75.68
C SER K 88 -38.67 51.78 74.28
N PHE K 89 -39.53 51.41 73.34
CA PHE K 89 -39.36 51.78 71.92
C PHE K 89 -39.35 53.30 71.71
N VAL K 90 -38.38 53.75 70.91
CA VAL K 90 -38.32 55.12 70.43
C VAL K 90 -38.10 55.03 68.92
N ASN K 91 -38.95 55.69 68.14
CA ASN K 91 -38.77 55.72 66.68
C ASN K 91 -37.52 56.51 66.31
N SER K 92 -36.54 55.78 65.78
CA SER K 92 -35.17 56.26 65.66
C SER K 92 -34.49 55.54 64.51
N THR K 93 -33.24 55.88 64.25
CA THR K 93 -32.41 55.16 63.28
C THR K 93 -31.23 54.48 63.97
N SER K 94 -31.03 54.78 65.25
CA SER K 94 -29.96 54.16 66.03
C SER K 94 -30.54 53.20 67.06
N HIS K 95 -29.64 52.46 67.71
CA HIS K 95 -30.01 51.44 68.69
C HIS K 95 -29.85 51.93 70.13
N PHE K 96 -29.78 53.24 70.30
CA PHE K 96 -29.53 53.84 71.61
C PHE K 96 -30.55 53.43 72.68
N TRP K 97 -31.82 53.30 72.29
CA TRP K 97 -32.89 52.99 73.23
C TRP K 97 -32.86 51.53 73.72
N LEU K 98 -32.03 50.72 73.08
CA LEU K 98 -31.81 49.33 73.47
C LEU K 98 -30.87 49.21 74.65
N GLU K 99 -30.44 50.35 75.19
CA GLU K 99 -29.46 50.41 76.28
C GLU K 99 -29.76 49.47 77.47
N PRO K 100 -30.99 49.45 77.99
CA PRO K 100 -31.36 48.44 79.01
C PRO K 100 -31.05 46.96 78.66
N LEU K 101 -30.85 46.63 77.38
CA LEU K 101 -30.51 45.27 76.92
C LEU K 101 -29.08 44.86 77.19
N THR K 102 -28.19 45.84 77.13
CA THR K 102 -26.74 45.63 77.12
C THR K 102 -26.24 44.57 78.11
N ASP K 103 -26.94 44.45 79.24
CA ASP K 103 -26.46 43.67 80.37
C ASP K 103 -27.42 42.54 80.78
N THR K 104 -28.48 42.35 80.00
CA THR K 104 -29.58 41.46 80.38
C THR K 104 -29.51 40.09 79.70
N LYS K 105 -30.18 39.12 80.31
CA LYS K 105 -30.33 37.78 79.73
C LYS K 105 -31.48 37.71 78.74
N VAL K 106 -32.57 38.40 79.06
CA VAL K 106 -33.76 38.45 78.21
C VAL K 106 -34.36 39.85 78.28
N ALA K 107 -34.72 40.41 77.12
CA ALA K 107 -35.47 41.65 77.08
C ALA K 107 -36.94 41.44 76.74
N MET K 108 -37.79 42.39 77.15
CA MET K 108 -39.17 42.46 76.72
C MET K 108 -39.49 43.86 76.20
N LEU K 109 -40.22 43.91 75.10
CA LEU K 109 -40.85 45.12 74.62
C LEU K 109 -42.35 44.88 74.63
N ASP K 110 -43.06 45.64 75.46
CA ASP K 110 -44.49 45.49 75.67
C ASP K 110 -45.30 46.36 74.71
N ASP K 111 -46.35 45.77 74.13
CA ASP K 111 -47.27 46.44 73.19
C ASP K 111 -46.54 47.10 72.00
N ALA K 112 -45.91 46.27 71.17
CA ALA K 112 -45.22 46.74 69.97
C ALA K 112 -46.23 47.25 68.95
N THR K 113 -46.00 48.47 68.46
CA THR K 113 -46.89 49.15 67.50
C THR K 113 -46.45 48.81 66.09
N THR K 114 -47.22 49.23 65.09
CA THR K 114 -46.78 49.05 63.70
C THR K 114 -45.46 49.78 63.45
N THR K 115 -45.28 50.94 64.10
CA THR K 115 -44.01 51.67 64.01
C THR K 115 -42.85 50.82 64.54
N CYS K 116 -43.07 50.11 65.64
CA CYS K 116 -42.05 49.24 66.21
C CYS K 116 -41.68 48.11 65.24
N TRP K 117 -42.69 47.51 64.62
CA TRP K 117 -42.48 46.41 63.67
C TRP K 117 -41.74 46.87 62.42
N THR K 118 -42.06 48.07 61.94
CA THR K 118 -41.30 48.68 60.85
C THR K 118 -39.83 48.88 61.24
N TYR K 119 -39.58 49.34 62.46
CA TYR K 119 -38.21 49.52 62.96
C TYR K 119 -37.45 48.20 62.99
N PHE K 120 -38.10 47.15 63.46
CA PHE K 120 -37.47 45.85 63.58
C PHE K 120 -37.14 45.30 62.19
N ASP K 121 -38.14 45.37 61.30
CA ASP K 121 -37.98 44.97 59.90
C ASP K 121 -36.78 45.65 59.26
N THR K 122 -36.63 46.95 59.52
CA THR K 122 -35.56 47.76 58.93
C THR K 122 -34.23 47.71 59.70
N TYR K 123 -34.29 47.93 61.01
CA TYR K 123 -33.06 48.13 61.81
C TYR K 123 -32.66 46.98 62.75
N MET K 124 -33.46 45.92 62.82
CA MET K 124 -33.14 44.82 63.74
C MET K 124 -32.81 43.52 63.02
N ARG K 125 -32.37 43.62 61.77
CA ARG K 125 -32.06 42.45 60.95
C ARG K 125 -30.90 41.64 61.51
N ASN K 126 -29.81 42.33 61.88
CA ASN K 126 -28.66 41.68 62.51
C ASN K 126 -29.02 41.03 63.84
N ALA K 127 -29.79 41.75 64.65
CA ALA K 127 -30.20 41.27 65.97
C ALA K 127 -30.95 39.95 65.89
N LEU K 128 -31.92 39.87 64.97
CA LEU K 128 -32.73 38.66 64.83
C LEU K 128 -31.95 37.51 64.17
N ASP K 129 -30.91 37.86 63.40
CA ASP K 129 -30.04 36.87 62.76
C ASP K 129 -28.92 36.39 63.69
N GLY K 130 -28.90 36.89 64.91
CA GLY K 130 -27.84 36.55 65.86
C GLY K 130 -26.49 37.17 65.54
N ASN K 131 -26.50 38.20 64.69
CA ASN K 131 -25.30 38.97 64.41
C ASN K 131 -25.04 40.01 65.50
N PRO K 132 -23.79 40.46 65.65
CA PRO K 132 -23.46 41.51 66.62
C PRO K 132 -23.99 42.88 66.19
N ILE K 133 -24.53 43.64 67.15
CA ILE K 133 -25.06 44.98 66.87
C ILE K 133 -24.31 46.06 67.66
N SER K 134 -24.47 47.31 67.21
CA SER K 134 -23.88 48.46 67.88
C SER K 134 -24.94 49.32 68.54
N ILE K 135 -24.56 50.04 69.60
CA ILE K 135 -25.46 50.97 70.28
C ILE K 135 -25.03 52.42 70.03
N ASP K 136 -23.71 52.65 70.07
CA ASP K 136 -23.09 53.97 69.93
C ASP K 136 -23.55 54.94 71.03
N LEU K 142 -18.29 52.89 69.91
CA LEU K 142 -19.25 51.86 69.49
C LEU K 142 -18.76 50.44 69.78
N ILE K 143 -19.50 49.74 70.64
CA ILE K 143 -19.11 48.41 71.11
C ILE K 143 -20.05 47.35 70.53
N GLN K 144 -19.48 46.28 69.98
CA GLN K 144 -20.25 45.18 69.41
C GLN K 144 -20.96 44.35 70.48
N LEU K 145 -22.28 44.25 70.34
CA LEU K 145 -23.11 43.51 71.29
C LEU K 145 -23.89 42.39 70.60
N LYS K 146 -23.81 41.20 71.19
CA LYS K 146 -24.72 40.12 70.85
C LYS K 146 -26.06 40.41 71.51
N CYS K 147 -27.04 40.76 70.70
CA CYS K 147 -28.39 41.03 71.18
C CYS K 147 -28.97 39.82 71.91
N PRO K 148 -29.43 40.01 73.15
CA PRO K 148 -30.07 38.93 73.90
C PRO K 148 -31.45 38.59 73.30
N PRO K 149 -32.04 37.48 73.71
CA PRO K 149 -33.41 37.14 73.31
C PRO K 149 -34.39 38.24 73.67
N ILE K 150 -35.20 38.66 72.69
CA ILE K 150 -36.22 39.66 72.93
C ILE K 150 -37.62 39.06 72.81
N LEU K 151 -38.40 39.18 73.88
CA LEU K 151 -39.80 38.83 73.89
C LEU K 151 -40.60 40.10 73.60
N LEU K 152 -41.54 40.00 72.67
CA LEU K 152 -42.44 41.12 72.41
C LEU K 152 -43.90 40.73 72.58
N THR K 153 -44.66 41.72 73.02
CA THR K 153 -46.09 41.61 73.17
C THR K 153 -46.68 42.64 72.21
N THR K 154 -47.81 42.31 71.60
CA THR K 154 -48.38 43.14 70.55
C THR K 154 -49.83 42.77 70.21
N ASN K 155 -50.54 43.72 69.63
CA ASN K 155 -51.86 43.47 69.06
C ASN K 155 -51.78 43.56 67.53
N ILE K 156 -50.57 43.76 67.04
CA ILE K 156 -50.29 43.82 65.61
C ILE K 156 -49.48 42.58 65.21
N HIS K 157 -50.15 41.59 64.62
CA HIS K 157 -49.48 40.40 64.12
C HIS K 157 -48.45 40.80 63.06
N PRO K 158 -47.19 40.55 63.32
CA PRO K 158 -46.08 41.01 62.48
C PRO K 158 -45.77 40.10 61.29
N ALA K 159 -46.44 38.95 61.23
CA ALA K 159 -46.28 38.02 60.11
C ALA K 159 -47.62 37.74 59.44
N LYS K 160 -48.55 38.69 59.58
CA LYS K 160 -49.88 38.59 58.97
C LYS K 160 -49.78 38.41 57.46
N ASP K 161 -49.10 39.34 56.78
CA ASP K 161 -48.70 39.17 55.37
C ASP K 161 -47.94 40.34 54.74
N ARG K 163 -46.27 42.95 55.12
CA ARG K 163 -46.05 44.34 55.53
C ARG K 163 -44.61 44.49 55.98
N TRP K 164 -44.07 43.42 56.58
CA TRP K 164 -42.69 43.37 57.03
C TRP K 164 -42.05 42.03 56.60
N PRO K 165 -41.50 41.99 55.39
CA PRO K 165 -40.98 40.75 54.77
C PRO K 165 -39.75 40.14 55.46
N TYR K 166 -38.83 40.98 55.92
CA TYR K 166 -37.63 40.52 56.62
C TYR K 166 -37.98 39.87 57.95
N LEU K 167 -39.03 40.40 58.57
CA LEU K 167 -39.45 40.03 59.90
C LEU K 167 -40.06 38.63 59.93
N GLU K 168 -40.91 38.33 58.94
CA GLU K 168 -41.68 37.08 58.90
C GLU K 168 -40.88 35.82 59.21
N SER K 169 -39.67 35.73 58.66
CA SER K 169 -38.86 34.52 58.79
C SER K 169 -37.91 34.53 59.99
N ARG K 170 -37.98 35.59 60.80
CA ARG K 170 -37.03 35.77 61.91
C ARG K 170 -37.70 35.89 63.28
N ILE K 171 -39.01 35.60 63.32
CA ILE K 171 -39.79 35.69 64.56
C ILE K 171 -40.70 34.47 64.69
N THR K 172 -40.99 34.07 65.92
CA THR K 172 -42.04 33.08 66.14
C THR K 172 -43.16 33.71 66.93
N VAL K 173 -44.38 33.58 66.40
CA VAL K 173 -45.53 34.27 66.96
C VAL K 173 -46.48 33.28 67.58
N PHE K 174 -46.86 33.54 68.83
CA PHE K 174 -47.94 32.82 69.46
C PHE K 174 -49.14 33.73 69.60
N GLU K 175 -50.29 33.24 69.15
CA GLU K 175 -51.51 34.02 69.25
C GLU K 175 -52.25 33.72 70.53
N PHE K 176 -52.82 34.76 71.11
CA PHE K 176 -53.63 34.66 72.32
C PHE K 176 -55.02 35.17 72.00
N PRO K 177 -55.94 34.27 71.62
CA PRO K 177 -57.29 34.65 71.22
C PRO K 177 -58.27 34.98 72.34
N ASN K 178 -58.13 34.33 73.50
CA ASN K 178 -59.16 34.39 74.55
C ASN K 178 -58.84 35.29 75.72
N ALA K 179 -59.88 35.94 76.24
CA ALA K 179 -59.77 36.86 77.37
C ALA K 179 -59.24 36.14 78.61
N PHE K 180 -58.38 36.82 79.35
CA PHE K 180 -57.82 36.29 80.58
C PHE K 180 -58.96 35.84 81.51
N PRO K 181 -58.99 34.55 81.86
CA PRO K 181 -60.13 33.98 82.57
C PRO K 181 -60.16 34.34 84.05
N PHE K 182 -61.35 34.68 84.53
CA PHE K 182 -61.61 34.96 85.94
C PHE K 182 -62.73 34.08 86.47
N ASP K 183 -62.58 33.61 87.71
CA ASP K 183 -63.53 32.65 88.28
C ASP K 183 -64.72 33.33 88.97
N LYS K 184 -65.52 32.51 89.66
CA LYS K 184 -66.77 32.93 90.30
C LYS K 184 -66.59 34.15 91.20
N ASN K 185 -65.46 34.20 91.91
CA ASN K 185 -65.20 35.22 92.92
C ASN K 185 -64.21 36.30 92.46
N GLY K 186 -64.14 36.52 91.14
CA GLY K 186 -63.29 37.56 90.56
C GLY K 186 -61.80 37.29 90.66
N ASN K 187 -61.46 36.03 90.96
CA ASN K 187 -60.07 35.59 91.03
C ASN K 187 -59.63 35.11 89.64
N PRO K 188 -58.36 35.30 89.32
CA PRO K 188 -57.79 34.70 88.12
C PRO K 188 -57.86 33.17 88.20
N VAL K 189 -58.25 32.53 87.11
CA VAL K 189 -58.27 31.07 87.06
C VAL K 189 -56.82 30.55 87.12
N TYR K 190 -55.91 31.29 86.50
CA TYR K 190 -54.49 30.92 86.45
C TYR K 190 -53.61 32.04 87.00
N GLU K 191 -52.85 31.73 88.04
CA GLU K 191 -51.90 32.69 88.57
C GLU K 191 -50.51 32.29 88.12
N ILE K 192 -49.80 33.24 87.53
CA ILE K 192 -48.47 32.96 87.00
C ILE K 192 -47.39 33.74 87.76
N ASN K 193 -46.56 32.98 88.46
CA ASN K 193 -45.70 33.41 89.56
C ASN K 193 -44.23 33.18 89.29
N ASP K 194 -43.39 33.75 90.16
CA ASP K 194 -42.00 33.34 90.25
C ASP K 194 -41.95 31.86 90.65
N LYS K 195 -42.76 31.50 91.65
CA LYS K 195 -42.80 30.14 92.18
C LYS K 195 -43.22 29.14 91.12
N ASN K 196 -44.22 29.53 90.33
CA ASN K 196 -44.74 28.70 89.27
C ASN K 196 -43.78 28.58 88.10
N TRP K 197 -43.11 29.68 87.75
CA TRP K 197 -42.06 29.64 86.72
C TRP K 197 -40.86 28.80 87.19
N LYS K 198 -40.54 28.86 88.47
CA LYS K 198 -39.46 28.03 89.03
C LYS K 198 -39.78 26.54 88.86
N CYS K 199 -41.02 26.16 89.19
CA CYS K 199 -41.47 24.79 88.98
C CYS K 199 -41.47 24.40 87.50
N PHE K 200 -41.89 25.34 86.64
CA PHE K 200 -41.89 25.12 85.19
C PHE K 200 -40.52 24.74 84.69
N PHE K 201 -39.51 25.48 85.15
CA PHE K 201 -38.14 25.27 84.71
C PHE K 201 -37.51 24.02 85.29
N GLU K 202 -37.89 23.67 86.52
CA GLU K 202 -37.47 22.41 87.11
C GLU K 202 -37.99 21.24 86.29
N ARG K 203 -39.23 21.37 85.84
CA ARG K 203 -39.90 20.29 85.12
C ARG K 203 -39.45 20.13 83.66
N THR K 204 -38.98 21.21 83.05
CA THR K 204 -38.58 21.18 81.64
C THR K 204 -37.08 21.37 81.43
N TRP K 205 -36.31 21.44 82.52
CA TRP K 205 -34.87 21.70 82.47
C TRP K 205 -34.13 20.95 81.34
N SER K 206 -34.27 19.63 81.31
CA SER K 206 -33.55 18.81 80.32
C SER K 206 -34.08 19.01 78.90
N ARG K 207 -35.40 19.19 78.78
CA ARG K 207 -36.03 19.41 77.48
C ARG K 207 -35.69 20.77 76.86
N LEU K 208 -35.24 21.69 77.69
CA LEU K 208 -34.76 22.99 77.20
C LEU K 208 -33.26 22.94 76.90
N ASP K 209 -32.65 21.77 77.08
CA ASP K 209 -31.22 21.54 76.82
C ASP K 209 -30.40 22.60 77.56
N LEU K 210 -30.65 22.72 78.86
CA LEU K 210 -29.93 23.65 79.71
C LEU K 210 -28.79 22.93 80.44
N PRO L 7 -75.06 16.38 82.59
CA PRO L 7 -75.24 17.35 81.51
C PRO L 7 -73.94 18.11 81.23
N LYS L 8 -73.92 19.41 81.52
CA LYS L 8 -72.72 20.23 81.47
C LYS L 8 -71.74 19.73 82.54
N GLU L 9 -72.30 19.18 83.62
CA GLU L 9 -71.52 18.62 84.72
C GLU L 9 -70.88 17.28 84.38
N THR L 10 -71.51 16.52 83.50
CA THR L 10 -70.94 15.29 82.98
C THR L 10 -69.71 15.61 82.12
N LEU L 11 -69.86 16.63 81.27
CA LEU L 11 -68.78 17.06 80.38
C LEU L 11 -67.65 17.75 81.14
N SER L 12 -68.00 18.49 82.19
CA SER L 12 -67.01 19.14 83.06
C SER L 12 -66.15 18.12 83.80
N GLU L 13 -66.81 17.11 84.36
CA GLU L 13 -66.15 16.02 85.09
C GLU L 13 -65.22 15.25 84.16
N ARG L 14 -65.66 15.06 82.93
CA ARG L 14 -64.91 14.30 81.95
C ARG L 14 -63.72 15.11 81.41
N LEU L 15 -63.96 16.38 81.05
CA LEU L 15 -62.89 17.27 80.59
C LEU L 15 -61.79 17.44 81.65
N SER L 16 -62.20 17.72 82.88
CA SER L 16 -61.29 17.98 83.98
C SER L 16 -60.32 16.83 84.25
N ALA L 17 -60.83 15.61 84.18
CA ALA L 17 -60.01 14.40 84.35
C ALA L 17 -59.08 14.18 83.16
N LEU L 18 -59.60 14.43 81.96
CA LEU L 18 -58.86 14.26 80.72
C LEU L 18 -57.66 15.21 80.64
N GLN L 19 -57.91 16.48 80.95
CA GLN L 19 -56.86 17.51 80.91
C GLN L 19 -55.82 17.31 82.01
N ASP L 20 -56.24 16.80 83.17
CA ASP L 20 -55.30 16.37 84.22
C ASP L 20 -54.32 15.34 83.67
N LYS L 21 -54.83 14.29 83.02
CA LYS L 21 -53.99 13.23 82.47
C LYS L 21 -53.11 13.70 81.32
N ILE L 22 -53.62 14.62 80.50
CA ILE L 22 -52.82 15.22 79.45
C ILE L 22 -51.59 15.94 80.03
N ILE L 23 -51.78 16.75 81.08
CA ILE L 23 -50.65 17.46 81.71
C ILE L 23 -49.72 16.46 82.41
N ASP L 24 -50.28 15.40 82.98
CA ASP L 24 -49.50 14.27 83.49
C ASP L 24 -48.49 13.78 82.47
N HIS L 25 -48.93 13.62 81.22
CA HIS L 25 -48.06 13.20 80.14
C HIS L 25 -46.91 14.18 79.94
N TYR L 26 -47.22 15.47 79.92
CA TYR L 26 -46.18 16.51 79.85
C TYR L 26 -45.16 16.45 81.00
N GLU L 27 -45.64 16.17 82.21
CA GLU L 27 -44.77 16.03 83.38
C GLU L 27 -43.88 14.80 83.27
N ASN L 28 -44.50 13.66 82.96
CA ASN L 28 -43.80 12.39 82.89
C ASN L 28 -42.73 12.36 81.82
N ASP L 29 -43.01 12.97 80.67
CA ASP L 29 -42.07 13.00 79.54
C ASP L 29 -41.57 11.59 79.21
N SER L 30 -42.53 10.66 79.08
CA SER L 30 -42.23 9.25 78.85
C SER L 30 -41.48 9.00 77.54
N LYS L 31 -40.69 7.92 77.51
CA LYS L 31 -39.94 7.54 76.32
C LYS L 31 -40.52 6.30 75.63
N ASP L 32 -41.62 5.78 76.17
CA ASP L 32 -42.29 4.59 75.64
C ASP L 32 -43.35 4.99 74.64
N ILE L 33 -43.30 4.33 73.47
CA ILE L 33 -44.27 4.61 72.40
C ILE L 33 -45.73 4.40 72.82
N ASP L 34 -45.98 3.43 73.72
CA ASP L 34 -47.33 3.18 74.24
C ASP L 34 -47.90 4.42 74.97
N SER L 35 -47.03 5.18 75.63
CA SER L 35 -47.45 6.42 76.30
C SER L 35 -47.90 7.46 75.27
N GLN L 36 -47.19 7.50 74.15
CA GLN L 36 -47.51 8.43 73.08
C GLN L 36 -48.84 8.10 72.43
N ILE L 37 -49.12 6.81 72.28
CA ILE L 37 -50.41 6.34 71.75
C ILE L 37 -51.53 6.76 72.67
N GLN L 38 -51.33 6.53 73.97
CA GLN L 38 -52.31 6.91 74.99
C GLN L 38 -52.52 8.43 75.07
N TYR L 39 -51.46 9.19 74.81
CA TYR L 39 -51.55 10.66 74.75
C TYR L 39 -52.55 11.13 73.68
N TRP L 40 -52.35 10.66 72.45
CA TRP L 40 -53.21 11.03 71.32
C TRP L 40 -54.64 10.54 71.44
N GLN L 41 -54.83 9.42 72.13
CA GLN L 41 -56.14 8.95 72.56
C GLN L 41 -56.82 10.02 73.42
N LEU L 42 -56.06 10.55 74.39
CA LEU L 42 -56.57 11.59 75.30
C LEU L 42 -56.95 12.87 74.57
N ILE L 43 -56.15 13.25 73.59
CA ILE L 43 -56.42 14.43 72.75
C ILE L 43 -57.72 14.26 71.96
N ARG L 44 -57.87 13.11 71.30
CA ARG L 44 -59.11 12.72 70.63
C ARG L 44 -60.31 12.94 71.53
N TRP L 45 -60.24 12.39 72.73
CA TRP L 45 -61.35 12.43 73.67
C TRP L 45 -61.62 13.84 74.19
N GLU L 46 -60.55 14.63 74.36
CA GLU L 46 -60.69 16.03 74.77
C GLU L 46 -61.53 16.84 73.77
N ASN L 47 -61.25 16.64 72.49
CA ASN L 47 -61.93 17.36 71.41
C ASN L 47 -63.33 16.82 71.08
N ALA L 48 -63.57 15.56 71.46
CA ALA L 48 -64.90 14.98 71.38
C ALA L 48 -65.82 15.63 72.41
N ILE L 49 -65.27 15.91 73.59
CA ILE L 49 -66.01 16.57 74.67
C ILE L 49 -66.37 18.00 74.28
N PHE L 50 -65.43 18.70 73.64
CA PHE L 50 -65.68 20.07 73.19
C PHE L 50 -66.72 20.12 72.08
N PHE L 51 -66.68 19.14 71.18
CA PHE L 51 -67.68 18.99 70.13
C PHE L 51 -69.09 18.86 70.75
N ALA L 52 -69.24 17.89 71.65
CA ALA L 52 -70.49 17.61 72.35
C ALA L 52 -70.97 18.79 73.19
N ALA L 53 -70.04 19.58 73.72
CA ALA L 53 -70.37 20.78 74.49
C ALA L 53 -71.02 21.84 73.60
N ARG L 54 -70.50 21.98 72.38
CA ARG L 54 -71.07 22.92 71.40
C ARG L 54 -72.43 22.44 70.89
N GLU L 55 -72.63 21.12 70.87
CA GLU L 55 -73.93 20.52 70.55
C GLU L 55 -74.98 20.86 71.62
N HIS L 56 -74.57 20.75 72.88
CA HIS L 56 -75.41 21.13 74.01
C HIS L 56 -75.49 22.66 74.13
N GLY L 57 -74.77 23.35 73.26
CA GLY L 57 -74.77 24.81 73.21
C GLY L 57 -74.05 25.48 74.36
N ILE L 58 -73.10 24.77 74.95
CA ILE L 58 -72.32 25.28 76.07
C ILE L 58 -71.21 26.21 75.57
N GLN L 59 -71.08 27.35 76.25
CA GLN L 59 -70.10 28.38 75.89
C GLN L 59 -68.74 28.09 76.52
N THR L 60 -68.75 27.82 77.82
CA THR L 60 -67.52 27.51 78.57
C THR L 60 -67.66 26.26 79.43
N LEU L 61 -66.63 25.42 79.38
CA LEU L 61 -66.49 24.25 80.25
C LEU L 61 -65.23 24.39 81.08
N ASN L 62 -65.40 24.48 82.40
CA ASN L 62 -64.28 24.68 83.32
C ASN L 62 -63.44 25.89 82.92
N HIS L 63 -64.12 27.01 82.67
CA HIS L 63 -63.53 28.27 82.24
C HIS L 63 -62.93 28.24 80.83
N GLN L 64 -62.85 27.05 80.24
CA GLN L 64 -62.29 26.89 78.89
C GLN L 64 -63.31 27.32 77.85
N VAL L 65 -62.87 28.08 76.86
CA VAL L 65 -63.71 28.49 75.75
C VAL L 65 -63.90 27.29 74.82
N VAL L 66 -65.15 26.86 74.66
CA VAL L 66 -65.49 25.73 73.80
C VAL L 66 -65.26 26.14 72.34
N PRO L 67 -64.34 25.47 71.65
CA PRO L 67 -63.99 25.84 70.29
C PRO L 67 -65.10 25.54 69.28
N ALA L 68 -64.97 26.11 68.08
CA ALA L 68 -65.90 25.86 66.99
C ALA L 68 -65.75 24.44 66.49
N TYR L 69 -66.83 23.86 65.98
CA TYR L 69 -66.84 22.49 65.47
C TYR L 69 -65.63 22.21 64.58
N ASN L 70 -65.38 23.11 63.62
CA ASN L 70 -64.27 22.92 62.70
C ASN L 70 -62.93 22.66 63.40
N ILE L 71 -62.62 23.47 64.42
CA ILE L 71 -61.39 23.32 65.18
C ILE L 71 -61.37 21.99 65.96
N SER L 72 -62.48 21.71 66.65
CA SER L 72 -62.65 20.48 67.43
C SER L 72 -62.51 19.21 66.59
N LYS L 73 -63.33 19.09 65.56
CA LYS L 73 -63.30 17.90 64.69
C LYS L 73 -61.97 17.78 63.94
N SER L 74 -61.36 18.92 63.63
CA SER L 74 -60.07 18.96 62.94
C SER L 74 -58.96 18.39 63.82
N LYS L 75 -58.92 18.82 65.07
CA LYS L 75 -57.91 18.36 66.03
C LYS L 75 -58.12 16.90 66.40
N ALA L 76 -59.38 16.47 66.44
CA ALA L 76 -59.71 15.07 66.71
C ALA L 76 -59.21 14.16 65.60
N HIS L 77 -59.36 14.61 64.35
CA HIS L 77 -58.91 13.83 63.18
C HIS L 77 -57.39 13.71 63.09
N LYS L 78 -56.68 14.80 63.36
CA LYS L 78 -55.22 14.79 63.43
C LYS L 78 -54.72 13.86 64.53
N ALA L 79 -55.44 13.84 65.64
CA ALA L 79 -55.14 12.96 66.76
C ALA L 79 -55.31 11.48 66.41
N ILE L 80 -56.42 11.12 65.75
CA ILE L 80 -56.64 9.74 65.29
C ILE L 80 -55.54 9.34 64.31
N GLU L 81 -55.29 10.23 63.35
CA GLU L 81 -54.24 10.06 62.36
C GLU L 81 -52.90 9.72 63.01
N LEU L 82 -52.43 10.59 63.91
CA LEU L 82 -51.20 10.35 64.67
C LEU L 82 -51.25 9.04 65.45
N GLN L 83 -52.38 8.81 66.13
CA GLN L 83 -52.59 7.59 66.92
C GLN L 83 -52.41 6.32 66.08
N MET L 84 -53.02 6.28 64.88
CA MET L 84 -52.95 5.10 64.04
C MET L 84 -51.53 4.81 63.55
N ALA L 85 -50.83 5.86 63.15
CA ALA L 85 -49.45 5.75 62.68
C ALA L 85 -48.52 5.22 63.78
N LEU L 86 -48.78 5.64 65.02
CA LEU L 86 -48.00 5.23 66.17
C LEU L 86 -48.30 3.81 66.59
N GLN L 87 -49.57 3.42 66.47
CA GLN L 87 -49.99 2.04 66.72
C GLN L 87 -49.27 1.06 65.80
N GLY L 88 -49.19 1.42 64.51
CA GLY L 88 -48.44 0.63 63.55
C GLY L 88 -46.97 0.54 63.95
N LEU L 89 -46.40 1.71 64.25
CA LEU L 89 -44.99 1.83 64.65
C LEU L 89 -44.63 1.02 65.91
N ALA L 90 -45.60 0.87 66.81
CA ALA L 90 -45.42 0.12 68.05
C ALA L 90 -45.38 -1.39 67.82
N GLN L 91 -45.80 -1.82 66.63
CA GLN L 91 -45.75 -3.22 66.24
C GLN L 91 -44.49 -3.54 65.46
N SER L 92 -43.89 -2.51 64.86
CA SER L 92 -42.68 -2.68 64.06
C SER L 92 -41.45 -3.00 64.90
N ALA L 93 -40.30 -3.15 64.25
CA ALA L 93 -39.05 -3.55 64.92
C ALA L 93 -38.43 -2.40 65.73
N TYR L 94 -38.95 -1.19 65.53
CA TYR L 94 -38.42 0.01 66.15
C TYR L 94 -39.27 0.44 67.35
N LYS L 95 -40.15 -0.46 67.77
CA LYS L 95 -41.10 -0.23 68.87
C LYS L 95 -40.40 -0.01 70.21
N THR L 96 -39.13 -0.39 70.29
CA THR L 96 -38.40 -0.46 71.56
C THR L 96 -37.41 0.71 71.74
N GLU L 97 -37.31 1.56 70.72
CA GLU L 97 -36.55 2.81 70.82
C GLU L 97 -37.23 3.80 71.75
N ASP L 98 -36.55 4.92 72.03
CA ASP L 98 -37.18 6.05 72.71
C ASP L 98 -38.16 6.75 71.78
N TRP L 99 -39.41 6.90 72.22
CA TRP L 99 -40.39 7.71 71.51
C TRP L 99 -41.01 8.72 72.47
N THR L 100 -40.55 9.95 72.37
CA THR L 100 -40.95 11.04 73.27
C THR L 100 -42.09 11.85 72.67
N LEU L 101 -42.61 12.76 73.48
CA LEU L 101 -43.62 13.74 73.05
C LEU L 101 -43.10 14.55 71.84
N GLN L 102 -41.85 14.98 71.92
CA GLN L 102 -41.17 15.70 70.83
C GLN L 102 -40.99 14.87 69.55
N ASP L 103 -40.64 13.59 69.71
CA ASP L 103 -40.51 12.67 68.59
C ASP L 103 -41.83 12.48 67.85
N THR L 104 -42.94 12.55 68.60
CA THR L 104 -44.24 12.15 68.08
C THR L 104 -45.28 13.26 68.06
N CYS L 105 -44.82 14.51 68.06
CA CYS L 105 -45.73 15.66 68.08
C CYS L 105 -46.24 16.02 66.69
N GLU L 106 -47.29 16.85 66.65
CA GLU L 106 -47.92 17.24 65.39
C GLU L 106 -47.01 18.10 64.51
N GLU L 107 -46.34 19.08 65.12
CA GLU L 107 -45.44 19.97 64.38
C GLU L 107 -44.39 19.18 63.58
N LEU L 108 -43.84 18.14 64.20
CA LEU L 108 -42.87 17.27 63.52
C LEU L 108 -43.54 16.36 62.49
N TRP L 109 -44.78 15.97 62.75
CA TRP L 109 -45.58 15.17 61.80
C TRP L 109 -45.83 15.94 60.51
N ASN L 110 -46.19 17.21 60.64
CA ASN L 110 -46.44 18.11 59.50
C ASN L 110 -45.19 18.59 58.76
N THR L 111 -44.02 18.35 59.36
CA THR L 111 -42.74 18.67 58.73
C THR L 111 -42.43 17.62 57.65
N GLU L 112 -41.76 18.05 56.58
CA GLU L 112 -41.27 17.16 55.54
C GLU L 112 -40.13 16.30 56.08
N PRO L 113 -40.10 15.00 55.79
CA PRO L 113 -41.17 14.34 55.01
C PRO L 113 -42.46 14.14 55.81
N THR L 114 -43.53 14.76 55.33
CA THR L 114 -44.83 14.71 55.99
C THR L 114 -45.37 13.28 56.09
N HIS L 115 -46.12 13.01 57.15
CA HIS L 115 -46.65 11.67 57.46
C HIS L 115 -45.57 10.59 57.62
N CYS L 116 -44.40 11.01 58.08
CA CYS L 116 -43.33 10.10 58.52
C CYS L 116 -42.84 10.54 59.90
N PHE L 117 -42.15 9.64 60.59
CA PHE L 117 -41.45 9.98 61.83
C PHE L 117 -39.96 10.09 61.56
N LYS L 118 -39.31 11.05 62.21
CA LYS L 118 -37.90 11.31 61.98
C LYS L 118 -37.16 11.73 63.23
N LYS L 119 -35.96 11.21 63.39
CA LYS L 119 -35.07 11.54 64.49
C LYS L 119 -33.73 12.00 63.94
N GLY L 120 -32.98 12.72 64.77
CA GLY L 120 -31.61 13.10 64.46
C GLY L 120 -31.51 14.20 63.43
N GLY L 121 -31.74 15.43 63.88
CA GLY L 121 -31.64 16.59 63.02
C GLY L 121 -30.20 16.91 62.67
N GLN L 122 -29.91 16.91 61.37
CA GLN L 122 -28.61 17.33 60.84
C GLN L 122 -28.86 18.43 59.81
N THR L 123 -28.05 19.49 59.87
CA THR L 123 -28.29 20.67 59.03
C THR L 123 -27.63 20.64 57.64
N VAL L 124 -28.39 21.07 56.63
CA VAL L 124 -27.92 21.21 55.26
C VAL L 124 -28.18 22.64 54.78
N GLN L 125 -27.13 23.30 54.31
CA GLN L 125 -27.23 24.69 53.83
C GLN L 125 -27.22 24.75 52.30
N VAL L 126 -28.10 25.59 51.75
CA VAL L 126 -28.22 25.75 50.31
C VAL L 126 -28.04 27.22 49.91
N TYR L 127 -27.06 27.48 49.05
CA TYR L 127 -26.76 28.82 48.59
C TYR L 127 -27.21 28.99 47.14
N PHE L 128 -28.29 29.75 46.95
CA PHE L 128 -28.82 30.03 45.62
C PHE L 128 -28.06 31.18 44.98
N ASP L 129 -27.74 31.02 43.69
CA ASP L 129 -27.05 32.03 42.88
C ASP L 129 -25.62 32.31 43.36
N GLY L 130 -25.07 31.38 44.16
CA GLY L 130 -23.75 31.54 44.77
C GLY L 130 -23.67 32.68 45.77
N ASN L 131 -24.84 33.21 46.12
CA ASN L 131 -24.96 34.38 46.98
C ASN L 131 -25.00 33.96 48.45
N LYS L 132 -23.99 34.39 49.21
CA LYS L 132 -23.84 34.00 50.61
C LYS L 132 -24.90 34.57 51.55
N ASP L 133 -25.52 35.67 51.14
CA ASP L 133 -26.59 36.29 51.92
C ASP L 133 -27.97 35.76 51.53
N ASN L 134 -28.02 35.00 50.45
CA ASN L 134 -29.25 34.35 49.99
C ASN L 134 -29.18 32.85 50.27
N CYS L 135 -29.14 32.52 51.56
CA CYS L 135 -28.98 31.15 52.02
C CYS L 135 -30.19 30.63 52.80
N MET L 136 -30.51 29.36 52.58
CA MET L 136 -31.58 28.69 53.34
C MET L 136 -31.10 27.38 53.96
N THR L 137 -31.73 27.02 55.07
CA THR L 137 -31.32 25.87 55.89
C THR L 137 -32.41 24.80 55.92
N TYR L 138 -32.00 23.55 55.73
CA TYR L 138 -32.91 22.41 55.72
C TYR L 138 -32.35 21.27 56.57
N VAL L 139 -33.24 20.37 57.01
CA VAL L 139 -32.85 19.32 57.96
C VAL L 139 -32.73 17.96 57.27
N ALA L 140 -31.55 17.35 57.41
CA ALA L 140 -31.30 16.01 56.91
C ALA L 140 -31.42 15.00 58.05
N TRP L 141 -32.59 14.42 58.19
CA TRP L 141 -32.91 13.53 59.29
C TRP L 141 -32.04 12.26 59.26
N ASP L 142 -31.30 12.04 60.34
CA ASP L 142 -30.41 10.88 60.48
C ASP L 142 -31.12 9.54 60.28
N SER L 143 -32.44 9.54 60.49
CA SER L 143 -33.28 8.39 60.23
C SER L 143 -34.73 8.81 59.96
N VAL L 144 -35.31 8.26 58.90
CA VAL L 144 -36.68 8.52 58.52
C VAL L 144 -37.49 7.23 58.64
N TYR L 145 -38.59 7.30 59.40
CA TYR L 145 -39.47 6.16 59.62
C TYR L 145 -40.71 6.30 58.74
N TYR L 146 -40.84 5.41 57.76
CA TYR L 146 -41.89 5.50 56.76
C TYR L 146 -42.76 4.25 56.70
N MET L 147 -44.01 4.43 56.28
CA MET L 147 -44.96 3.33 56.15
C MET L 147 -45.09 2.90 54.69
N THR L 148 -44.89 1.60 54.45
CA THR L 148 -45.09 1.01 53.12
C THR L 148 -46.58 0.94 52.78
N ASP L 149 -46.89 0.61 51.53
CA ASP L 149 -48.27 0.46 51.08
C ASP L 149 -48.96 -0.79 51.63
N ALA L 150 -48.19 -1.65 52.31
CA ALA L 150 -48.73 -2.81 53.01
C ALA L 150 -49.00 -2.51 54.49
N GLY L 151 -48.73 -1.26 54.90
CA GLY L 151 -48.99 -0.80 56.26
C GLY L 151 -47.91 -1.10 57.29
N THR L 152 -46.71 -1.41 56.80
CA THR L 152 -45.58 -1.74 57.69
C THR L 152 -44.52 -0.63 57.71
N TRP L 153 -43.77 -0.56 58.81
CA TRP L 153 -42.82 0.54 59.04
C TRP L 153 -41.37 0.16 58.78
N ASP L 154 -40.60 1.11 58.22
CA ASP L 154 -39.19 0.92 57.96
C ASP L 154 -38.37 2.18 58.26
N LYS L 155 -37.13 1.96 58.70
CA LYS L 155 -36.20 3.03 59.08
C LYS L 155 -35.09 3.16 58.06
N THR L 156 -34.96 4.35 57.47
CA THR L 156 -33.93 4.61 56.47
C THR L 156 -33.29 5.99 56.65
N ALA L 157 -31.97 6.05 56.46
CA ALA L 157 -31.22 7.30 56.59
C ALA L 157 -31.51 8.26 55.45
N THR L 158 -31.30 9.55 55.69
CA THR L 158 -31.38 10.55 54.64
C THR L 158 -30.06 10.63 53.90
N CYS L 159 -30.14 10.84 52.58
CA CYS L 159 -28.97 11.11 51.76
C CYS L 159 -29.13 12.48 51.12
N VAL L 160 -28.03 13.23 51.06
CA VAL L 160 -28.04 14.57 50.49
C VAL L 160 -27.42 14.58 49.10
N SER L 161 -28.13 15.19 48.15
CA SER L 161 -27.63 15.35 46.79
C SER L 161 -27.91 16.78 46.32
N HIS L 162 -27.39 17.12 45.14
CA HIS L 162 -27.62 18.43 44.52
C HIS L 162 -29.09 18.66 44.17
N ARG L 163 -29.80 17.57 43.82
CA ARG L 163 -31.22 17.66 43.47
C ARG L 163 -32.11 17.99 44.67
N GLY L 164 -31.83 17.34 45.81
CA GLY L 164 -32.61 17.57 47.03
C GLY L 164 -32.33 16.59 48.15
N LEU L 165 -33.00 16.81 49.28
CA LEU L 165 -32.93 15.89 50.41
C LEU L 165 -33.85 14.71 50.13
N TYR L 166 -33.29 13.51 50.15
CA TYR L 166 -34.08 12.32 49.81
C TYR L 166 -33.84 11.14 50.75
N TYR L 167 -34.73 10.16 50.66
CA TYR L 167 -34.60 8.90 51.40
C TYR L 167 -35.06 7.71 50.56
N VAL L 168 -34.53 6.53 50.88
CA VAL L 168 -34.75 5.33 50.10
C VAL L 168 -36.04 4.60 50.50
N LYS L 169 -37.16 4.99 49.88
CA LYS L 169 -38.47 4.42 50.18
C LYS L 169 -38.69 3.09 49.44
N GLU L 170 -38.76 2.01 50.22
CA GLU L 170 -38.86 0.63 49.70
C GLU L 170 -37.81 0.32 48.63
N GLY L 171 -36.56 0.73 48.90
CA GLY L 171 -35.45 0.53 47.97
C GLY L 171 -35.48 1.42 46.73
N TYR L 172 -36.12 2.59 46.84
CA TYR L 172 -36.31 3.51 45.72
C TYR L 172 -36.42 4.95 46.21
N ASN L 173 -35.60 5.84 45.62
CA ASN L 173 -35.42 7.22 46.11
C ASN L 173 -36.67 8.11 46.07
N THR L 174 -36.96 8.75 47.21
CA THR L 174 -38.08 9.69 47.36
C THR L 174 -37.59 11.01 47.96
N PHE L 175 -38.02 12.13 47.36
CA PHE L 175 -37.53 13.46 47.74
C PHE L 175 -38.58 14.28 48.49
N TYR L 176 -38.23 14.70 49.71
CA TYR L 176 -39.14 15.54 50.50
C TYR L 176 -38.86 17.04 50.39
N ILE L 177 -37.61 17.37 50.05
CA ILE L 177 -37.25 18.75 49.68
C ILE L 177 -36.70 18.76 48.27
N GLU L 178 -37.37 19.52 47.40
CA GLU L 178 -36.92 19.72 46.02
C GLU L 178 -36.15 21.04 45.98
N PHE L 179 -34.85 20.97 45.71
CA PHE L 179 -34.02 22.18 45.65
C PHE L 179 -34.40 23.09 44.48
N LYS L 180 -34.90 22.49 43.40
CA LYS L 180 -35.32 23.24 42.21
C LYS L 180 -36.50 24.18 42.49
N SER L 181 -37.49 23.68 43.23
CA SER L 181 -38.66 24.49 43.60
C SER L 181 -38.31 25.53 44.67
N GLU L 182 -37.32 25.21 45.50
CA GLU L 182 -36.79 26.16 46.47
C GLU L 182 -35.97 27.25 45.79
N CYS L 183 -35.27 26.87 44.72
CA CYS L 183 -34.48 27.79 43.90
C CYS L 183 -35.37 28.83 43.21
N GLU L 184 -36.57 28.41 42.85
CA GLU L 184 -37.55 29.27 42.19
C GLU L 184 -38.19 30.28 43.15
N LYS L 185 -38.10 30.00 44.46
CA LYS L 185 -38.70 30.86 45.47
C LYS L 185 -37.72 31.85 46.10
N TYR L 186 -36.44 31.47 46.17
CA TYR L 186 -35.45 32.29 46.86
C TYR L 186 -34.31 32.80 45.98
N GLY L 187 -33.93 32.03 44.96
CA GLY L 187 -32.79 32.36 44.12
C GLY L 187 -33.14 32.96 42.77
N ASN L 188 -33.41 32.09 41.81
CA ASN L 188 -33.83 32.45 40.45
C ASN L 188 -32.67 32.79 39.50
N THR L 189 -31.70 31.89 39.42
CA THR L 189 -30.74 31.82 38.30
C THR L 189 -30.61 30.37 37.84
N GLY L 190 -31.30 29.47 38.53
CA GLY L 190 -31.28 28.05 38.24
C GLY L 190 -30.12 27.28 38.84
N THR L 191 -29.29 27.98 39.62
CA THR L 191 -28.10 27.38 40.23
C THR L 191 -28.07 27.52 41.75
N TRP L 192 -27.55 26.47 42.41
CA TRP L 192 -27.38 26.45 43.86
C TRP L 192 -26.23 25.54 44.28
N GLU L 193 -25.69 25.80 45.46
CA GLU L 193 -24.62 24.99 46.05
C GLU L 193 -25.12 24.32 47.33
N VAL L 194 -24.68 23.08 47.56
CA VAL L 194 -25.14 22.30 48.71
C VAL L 194 -24.02 22.10 49.75
N HIS L 195 -24.29 22.53 50.97
CA HIS L 195 -23.35 22.40 52.08
C HIS L 195 -23.91 21.50 53.19
N PHE L 196 -23.57 20.21 53.11
CA PHE L 196 -23.91 19.24 54.16
C PHE L 196 -22.63 18.87 54.91
N GLY L 197 -22.52 19.38 56.13
CA GLY L 197 -21.27 19.29 56.89
C GLY L 197 -20.25 20.19 56.23
N ASN L 198 -19.14 19.60 55.80
CA ASN L 198 -18.13 20.30 55.00
C ASN L 198 -17.44 19.42 53.96
N ASN L 199 -18.21 18.49 53.39
CA ASN L 199 -17.78 17.67 52.25
C ASN L 199 -18.35 18.22 50.95
N VAL L 200 -18.52 19.55 50.92
CA VAL L 200 -19.18 20.31 49.83
C VAL L 200 -18.79 19.85 48.42
#